data_2K49
#
_entry.id   2K49
#
_entity_poly.entity_id   1
_entity_poly.type   'polypeptide(L)'
_entity_poly.pdbx_seq_one_letter_code
;MSGWYELSKSSNDQFKFVLKAGNGEVILTSELYTGKSGAMNGIESVQTNSPIEARYAKEVAKNDKPYFNLKAANHQIIGT
SQMYSSTAARDNGIKSVMENGKTTTIKDLTLEHHHHHH
;
_entity_poly.pdbx_strand_id   A
#
# COMPACT_ATOMS: atom_id res chain seq x y z
N MET A 1 4.58 -13.91 -5.45
CA MET A 1 4.97 -12.55 -4.98
C MET A 1 5.54 -11.70 -6.13
N SER A 2 4.66 -11.07 -6.90
CA SER A 2 5.07 -10.31 -8.10
C SER A 2 5.45 -8.85 -7.79
N GLY A 3 5.07 -8.36 -6.63
CA GLY A 3 5.24 -6.94 -6.33
C GLY A 3 6.22 -6.64 -5.19
N TRP A 4 6.41 -5.35 -4.92
CA TRP A 4 7.38 -4.89 -3.91
C TRP A 4 6.94 -3.55 -3.29
N TYR A 5 7.66 -3.12 -2.25
CA TYR A 5 7.36 -1.86 -1.56
C TYR A 5 8.41 -0.78 -1.87
N GLU A 6 7.95 0.46 -2.04
CA GLU A 6 8.84 1.62 -2.20
C GLU A 6 8.45 2.75 -1.24
N LEU A 7 9.34 3.07 -0.31
CA LEU A 7 9.12 4.16 0.65
C LEU A 7 9.75 5.47 0.15
N SER A 8 8.98 6.55 0.10
CA SER A 8 9.48 7.84 -0.39
C SER A 8 9.17 8.99 0.57
N LYS A 9 9.96 10.07 0.45
CA LYS A 9 9.78 11.26 1.29
C LYS A 9 8.95 12.34 0.56
N SER A 10 8.07 12.99 1.29
CA SER A 10 7.25 14.09 0.76
C SER A 10 7.88 15.46 1.08
N SER A 11 7.24 16.53 0.61
CA SER A 11 7.75 17.90 0.84
C SER A 11 7.81 18.25 2.33
N ASN A 12 6.94 17.63 3.13
CA ASN A 12 6.93 17.84 4.59
C ASN A 12 7.91 16.91 5.32
N ASP A 13 8.77 16.23 4.55
CA ASP A 13 9.69 15.20 5.06
C ASP A 13 8.94 13.93 5.50
N GLN A 14 7.60 13.95 5.41
CA GLN A 14 6.77 12.79 5.77
C GLN A 14 6.98 11.63 4.80
N PHE A 15 6.92 10.41 5.31
CA PHE A 15 7.22 9.22 4.53
C PHE A 15 5.93 8.48 4.11
N LYS A 16 5.86 8.07 2.84
CA LYS A 16 4.76 7.23 2.37
C LYS A 16 5.27 6.12 1.45
N PHE A 17 4.80 4.89 1.67
CA PHE A 17 5.24 3.74 0.86
C PHE A 17 4.13 3.27 -0.09
N VAL A 18 4.54 2.84 -1.28
CA VAL A 18 3.60 2.36 -2.30
C VAL A 18 3.89 0.90 -2.71
N LEU A 19 2.84 0.08 -2.70
CA LEU A 19 2.94 -1.32 -3.11
C LEU A 19 2.55 -1.49 -4.58
N LYS A 20 3.44 -2.07 -5.39
CA LYS A 20 3.17 -2.29 -6.82
C LYS A 20 2.80 -3.76 -7.09
N ALA A 21 1.86 -3.97 -8.02
CA ALA A 21 1.41 -5.31 -8.40
C ALA A 21 2.56 -6.17 -8.97
N GLY A 22 3.24 -5.63 -9.98
CA GLY A 22 4.35 -6.35 -10.60
C GLY A 22 5.02 -5.55 -11.72
N ASN A 23 4.24 -5.10 -12.69
CA ASN A 23 4.76 -4.35 -13.84
C ASN A 23 5.17 -2.90 -13.47
N GLY A 24 5.06 -2.55 -12.20
CA GLY A 24 5.30 -1.18 -11.78
C GLY A 24 4.02 -0.45 -11.39
N GLU A 25 2.88 -0.99 -11.84
CA GLU A 25 1.55 -0.46 -11.50
C GLU A 25 1.32 -0.51 -9.97
N VAL A 26 1.01 0.65 -9.38
CA VAL A 26 0.78 0.74 -7.92
C VAL A 26 -0.65 0.34 -7.55
N ILE A 27 -0.79 -0.59 -6.60
CA ILE A 27 -2.11 -1.03 -6.13
C ILE A 27 -2.47 -0.43 -4.76
N LEU A 28 -1.47 -0.23 -3.89
CA LEU A 28 -1.68 0.36 -2.56
C LEU A 28 -0.80 1.60 -2.35
N THR A 29 -1.41 2.69 -1.89
CA THR A 29 -0.69 3.92 -1.55
C THR A 29 -1.00 4.37 -0.12
N SER A 30 -0.05 4.23 0.80
CA SER A 30 -0.23 4.65 2.19
C SER A 30 -0.09 6.17 2.34
N GLU A 31 -0.82 6.74 3.31
CA GLU A 31 -0.82 8.18 3.54
C GLU A 31 0.44 8.65 4.29
N LEU A 32 0.65 9.97 4.37
CA LEU A 32 1.88 10.54 4.93
C LEU A 32 2.10 10.20 6.42
N TYR A 33 3.12 9.38 6.67
CA TYR A 33 3.58 9.13 8.05
C TYR A 33 4.59 10.19 8.49
N THR A 34 4.46 10.69 9.71
CA THR A 34 5.38 11.71 10.23
C THR A 34 6.69 11.09 10.74
N GLY A 35 6.79 9.77 10.69
CA GLY A 35 7.99 9.07 11.12
C GLY A 35 8.22 7.77 10.35
N LYS A 36 9.47 7.47 10.01
CA LYS A 36 9.78 6.27 9.22
C LYS A 36 9.46 4.98 9.98
N SER A 37 9.67 4.99 11.30
CA SER A 37 9.34 3.84 12.17
C SER A 37 7.90 3.37 11.94
N GLY A 38 6.95 4.32 11.95
CA GLY A 38 5.55 4.00 11.70
C GLY A 38 5.29 3.46 10.30
N ALA A 39 5.98 4.02 9.31
CA ALA A 39 5.84 3.58 7.92
C ALA A 39 6.35 2.13 7.72
N MET A 40 7.59 1.89 8.13
CA MET A 40 8.20 0.56 8.01
C MET A 40 7.44 -0.48 8.84
N ASN A 41 7.20 -0.17 10.11
CA ASN A 41 6.39 -1.04 10.98
C ASN A 41 5.00 -1.27 10.36
N GLY A 42 4.49 -0.25 9.66
CA GLY A 42 3.27 -0.40 8.90
C GLY A 42 3.38 -1.46 7.82
N ILE A 43 4.52 -1.50 7.13
CA ILE A 43 4.76 -2.52 6.10
C ILE A 43 4.78 -3.93 6.71
N GLU A 44 5.55 -4.10 7.79
CA GLU A 44 5.61 -5.37 8.50
C GLU A 44 4.22 -5.77 9.04
N SER A 45 3.45 -4.78 9.45
CA SER A 45 2.05 -4.99 9.85
C SER A 45 1.25 -5.56 8.67
N VAL A 46 1.38 -4.93 7.50
CA VAL A 46 0.73 -5.42 6.27
C VAL A 46 1.11 -6.89 5.98
N GLN A 47 2.38 -7.24 6.21
CA GLN A 47 2.85 -8.62 6.02
C GLN A 47 2.07 -9.61 6.91
N THR A 48 1.87 -9.25 8.18
CA THR A 48 1.08 -10.08 9.11
C THR A 48 -0.43 -10.03 8.78
N ASN A 49 -0.90 -8.88 8.31
CA ASN A 49 -2.31 -8.69 7.94
C ASN A 49 -2.65 -9.37 6.60
N SER A 50 -1.66 -9.48 5.72
CA SER A 50 -1.84 -10.06 4.38
C SER A 50 -2.61 -11.39 4.37
N PRO A 51 -2.23 -12.39 5.21
CA PRO A 51 -2.97 -13.66 5.30
C PRO A 51 -4.28 -13.56 6.10
N ILE A 52 -4.41 -12.47 6.87
CA ILE A 52 -5.58 -12.27 7.73
C ILE A 52 -6.58 -11.27 7.08
N GLU A 53 -7.51 -11.81 6.30
CA GLU A 53 -8.47 -11.00 5.55
C GLU A 53 -9.34 -10.13 6.46
N ALA A 54 -9.57 -10.58 7.69
CA ALA A 54 -10.41 -9.85 8.66
C ALA A 54 -9.92 -8.40 8.90
N ARG A 55 -8.73 -8.07 8.39
CA ARG A 55 -8.12 -6.75 8.59
C ARG A 55 -8.46 -5.74 7.48
N TYR A 56 -9.15 -6.17 6.42
CA TYR A 56 -9.43 -5.29 5.27
C TYR A 56 -10.57 -4.28 5.57
N ALA A 57 -10.76 -3.34 4.64
CA ALA A 57 -11.90 -2.43 4.65
C ALA A 57 -12.32 -2.08 3.21
N LYS A 58 -13.36 -2.75 2.70
CA LYS A 58 -13.77 -2.58 1.31
C LYS A 58 -14.91 -1.54 1.18
N GLU A 59 -14.68 -0.51 0.36
CA GLU A 59 -15.65 0.58 0.21
C GLU A 59 -15.86 0.92 -1.28
N VAL A 60 -17.05 1.45 -1.59
CA VAL A 60 -17.36 1.90 -2.95
C VAL A 60 -17.98 3.31 -2.93
N ALA A 61 -17.29 4.27 -3.53
CA ALA A 61 -17.77 5.66 -3.59
C ALA A 61 -19.13 5.76 -4.31
N LYS A 62 -19.91 6.80 -3.99
CA LYS A 62 -21.25 6.98 -4.56
C LYS A 62 -21.25 7.07 -6.09
N ASN A 63 -20.08 7.37 -6.68
CA ASN A 63 -19.92 7.38 -8.15
C ASN A 63 -19.54 5.98 -8.66
N ASP A 64 -19.88 4.95 -7.88
CA ASP A 64 -19.55 3.56 -8.22
C ASP A 64 -18.04 3.34 -8.39
N LYS A 65 -17.27 3.99 -7.52
CA LYS A 65 -15.80 3.85 -7.54
C LYS A 65 -15.33 2.87 -6.45
N PRO A 66 -15.00 1.63 -6.83
CA PRO A 66 -14.57 0.59 -5.88
C PRO A 66 -13.10 0.73 -5.43
N TYR A 67 -12.89 0.73 -4.12
CA TYR A 67 -11.53 0.76 -3.54
C TYR A 67 -11.53 0.07 -2.17
N PHE A 68 -10.38 0.06 -1.50
CA PHE A 68 -10.27 -0.58 -0.18
C PHE A 68 -9.10 -0.04 0.66
N ASN A 69 -9.29 -0.05 1.97
CA ASN A 69 -8.25 0.33 2.93
C ASN A 69 -7.83 -0.89 3.77
N LEU A 70 -6.65 -0.82 4.37
CA LEU A 70 -6.15 -1.91 5.22
C LEU A 70 -5.87 -1.40 6.65
N LYS A 71 -6.42 -2.10 7.64
CA LYS A 71 -6.25 -1.72 9.05
C LYS A 71 -5.42 -2.74 9.83
N ALA A 72 -4.60 -2.25 10.77
CA ALA A 72 -3.88 -3.13 11.69
C ALA A 72 -4.80 -3.57 12.85
N ALA A 73 -4.28 -4.42 13.75
CA ALA A 73 -5.08 -4.95 14.87
C ALA A 73 -5.73 -3.84 15.72
N ASN A 74 -4.99 -2.75 15.94
CA ASN A 74 -5.49 -1.62 16.74
C ASN A 74 -6.45 -0.72 15.92
N HIS A 75 -6.85 -1.21 14.75
CA HIS A 75 -7.90 -0.57 13.92
C HIS A 75 -7.41 0.73 13.28
N GLN A 76 -6.09 0.83 13.10
CA GLN A 76 -5.47 2.01 12.49
C GLN A 76 -5.34 1.86 10.96
N ILE A 77 -5.32 2.97 10.23
CA ILE A 77 -5.22 2.93 8.76
C ILE A 77 -3.76 2.86 8.32
N ILE A 78 -3.31 1.66 7.96
CA ILE A 78 -1.92 1.45 7.52
C ILE A 78 -1.79 1.47 5.99
N GLY A 79 -2.86 1.11 5.28
CA GLY A 79 -2.83 1.10 3.82
C GLY A 79 -4.10 1.65 3.18
N THR A 80 -3.97 2.22 1.98
CA THR A 80 -5.12 2.78 1.24
C THR A 80 -4.94 2.58 -0.28
N SER A 81 -5.92 1.97 -0.93
CA SER A 81 -5.86 1.69 -2.36
C SER A 81 -6.43 2.83 -3.22
N GLN A 82 -6.09 2.83 -4.51
CA GLN A 82 -6.57 3.86 -5.43
C GLN A 82 -7.88 3.43 -6.13
N MET A 83 -8.82 4.36 -6.21
CA MET A 83 -10.12 4.14 -6.88
C MET A 83 -9.98 3.37 -8.21
N TYR A 84 -10.57 2.17 -8.26
CA TYR A 84 -10.56 1.34 -9.47
C TYR A 84 -11.75 1.67 -10.40
N SER A 85 -11.74 1.11 -11.60
CA SER A 85 -12.83 1.34 -12.57
C SER A 85 -13.99 0.35 -12.36
N SER A 86 -13.69 -0.94 -12.46
CA SER A 86 -14.70 -2.00 -12.27
C SER A 86 -14.58 -2.63 -10.88
N THR A 87 -15.64 -3.27 -10.41
CA THR A 87 -15.62 -4.00 -9.14
C THR A 87 -14.62 -5.16 -9.21
N ALA A 88 -14.63 -5.86 -10.35
CA ALA A 88 -13.70 -6.97 -10.60
C ALA A 88 -12.24 -6.51 -10.48
N ALA A 89 -11.93 -5.31 -11.01
CA ALA A 89 -10.59 -4.72 -10.89
C ALA A 89 -10.15 -4.64 -9.42
N ARG A 90 -11.07 -4.24 -8.55
CA ARG A 90 -10.80 -4.13 -7.12
C ARG A 90 -10.45 -5.49 -6.50
N ASP A 91 -11.35 -6.46 -6.67
CA ASP A 91 -11.17 -7.79 -6.06
C ASP A 91 -9.98 -8.56 -6.66
N ASN A 92 -9.73 -8.39 -7.97
CA ASN A 92 -8.52 -8.95 -8.59
C ASN A 92 -7.27 -8.25 -8.04
N GLY A 93 -7.38 -6.94 -7.83
CA GLY A 93 -6.31 -6.20 -7.16
C GLY A 93 -6.00 -6.78 -5.79
N ILE A 94 -7.04 -7.03 -5.00
CA ILE A 94 -6.91 -7.64 -3.67
C ILE A 94 -6.14 -8.97 -3.73
N LYS A 95 -6.45 -9.82 -4.71
CA LYS A 95 -5.73 -11.08 -4.89
C LYS A 95 -4.22 -10.82 -5.09
N SER A 96 -3.90 -9.82 -5.90
CA SER A 96 -2.51 -9.41 -6.11
C SER A 96 -1.90 -8.89 -4.79
N VAL A 97 -2.65 -8.06 -4.08
CA VAL A 97 -2.22 -7.48 -2.79
C VAL A 97 -1.85 -8.59 -1.79
N MET A 98 -2.69 -9.61 -1.68
CA MET A 98 -2.40 -10.73 -0.78
C MET A 98 -1.11 -11.46 -1.19
N GLU A 99 -0.92 -11.62 -2.51
CA GLU A 99 0.28 -12.30 -3.02
C GLU A 99 1.57 -11.51 -2.76
N ASN A 100 1.58 -10.23 -3.15
CA ASN A 100 2.82 -9.41 -3.07
C ASN A 100 2.95 -8.64 -1.75
N GLY A 101 1.83 -8.31 -1.13
CA GLY A 101 1.85 -7.58 0.15
C GLY A 101 2.64 -8.28 1.26
N LYS A 102 2.93 -9.56 1.06
CA LYS A 102 3.70 -10.36 2.03
C LYS A 102 5.18 -10.47 1.63
N THR A 103 5.63 -9.62 0.70
CA THR A 103 7.02 -9.67 0.20
C THR A 103 7.98 -8.92 1.14
N THR A 104 9.26 -9.26 1.04
CA THR A 104 10.30 -8.61 1.85
C THR A 104 11.09 -7.56 1.06
N THR A 105 10.82 -7.46 -0.25
CA THR A 105 11.50 -6.49 -1.11
C THR A 105 11.03 -5.05 -0.82
N ILE A 106 11.84 -4.32 -0.03
CA ILE A 106 11.49 -2.94 0.35
C ILE A 106 12.60 -1.96 -0.09
N LYS A 107 12.22 -0.96 -0.89
CA LYS A 107 13.17 0.05 -1.39
C LYS A 107 13.01 1.38 -0.63
N ASP A 108 14.11 1.88 -0.05
CA ASP A 108 14.10 3.21 0.57
C ASP A 108 14.51 4.28 -0.45
N LEU A 109 13.62 5.25 -0.68
CA LEU A 109 13.89 6.37 -1.58
C LEU A 109 13.96 7.70 -0.80
N THR A 110 14.12 7.60 0.51
CA THR A 110 14.11 8.78 1.40
C THR A 110 15.54 9.27 1.67
N LEU A 111 16.40 8.34 2.07
CA LEU A 111 17.81 8.65 2.37
C LEU A 111 18.57 9.00 1.09
N GLU A 112 18.43 8.15 0.07
CA GLU A 112 19.05 8.38 -1.23
C GLU A 112 18.16 9.28 -2.11
N HIS A 113 18.79 10.14 -2.90
CA HIS A 113 18.06 11.13 -3.70
C HIS A 113 17.40 10.50 -4.95
N HIS A 114 16.42 9.63 -4.74
CA HIS A 114 15.65 9.03 -5.84
C HIS A 114 14.18 9.48 -5.76
N HIS A 115 13.95 10.78 -5.99
CA HIS A 115 12.61 11.36 -5.90
C HIS A 115 11.77 10.97 -7.13
N HIS A 116 11.08 9.84 -7.05
CA HIS A 116 10.30 9.32 -8.18
C HIS A 116 9.04 10.16 -8.44
N HIS A 117 8.27 10.43 -7.39
CA HIS A 117 6.99 11.14 -7.54
C HIS A 117 6.55 11.77 -6.21
N HIS A 118 5.92 12.95 -6.27
CA HIS A 118 5.41 13.62 -5.07
C HIS A 118 3.93 13.23 -4.79
N MET A 1 11.37 -10.33 -10.07
CA MET A 1 10.07 -9.62 -10.28
C MET A 1 8.92 -10.35 -9.56
N SER A 2 8.64 -9.94 -8.32
CA SER A 2 7.52 -10.53 -7.54
C SER A 2 6.70 -9.44 -6.85
N GLY A 3 7.40 -8.50 -6.20
CA GLY A 3 6.72 -7.39 -5.52
C GLY A 3 7.66 -6.65 -4.59
N TRP A 4 7.33 -5.40 -4.25
CA TRP A 4 8.15 -4.60 -3.34
C TRP A 4 7.42 -3.33 -2.84
N TYR A 5 8.00 -2.68 -1.83
CA TYR A 5 7.45 -1.44 -1.27
C TYR A 5 8.37 -0.25 -1.59
N GLU A 6 7.80 0.86 -2.06
CA GLU A 6 8.58 2.09 -2.29
C GLU A 6 8.11 3.22 -1.35
N LEU A 7 9.01 3.66 -0.47
CA LEU A 7 8.71 4.69 0.52
C LEU A 7 9.22 6.07 0.08
N SER A 8 8.34 7.07 0.08
CA SER A 8 8.74 8.45 -0.25
C SER A 8 8.27 9.43 0.83
N LYS A 9 8.95 10.58 0.93
CA LYS A 9 8.65 11.58 1.95
C LYS A 9 7.98 12.83 1.37
N SER A 10 6.81 13.19 1.90
CA SER A 10 6.12 14.42 1.49
C SER A 10 6.82 15.67 2.05
N SER A 11 6.53 16.84 1.47
CA SER A 11 7.10 18.10 1.92
C SER A 11 6.70 18.40 3.38
N ASN A 12 5.61 17.78 3.82
CA ASN A 12 5.14 17.90 5.21
C ASN A 12 5.97 17.05 6.18
N ASP A 13 7.13 16.55 5.71
CA ASP A 13 8.03 15.72 6.52
C ASP A 13 7.37 14.41 6.95
N GLN A 14 6.45 13.91 6.13
CA GLN A 14 5.73 12.67 6.42
C GLN A 14 6.02 11.58 5.37
N PHE A 15 6.29 10.37 5.86
CA PHE A 15 6.65 9.24 5.00
C PHE A 15 5.43 8.39 4.64
N LYS A 16 5.31 8.00 3.37
CA LYS A 16 4.23 7.10 2.92
C LYS A 16 4.72 6.17 1.81
N PHE A 17 4.41 4.88 1.94
CA PHE A 17 4.93 3.86 1.02
C PHE A 17 3.84 3.33 0.07
N VAL A 18 4.28 2.82 -1.08
CA VAL A 18 3.38 2.19 -2.05
C VAL A 18 3.80 0.73 -2.33
N LEU A 19 2.81 -0.14 -2.50
CA LEU A 19 3.07 -1.56 -2.77
C LEU A 19 2.93 -1.87 -4.27
N LYS A 20 4.01 -2.33 -4.88
CA LYS A 20 4.02 -2.65 -6.32
C LYS A 20 4.15 -4.16 -6.56
N ALA A 21 3.55 -4.63 -7.65
CA ALA A 21 3.74 -6.01 -8.11
C ALA A 21 5.12 -6.19 -8.75
N GLY A 22 5.43 -7.40 -9.21
CA GLY A 22 6.75 -7.68 -9.78
C GLY A 22 7.08 -6.80 -11.00
N ASN A 23 6.06 -6.37 -11.73
CA ASN A 23 6.25 -5.50 -12.89
C ASN A 23 6.24 -4.01 -12.52
N GLY A 24 5.90 -3.71 -11.27
CA GLY A 24 5.82 -2.32 -10.82
C GLY A 24 4.38 -1.82 -10.66
N GLU A 25 3.41 -2.67 -10.99
CA GLU A 25 1.99 -2.34 -10.86
C GLU A 25 1.62 -1.93 -9.42
N VAL A 26 1.38 -0.64 -9.20
CA VAL A 26 1.04 -0.11 -7.87
C VAL A 26 -0.39 -0.51 -7.45
N ILE A 27 -0.49 -1.48 -6.54
CA ILE A 27 -1.80 -1.91 -6.04
C ILE A 27 -2.23 -1.16 -4.77
N LEU A 28 -1.27 -0.81 -3.90
CA LEU A 28 -1.57 -0.09 -2.66
C LEU A 28 -0.76 1.20 -2.51
N THR A 29 -1.31 2.15 -1.76
CA THR A 29 -0.65 3.42 -1.42
C THR A 29 -1.02 3.83 0.01
N SER A 30 -0.01 4.00 0.87
CA SER A 30 -0.24 4.23 2.30
C SER A 30 -0.47 5.73 2.61
N GLU A 31 -0.93 5.99 3.84
CA GLU A 31 -1.19 7.36 4.30
C GLU A 31 0.04 7.93 5.05
N LEU A 32 0.03 9.24 5.29
CA LEU A 32 1.20 9.94 5.83
C LEU A 32 1.58 9.52 7.27
N TYR A 33 2.77 8.93 7.41
CA TYR A 33 3.38 8.67 8.72
C TYR A 33 4.37 9.79 9.08
N THR A 34 4.53 10.10 10.36
CA THR A 34 5.50 11.13 10.79
C THR A 34 6.89 10.53 11.05
N GLY A 35 7.02 9.21 10.95
CA GLY A 35 8.31 8.56 11.19
C GLY A 35 8.63 7.46 10.18
N LYS A 36 9.90 7.37 9.78
CA LYS A 36 10.35 6.34 8.82
C LYS A 36 10.17 4.93 9.40
N SER A 37 10.57 4.75 10.66
CA SER A 37 10.44 3.44 11.32
C SER A 37 8.96 3.10 11.57
N GLY A 38 8.15 4.12 11.83
CA GLY A 38 6.71 3.93 11.91
C GLY A 38 6.11 3.45 10.60
N ALA A 39 6.56 4.04 9.50
CA ALA A 39 6.17 3.61 8.16
C ALA A 39 6.56 2.15 7.89
N MET A 40 7.81 1.80 8.22
CA MET A 40 8.28 0.42 8.08
C MET A 40 7.44 -0.53 8.93
N ASN A 41 7.14 -0.12 10.17
CA ASN A 41 6.24 -0.89 11.05
C ASN A 41 4.91 -1.17 10.32
N GLY A 42 4.40 -0.15 9.62
CA GLY A 42 3.22 -0.33 8.78
C GLY A 42 3.40 -1.40 7.70
N ILE A 43 4.60 -1.42 7.11
CA ILE A 43 4.92 -2.42 6.08
C ILE A 43 4.89 -3.84 6.65
N GLU A 44 5.57 -4.04 7.78
CA GLU A 44 5.56 -5.34 8.48
C GLU A 44 4.12 -5.73 8.85
N SER A 45 3.30 -4.72 9.16
CA SER A 45 1.88 -4.94 9.45
C SER A 45 1.12 -5.42 8.20
N VAL A 46 1.41 -4.79 7.05
CA VAL A 46 0.81 -5.21 5.77
C VAL A 46 1.13 -6.68 5.47
N GLN A 47 2.40 -7.05 5.60
CA GLN A 47 2.84 -8.43 5.39
C GLN A 47 2.09 -9.41 6.32
N THR A 48 1.89 -9.00 7.56
CA THR A 48 1.21 -9.83 8.57
C THR A 48 -0.31 -9.91 8.33
N ASN A 49 -0.91 -8.81 7.92
CA ASN A 49 -2.36 -8.72 7.71
C ASN A 49 -2.79 -9.30 6.34
N SER A 50 -1.91 -9.20 5.34
CA SER A 50 -2.22 -9.65 3.96
C SER A 50 -2.93 -11.03 3.92
N PRO A 51 -2.40 -12.08 4.60
CA PRO A 51 -3.05 -13.39 4.64
C PRO A 51 -4.38 -13.37 5.40
N ILE A 52 -4.52 -12.43 6.34
CA ILE A 52 -5.71 -12.32 7.19
C ILE A 52 -6.78 -11.42 6.54
N GLU A 53 -7.68 -12.03 5.76
CA GLU A 53 -8.69 -11.28 5.02
C GLU A 53 -9.63 -10.49 5.96
N ALA A 54 -9.70 -10.90 7.22
CA ALA A 54 -10.54 -10.22 8.22
C ALA A 54 -10.18 -8.74 8.40
N ARG A 55 -8.98 -8.35 7.98
CA ARG A 55 -8.53 -6.94 8.08
C ARG A 55 -9.03 -6.11 6.88
N TYR A 56 -9.90 -6.70 6.06
CA TYR A 56 -10.40 -6.07 4.83
C TYR A 56 -11.19 -4.78 5.09
N ALA A 57 -11.33 -3.98 4.04
CA ALA A 57 -12.16 -2.77 4.07
C ALA A 57 -12.39 -2.22 2.64
N LYS A 58 -13.56 -2.50 2.07
CA LYS A 58 -13.87 -2.07 0.70
C LYS A 58 -14.90 -0.94 0.68
N GLU A 59 -14.54 0.19 0.07
CA GLU A 59 -15.41 1.37 0.02
C GLU A 59 -15.52 1.91 -1.41
N VAL A 60 -16.64 2.58 -1.71
CA VAL A 60 -16.86 3.17 -3.03
C VAL A 60 -16.79 4.71 -2.96
N ALA A 61 -15.92 5.29 -3.76
CA ALA A 61 -15.74 6.76 -3.80
C ALA A 61 -17.04 7.48 -4.18
N LYS A 62 -17.20 8.72 -3.71
CA LYS A 62 -18.40 9.53 -3.97
C LYS A 62 -18.63 9.75 -5.48
N ASN A 63 -17.58 9.58 -6.29
CA ASN A 63 -17.69 9.69 -7.74
C ASN A 63 -18.03 8.32 -8.37
N ASP A 64 -18.55 7.41 -7.56
CA ASP A 64 -18.91 6.05 -8.00
C ASP A 64 -17.68 5.29 -8.54
N LYS A 65 -16.72 5.03 -7.66
CA LYS A 65 -15.51 4.28 -8.00
C LYS A 65 -15.10 3.34 -6.84
N PRO A 66 -15.28 2.02 -7.00
CA PRO A 66 -14.97 1.04 -5.96
C PRO A 66 -13.45 0.84 -5.72
N TYR A 67 -13.03 1.01 -4.47
CA TYR A 67 -11.63 0.75 -4.07
C TYR A 67 -11.58 -0.05 -2.75
N PHE A 68 -10.38 -0.31 -2.25
CA PHE A 68 -10.24 -0.97 -0.95
C PHE A 68 -9.15 -0.31 -0.10
N ASN A 69 -9.17 -0.62 1.18
CA ASN A 69 -8.24 -0.02 2.15
C ASN A 69 -7.88 -1.03 3.24
N LEU A 70 -6.63 -1.03 3.66
CA LEU A 70 -6.13 -2.02 4.62
C LEU A 70 -5.79 -1.36 5.97
N LYS A 71 -6.35 -1.91 7.04
CA LYS A 71 -6.09 -1.43 8.41
C LYS A 71 -5.21 -2.42 9.19
N ALA A 72 -4.50 -1.91 10.19
CA ALA A 72 -3.71 -2.75 11.10
C ALA A 72 -4.47 -3.03 12.41
N ALA A 73 -3.87 -3.83 13.29
CA ALA A 73 -4.51 -4.23 14.55
C ALA A 73 -5.02 -3.02 15.38
N ASN A 74 -4.27 -1.92 15.38
CA ASN A 74 -4.66 -0.71 16.12
C ASN A 74 -5.65 0.16 15.30
N HIS A 75 -6.21 -0.44 14.23
CA HIS A 75 -7.26 0.20 13.41
C HIS A 75 -6.73 1.39 12.59
N GLN A 76 -5.42 1.40 12.39
CA GLN A 76 -4.75 2.47 11.62
C GLN A 76 -4.76 2.17 10.12
N ILE A 77 -4.78 3.23 9.30
CA ILE A 77 -4.80 3.08 7.83
C ILE A 77 -3.39 2.86 7.28
N ILE A 78 -3.08 1.61 6.93
CA ILE A 78 -1.72 1.25 6.48
C ILE A 78 -1.61 1.16 4.94
N GLY A 79 -2.72 0.93 4.23
CA GLY A 79 -2.63 0.86 2.76
C GLY A 79 -3.96 1.07 2.03
N THR A 80 -4.09 2.17 1.30
CA THR A 80 -5.29 2.44 0.48
C THR A 80 -5.00 2.22 -1.01
N SER A 81 -5.93 1.58 -1.72
CA SER A 81 -5.74 1.27 -3.15
C SER A 81 -6.18 2.42 -4.06
N GLN A 82 -6.05 2.22 -5.37
CA GLN A 82 -6.57 3.18 -6.35
C GLN A 82 -8.09 3.00 -6.54
N MET A 83 -8.73 3.96 -7.19
CA MET A 83 -10.16 3.88 -7.45
C MET A 83 -10.45 3.17 -8.79
N TYR A 84 -11.07 1.99 -8.71
CA TYR A 84 -11.39 1.18 -9.88
C TYR A 84 -12.76 1.54 -10.46
N SER A 85 -13.17 0.82 -11.50
CA SER A 85 -14.52 0.93 -12.08
C SER A 85 -15.25 -0.43 -12.03
N SER A 86 -14.61 -1.41 -11.39
CA SER A 86 -15.18 -2.75 -11.25
C SER A 86 -14.97 -3.29 -9.84
N THR A 87 -16.01 -3.86 -9.25
CA THR A 87 -15.92 -4.48 -7.92
C THR A 87 -15.10 -5.77 -7.96
N ALA A 88 -15.29 -6.56 -9.01
CA ALA A 88 -14.54 -7.81 -9.19
C ALA A 88 -13.03 -7.53 -9.28
N ALA A 89 -12.65 -6.59 -10.15
CA ALA A 89 -11.23 -6.20 -10.29
C ALA A 89 -10.67 -5.64 -8.98
N ARG A 90 -11.54 -5.02 -8.18
CA ARG A 90 -11.19 -4.45 -6.88
C ARG A 90 -10.83 -5.57 -5.88
N ASP A 91 -11.73 -6.53 -5.69
CA ASP A 91 -11.48 -7.67 -4.79
C ASP A 91 -10.36 -8.58 -5.32
N ASN A 92 -10.26 -8.69 -6.65
CA ASN A 92 -9.13 -9.38 -7.28
C ASN A 92 -7.81 -8.65 -6.96
N GLY A 93 -7.87 -7.32 -6.92
CA GLY A 93 -6.72 -6.53 -6.49
C GLY A 93 -6.27 -6.90 -5.08
N ILE A 94 -7.23 -7.10 -4.18
CA ILE A 94 -6.95 -7.61 -2.83
C ILE A 94 -6.19 -8.94 -2.89
N LYS A 95 -6.61 -9.83 -3.79
CA LYS A 95 -5.90 -11.09 -4.03
C LYS A 95 -4.44 -10.84 -4.48
N SER A 96 -4.25 -9.87 -5.36
CA SER A 96 -2.91 -9.46 -5.80
C SER A 96 -2.03 -9.06 -4.60
N VAL A 97 -2.65 -8.46 -3.59
CA VAL A 97 -1.95 -8.13 -2.33
C VAL A 97 -1.55 -9.40 -1.58
N MET A 98 -2.44 -10.38 -1.54
CA MET A 98 -2.20 -11.67 -0.89
C MET A 98 -1.13 -12.50 -1.62
N GLU A 99 -0.97 -12.26 -2.92
CA GLU A 99 0.05 -12.94 -3.71
C GLU A 99 1.39 -12.19 -3.75
N ASN A 100 1.37 -10.93 -4.20
CA ASN A 100 2.59 -10.13 -4.36
C ASN A 100 3.02 -9.45 -3.05
N GLY A 101 2.11 -9.38 -2.08
CA GLY A 101 2.40 -8.73 -0.81
C GLY A 101 3.13 -9.62 0.19
N LYS A 102 3.66 -10.76 -0.27
CA LYS A 102 4.44 -11.66 0.57
C LYS A 102 5.94 -11.30 0.53
N THR A 103 6.23 -10.11 0.02
CA THR A 103 7.61 -9.63 -0.14
C THR A 103 8.08 -8.80 1.07
N THR A 104 9.38 -8.91 1.36
CA THR A 104 10.00 -8.11 2.44
C THR A 104 10.94 -7.03 1.87
N THR A 105 10.91 -6.87 0.55
CA THR A 105 11.77 -5.90 -0.14
C THR A 105 11.25 -4.46 0.02
N ILE A 106 11.98 -3.66 0.80
CA ILE A 106 11.61 -2.26 1.02
C ILE A 106 12.60 -1.31 0.31
N LYS A 107 12.06 -0.31 -0.38
CA LYS A 107 12.88 0.68 -1.10
C LYS A 107 12.64 2.09 -0.56
N ASP A 108 13.57 2.58 0.25
CA ASP A 108 13.48 3.93 0.79
C ASP A 108 14.00 4.98 -0.22
N LEU A 109 13.07 5.65 -0.90
CA LEU A 109 13.41 6.64 -1.93
C LEU A 109 13.57 8.05 -1.34
N THR A 110 13.52 8.16 -0.02
CA THR A 110 13.60 9.45 0.66
C THR A 110 15.03 10.02 0.65
N LEU A 111 16.01 9.19 0.31
CA LEU A 111 17.41 9.61 0.24
C LEU A 111 17.75 10.27 -1.11
N GLU A 112 17.43 9.59 -2.22
CA GLU A 112 17.79 10.09 -3.55
C GLU A 112 16.73 9.76 -4.61
N HIS A 113 16.74 10.52 -5.70
CA HIS A 113 15.83 10.32 -6.82
C HIS A 113 16.38 10.95 -8.11
N HIS A 114 16.94 10.13 -9.00
CA HIS A 114 17.51 10.65 -10.25
C HIS A 114 16.44 10.81 -11.36
N HIS A 115 15.78 9.71 -11.74
CA HIS A 115 14.86 9.71 -12.90
C HIS A 115 15.48 10.49 -14.07
N HIS A 116 16.68 10.06 -14.48
CA HIS A 116 17.51 10.82 -15.42
C HIS A 116 16.89 10.84 -16.83
N HIS A 117 16.86 12.03 -17.44
CA HIS A 117 16.24 12.20 -18.76
C HIS A 117 17.05 11.51 -19.87
N HIS A 118 16.62 10.33 -20.25
CA HIS A 118 17.27 9.56 -21.34
C HIS A 118 16.91 10.14 -22.72
N MET A 1 7.29 -13.73 -10.41
CA MET A 1 6.25 -12.67 -10.34
C MET A 1 6.18 -12.05 -8.93
N SER A 2 7.34 -11.87 -8.31
CA SER A 2 7.42 -11.31 -6.95
C SER A 2 7.23 -9.79 -6.95
N GLY A 3 6.63 -9.28 -5.88
CA GLY A 3 6.39 -7.84 -5.74
C GLY A 3 7.35 -7.18 -4.75
N TRP A 4 7.05 -5.94 -4.37
CA TRP A 4 7.93 -5.18 -3.46
C TRP A 4 7.24 -3.91 -2.92
N TYR A 5 7.80 -3.35 -1.85
CA TYR A 5 7.33 -2.09 -1.27
C TYR A 5 8.31 -0.94 -1.60
N GLU A 6 7.77 0.26 -1.84
CA GLU A 6 8.61 1.45 -2.07
C GLU A 6 8.17 2.61 -1.17
N LEU A 7 9.10 3.09 -0.34
CA LEU A 7 8.81 4.19 0.60
C LEU A 7 9.28 5.54 0.05
N SER A 8 8.35 6.46 -0.15
CA SER A 8 8.69 7.83 -0.60
C SER A 8 8.40 8.86 0.49
N LYS A 9 9.05 10.02 0.42
CA LYS A 9 8.86 11.06 1.42
C LYS A 9 8.14 12.29 0.85
N SER A 10 7.31 12.93 1.67
CA SER A 10 6.57 14.14 1.27
C SER A 10 7.37 15.41 1.57
N SER A 11 6.89 16.54 1.05
CA SER A 11 7.57 17.84 1.25
C SER A 11 7.56 18.27 2.72
N ASN A 12 6.71 17.64 3.53
CA ASN A 12 6.68 17.90 4.98
C ASN A 12 7.60 16.92 5.73
N ASP A 13 8.42 16.18 4.98
CA ASP A 13 9.28 15.14 5.54
C ASP A 13 8.46 13.99 6.18
N GLN A 14 7.18 13.90 5.82
CA GLN A 14 6.33 12.79 6.24
C GLN A 14 6.43 11.63 5.24
N PHE A 15 6.66 10.43 5.74
CA PHE A 15 6.92 9.26 4.88
C PHE A 15 5.61 8.56 4.45
N LYS A 16 5.61 8.04 3.23
CA LYS A 16 4.44 7.36 2.65
C LYS A 16 4.88 6.25 1.68
N PHE A 17 4.45 5.01 1.94
CA PHE A 17 4.90 3.84 1.15
C PHE A 17 3.80 3.29 0.24
N VAL A 18 4.24 2.69 -0.88
CA VAL A 18 3.34 2.06 -1.85
C VAL A 18 3.72 0.59 -2.08
N LEU A 19 2.75 -0.22 -2.49
CA LEU A 19 2.99 -1.65 -2.76
C LEU A 19 2.85 -1.98 -4.26
N LYS A 20 3.91 -2.54 -4.84
CA LYS A 20 3.90 -2.99 -6.24
C LYS A 20 3.61 -4.49 -6.33
N ALA A 21 2.80 -4.87 -7.31
CA ALA A 21 2.62 -6.28 -7.66
C ALA A 21 3.79 -6.77 -8.52
N GLY A 22 3.78 -8.06 -8.89
CA GLY A 22 4.86 -8.63 -9.70
C GLY A 22 5.11 -7.89 -11.02
N ASN A 23 4.12 -7.14 -11.50
CA ASN A 23 4.23 -6.40 -12.77
C ASN A 23 4.64 -4.93 -12.54
N GLY A 24 4.90 -4.56 -11.29
CA GLY A 24 5.29 -3.19 -10.96
C GLY A 24 4.11 -2.24 -10.86
N GLU A 25 2.90 -2.78 -10.68
CA GLU A 25 1.69 -1.96 -10.59
C GLU A 25 1.33 -1.66 -9.12
N VAL A 26 0.92 -0.42 -8.86
CA VAL A 26 0.57 0.01 -7.50
C VAL A 26 -0.86 -0.40 -7.12
N ILE A 27 -0.98 -1.19 -6.06
CA ILE A 27 -2.29 -1.65 -5.58
C ILE A 27 -2.68 -0.99 -4.25
N LEU A 28 -1.72 -0.82 -3.34
CA LEU A 28 -1.96 -0.18 -2.05
C LEU A 28 -0.99 1.00 -1.82
N THR A 29 -1.56 2.18 -1.54
CA THR A 29 -0.79 3.39 -1.23
C THR A 29 -1.29 4.02 0.08
N SER A 30 -0.47 3.98 1.13
CA SER A 30 -0.88 4.52 2.44
C SER A 30 -0.66 6.04 2.53
N GLU A 31 -1.25 6.66 3.56
CA GLU A 31 -1.12 8.11 3.78
C GLU A 31 0.22 8.46 4.45
N LEU A 32 0.34 9.71 4.91
CA LEU A 32 1.59 10.22 5.49
C LEU A 32 1.91 9.61 6.87
N TYR A 33 3.20 9.48 7.17
CA TYR A 33 3.68 9.03 8.48
C TYR A 33 4.72 10.01 9.05
N THR A 34 4.68 10.23 10.35
CA THR A 34 5.57 11.18 11.03
C THR A 34 7.06 10.84 10.84
N GLY A 35 7.40 9.56 11.03
CA GLY A 35 8.79 9.13 10.87
C GLY A 35 8.94 7.82 10.11
N LYS A 36 10.14 7.58 9.56
CA LYS A 36 10.39 6.37 8.75
C LYS A 36 10.18 5.10 9.57
N SER A 37 10.55 5.12 10.86
CA SER A 37 10.35 3.95 11.75
C SER A 37 8.88 3.51 11.76
N GLY A 38 7.97 4.47 11.88
CA GLY A 38 6.54 4.17 11.87
C GLY A 38 6.06 3.64 10.52
N ALA A 39 6.59 4.22 9.43
CA ALA A 39 6.25 3.77 8.08
C ALA A 39 6.71 2.33 7.83
N MET A 40 7.95 2.02 8.22
CA MET A 40 8.48 0.66 8.11
C MET A 40 7.62 -0.30 8.96
N ASN A 41 7.41 0.07 10.22
CA ASN A 41 6.52 -0.70 11.11
C ASN A 41 5.15 -0.92 10.45
N GLY A 42 4.69 0.08 9.71
CA GLY A 42 3.47 -0.06 8.93
C GLY A 42 3.59 -1.14 7.84
N ILE A 43 4.74 -1.17 7.16
CA ILE A 43 4.99 -2.16 6.10
C ILE A 43 5.01 -3.59 6.67
N GLU A 44 5.79 -3.81 7.73
CA GLU A 44 5.79 -5.09 8.44
C GLU A 44 4.36 -5.48 8.85
N SER A 45 3.60 -4.50 9.35
CA SER A 45 2.19 -4.73 9.71
C SER A 45 1.38 -5.17 8.49
N VAL A 46 1.58 -4.51 7.35
CA VAL A 46 0.89 -4.88 6.10
C VAL A 46 1.21 -6.33 5.71
N GLN A 47 2.48 -6.72 5.83
CA GLN A 47 2.89 -8.10 5.57
C GLN A 47 2.12 -9.08 6.47
N THR A 48 1.86 -8.67 7.70
CA THR A 48 1.10 -9.49 8.67
C THR A 48 -0.41 -9.53 8.34
N ASN A 49 -0.99 -8.37 8.02
CA ASN A 49 -2.44 -8.25 7.79
C ASN A 49 -2.87 -8.71 6.38
N SER A 50 -1.98 -8.56 5.40
CA SER A 50 -2.29 -8.84 3.98
C SER A 50 -2.92 -10.24 3.75
N PRO A 51 -2.30 -11.34 4.26
CA PRO A 51 -2.87 -12.69 4.08
C PRO A 51 -4.13 -12.94 4.94
N ILE A 52 -4.50 -11.96 5.78
CA ILE A 52 -5.68 -12.06 6.64
C ILE A 52 -6.83 -11.20 6.11
N GLU A 53 -7.74 -11.83 5.36
CA GLU A 53 -8.85 -11.13 4.71
C GLU A 53 -9.74 -10.38 5.71
N ALA A 54 -9.85 -10.91 6.93
CA ALA A 54 -10.68 -10.29 7.98
C ALA A 54 -10.16 -8.91 8.43
N ARG A 55 -8.98 -8.52 7.94
CA ARG A 55 -8.37 -7.24 8.33
C ARG A 55 -8.60 -6.11 7.31
N TYR A 56 -9.16 -6.44 6.14
CA TYR A 56 -9.33 -5.43 5.08
C TYR A 56 -10.60 -4.59 5.25
N ALA A 57 -10.84 -3.68 4.32
CA ALA A 57 -12.09 -2.92 4.24
C ALA A 57 -12.38 -2.51 2.79
N LYS A 58 -13.25 -3.26 2.11
CA LYS A 58 -13.55 -2.99 0.70
C LYS A 58 -14.95 -2.37 0.51
N GLU A 59 -14.97 -1.15 0.00
CA GLU A 59 -16.22 -0.41 -0.22
C GLU A 59 -16.22 0.29 -1.59
N VAL A 60 -17.26 1.09 -1.85
CA VAL A 60 -17.36 1.85 -3.10
C VAL A 60 -17.64 3.33 -2.81
N ALA A 61 -16.91 4.22 -3.48
CA ALA A 61 -17.16 5.67 -3.35
C ALA A 61 -18.51 6.06 -3.97
N LYS A 62 -19.14 7.10 -3.43
CA LYS A 62 -20.48 7.53 -3.86
C LYS A 62 -20.61 7.68 -5.38
N ASN A 63 -19.54 8.13 -6.03
CA ASN A 63 -19.53 8.33 -7.50
C ASN A 63 -19.16 7.03 -8.24
N ASP A 64 -19.40 5.89 -7.59
CA ASP A 64 -19.13 4.55 -8.18
C ASP A 64 -17.64 4.30 -8.43
N LYS A 65 -16.79 4.67 -7.47
CA LYS A 65 -15.37 4.32 -7.49
C LYS A 65 -15.05 3.26 -6.42
N PRO A 66 -15.06 1.96 -6.78
CA PRO A 66 -14.75 0.87 -5.83
C PRO A 66 -13.28 0.86 -5.40
N TYR A 67 -13.04 0.78 -4.09
CA TYR A 67 -11.68 0.75 -3.54
C TYR A 67 -11.64 -0.13 -2.27
N PHE A 68 -10.43 -0.38 -1.76
CA PHE A 68 -10.27 -1.16 -0.53
C PHE A 68 -9.07 -0.68 0.31
N ASN A 69 -9.31 -0.51 1.62
CA ASN A 69 -8.27 -0.09 2.56
C ASN A 69 -7.88 -1.25 3.48
N LEU A 70 -6.68 -1.18 4.04
CA LEU A 70 -6.18 -2.20 4.99
C LEU A 70 -5.89 -1.57 6.35
N LYS A 71 -6.50 -2.11 7.40
CA LYS A 71 -6.35 -1.57 8.76
C LYS A 71 -5.72 -2.59 9.71
N ALA A 72 -4.76 -2.14 10.52
CA ALA A 72 -4.12 -2.99 11.52
C ALA A 72 -5.07 -3.28 12.71
N ALA A 73 -4.61 -4.10 13.66
CA ALA A 73 -5.44 -4.51 14.81
C ALA A 73 -6.08 -3.31 15.54
N ASN A 74 -5.30 -2.25 15.75
CA ASN A 74 -5.81 -1.04 16.44
C ASN A 74 -6.71 -0.19 15.51
N HIS A 75 -7.03 -0.74 14.34
CA HIS A 75 -7.97 -0.12 13.36
C HIS A 75 -7.34 1.09 12.67
N GLN A 76 -6.01 1.12 12.64
CA GLN A 76 -5.26 2.22 12.01
C GLN A 76 -5.00 1.93 10.52
N ILE A 77 -4.97 2.98 9.70
CA ILE A 77 -4.72 2.83 8.27
C ILE A 77 -3.25 2.46 7.98
N ILE A 78 -3.03 1.25 7.46
CA ILE A 78 -1.70 0.83 7.02
C ILE A 78 -1.66 0.65 5.50
N GLY A 79 -2.83 0.66 4.86
CA GLY A 79 -2.91 0.59 3.41
C GLY A 79 -4.18 1.23 2.84
N THR A 80 -4.05 1.90 1.71
CA THR A 80 -5.20 2.54 1.04
C THR A 80 -5.11 2.39 -0.48
N SER A 81 -6.09 1.71 -1.09
CA SER A 81 -6.09 1.51 -2.54
C SER A 81 -6.70 2.72 -3.27
N GLN A 82 -6.60 2.73 -4.59
CA GLN A 82 -7.06 3.86 -5.41
C GLN A 82 -8.49 3.65 -5.93
N MET A 83 -9.14 4.75 -6.31
CA MET A 83 -10.50 4.70 -6.87
C MET A 83 -10.53 4.00 -8.23
N TYR A 84 -10.90 2.73 -8.25
CA TYR A 84 -10.98 1.94 -9.49
C TYR A 84 -12.20 2.29 -10.34
N SER A 85 -12.14 1.93 -11.62
CA SER A 85 -13.28 2.10 -12.53
C SER A 85 -14.29 0.95 -12.38
N SER A 86 -13.77 -0.27 -12.19
CA SER A 86 -14.61 -1.47 -12.12
C SER A 86 -14.41 -2.22 -10.79
N THR A 87 -15.47 -2.89 -10.32
CA THR A 87 -15.41 -3.67 -9.07
C THR A 87 -14.45 -4.85 -9.21
N ALA A 88 -14.46 -5.49 -10.38
CA ALA A 88 -13.53 -6.58 -10.70
C ALA A 88 -12.07 -6.14 -10.54
N ALA A 89 -11.76 -4.94 -11.04
CA ALA A 89 -10.41 -4.36 -10.91
C ALA A 89 -10.00 -4.27 -9.43
N ARG A 90 -10.93 -3.85 -8.59
CA ARG A 90 -10.71 -3.79 -7.14
C ARG A 90 -10.34 -5.19 -6.59
N ASP A 91 -11.08 -6.20 -7.02
CA ASP A 91 -10.84 -7.58 -6.58
C ASP A 91 -9.46 -8.08 -7.06
N ASN A 92 -9.07 -7.69 -8.27
CA ASN A 92 -7.74 -8.00 -8.80
C ASN A 92 -6.65 -7.43 -7.89
N GLY A 93 -6.87 -6.20 -7.41
CA GLY A 93 -5.96 -5.61 -6.44
C GLY A 93 -5.85 -6.44 -5.17
N ILE A 94 -6.98 -6.95 -4.69
CA ILE A 94 -7.01 -7.82 -3.51
C ILE A 94 -6.15 -9.09 -3.73
N LYS A 95 -6.33 -9.75 -4.89
CA LYS A 95 -5.51 -10.92 -5.25
C LYS A 95 -4.02 -10.57 -5.19
N SER A 96 -3.69 -9.42 -5.77
CA SER A 96 -2.30 -8.96 -5.89
C SER A 96 -1.65 -8.71 -4.52
N VAL A 97 -2.38 -8.05 -3.60
CA VAL A 97 -1.80 -7.74 -2.29
C VAL A 97 -1.65 -8.99 -1.40
N MET A 98 -2.69 -9.83 -1.34
CA MET A 98 -2.62 -11.06 -0.53
C MET A 98 -1.48 -11.97 -1.01
N GLU A 99 -1.20 -11.95 -2.32
CA GLU A 99 -0.08 -12.71 -2.89
C GLU A 99 1.27 -12.03 -2.62
N ASN A 100 1.39 -10.77 -3.02
CA ASN A 100 2.67 -10.03 -2.92
C ASN A 100 2.86 -9.37 -1.54
N GLY A 101 2.02 -9.75 -0.57
CA GLY A 101 2.18 -9.24 0.80
C GLY A 101 3.16 -10.05 1.64
N LYS A 102 3.96 -10.89 0.99
CA LYS A 102 4.97 -11.69 1.69
C LYS A 102 6.39 -11.19 1.40
N THR A 103 6.51 -10.22 0.49
CA THR A 103 7.82 -9.69 0.07
C THR A 103 8.43 -8.76 1.13
N THR A 104 9.70 -8.99 1.46
CA THR A 104 10.42 -8.16 2.44
C THR A 104 11.26 -7.08 1.75
N THR A 105 11.15 -7.00 0.43
CA THR A 105 11.91 -6.02 -0.37
C THR A 105 11.31 -4.61 -0.24
N ILE A 106 12.03 -3.73 0.45
CA ILE A 106 11.59 -2.34 0.65
C ILE A 106 12.60 -1.36 0.04
N LYS A 107 12.18 -0.62 -1.00
CA LYS A 107 13.05 0.37 -1.64
C LYS A 107 12.91 1.74 -0.96
N ASP A 108 14.02 2.28 -0.47
CA ASP A 108 14.03 3.64 0.08
C ASP A 108 14.06 4.67 -1.07
N LEU A 109 12.96 5.41 -1.23
CA LEU A 109 12.89 6.47 -2.24
C LEU A 109 13.10 7.86 -1.60
N THR A 110 13.46 7.87 -0.32
CA THR A 110 13.61 9.14 0.42
C THR A 110 15.02 9.73 0.24
N LEU A 111 15.99 8.85 -0.01
CA LEU A 111 17.37 9.29 -0.27
C LEU A 111 17.51 9.97 -1.64
N GLU A 112 17.19 9.23 -2.70
CA GLU A 112 17.43 9.71 -4.08
C GLU A 112 16.41 9.10 -5.08
N HIS A 113 16.21 9.80 -6.20
CA HIS A 113 15.41 9.25 -7.31
C HIS A 113 16.25 8.27 -8.15
N HIS A 114 15.80 7.03 -8.22
CA HIS A 114 16.48 5.99 -8.99
C HIS A 114 16.14 6.12 -10.49
N HIS A 115 17.17 6.23 -11.34
CA HIS A 115 16.98 6.40 -12.78
C HIS A 115 17.23 5.08 -13.55
N HIS A 116 18.49 4.64 -13.57
CA HIS A 116 18.86 3.41 -14.28
C HIS A 116 18.64 2.18 -13.40
N HIS A 117 17.76 1.29 -13.84
CA HIS A 117 17.48 0.05 -13.13
C HIS A 117 17.30 -1.10 -14.12
N HIS A 118 18.09 -2.16 -13.96
CA HIS A 118 18.02 -3.33 -14.84
C HIS A 118 16.79 -4.21 -14.50
N MET A 1 3.28 -13.21 -4.76
CA MET A 1 4.66 -13.73 -4.60
C MET A 1 5.69 -12.66 -5.04
N SER A 2 5.53 -12.12 -6.24
CA SER A 2 6.47 -11.11 -6.77
C SER A 2 5.92 -9.67 -6.64
N GLY A 3 6.59 -8.85 -5.82
CA GLY A 3 6.18 -7.46 -5.63
C GLY A 3 7.17 -6.68 -4.76
N TRP A 4 6.97 -5.37 -4.63
CA TRP A 4 7.88 -4.54 -3.83
C TRP A 4 7.21 -3.25 -3.31
N TYR A 5 7.78 -2.68 -2.25
CA TYR A 5 7.31 -1.41 -1.67
C TYR A 5 8.27 -0.26 -2.00
N GLU A 6 7.75 0.85 -2.53
CA GLU A 6 8.56 2.04 -2.77
C GLU A 6 8.24 3.15 -1.76
N LEU A 7 9.23 3.52 -0.95
CA LEU A 7 9.07 4.56 0.07
C LEU A 7 9.57 5.93 -0.42
N SER A 8 8.75 6.95 -0.23
CA SER A 8 9.11 8.33 -0.60
C SER A 8 8.75 9.31 0.53
N LYS A 9 9.38 10.48 0.54
CA LYS A 9 9.10 11.49 1.56
C LYS A 9 8.56 12.78 0.94
N SER A 10 7.48 13.31 1.52
CA SER A 10 6.81 14.51 0.99
C SER A 10 7.50 15.80 1.45
N SER A 11 7.04 16.94 0.91
CA SER A 11 7.59 18.25 1.27
C SER A 11 7.47 18.54 2.77
N ASN A 12 6.52 17.85 3.43
CA ASN A 12 6.31 18.02 4.87
C ASN A 12 7.28 17.17 5.69
N ASP A 13 8.24 16.53 5.01
CA ASP A 13 9.20 15.62 5.63
C ASP A 13 8.48 14.39 6.22
N GLN A 14 7.31 14.07 5.68
CA GLN A 14 6.53 12.91 6.09
C GLN A 14 6.67 11.76 5.08
N PHE A 15 6.73 10.53 5.58
CA PHE A 15 6.99 9.36 4.74
C PHE A 15 5.71 8.70 4.23
N LYS A 16 5.70 8.35 2.95
CA LYS A 16 4.58 7.65 2.30
C LYS A 16 5.11 6.54 1.37
N PHE A 17 4.57 5.34 1.50
CA PHE A 17 5.02 4.20 0.70
C PHE A 17 3.89 3.60 -0.16
N VAL A 18 4.27 3.04 -1.31
CA VAL A 18 3.30 2.41 -2.22
C VAL A 18 3.73 0.98 -2.58
N LEU A 19 2.76 0.06 -2.62
CA LEU A 19 3.03 -1.34 -2.98
C LEU A 19 2.74 -1.59 -4.46
N LYS A 20 3.76 -2.05 -5.18
CA LYS A 20 3.63 -2.36 -6.61
C LYS A 20 3.66 -3.87 -6.87
N ALA A 21 2.89 -4.32 -7.85
CA ALA A 21 2.90 -5.72 -8.27
C ALA A 21 4.08 -6.00 -9.22
N GLY A 22 4.16 -7.23 -9.73
CA GLY A 22 5.27 -7.61 -10.62
C GLY A 22 5.37 -6.75 -11.88
N ASN A 23 4.23 -6.21 -12.32
CA ASN A 23 4.18 -5.36 -13.51
C ASN A 23 4.60 -3.91 -13.20
N GLY A 24 4.76 -3.60 -11.91
CA GLY A 24 5.15 -2.25 -11.51
C GLY A 24 3.97 -1.30 -11.31
N GLU A 25 2.76 -1.84 -11.26
CA GLU A 25 1.56 -1.02 -11.04
C GLU A 25 1.22 -0.94 -9.53
N VAL A 26 0.82 0.24 -9.07
CA VAL A 26 0.53 0.48 -7.65
C VAL A 26 -0.87 -0.02 -7.25
N ILE A 27 -0.91 -0.99 -6.35
CA ILE A 27 -2.18 -1.54 -5.84
C ILE A 27 -2.60 -0.86 -4.52
N LEU A 28 -1.63 -0.61 -3.63
CA LEU A 28 -1.90 0.01 -2.32
C LEU A 28 -1.06 1.28 -2.12
N THR A 29 -1.72 2.35 -1.68
CA THR A 29 -1.05 3.62 -1.40
C THR A 29 -1.33 4.08 0.04
N SER A 30 -0.28 4.25 0.84
CA SER A 30 -0.43 4.68 2.24
C SER A 30 -0.37 6.21 2.38
N GLU A 31 -0.94 6.71 3.48
CA GLU A 31 -0.94 8.16 3.76
C GLU A 31 0.39 8.62 4.36
N LEU A 32 0.44 9.89 4.79
CA LEU A 32 1.67 10.48 5.34
C LEU A 32 1.94 10.05 6.80
N TYR A 33 3.11 9.50 7.04
CA TYR A 33 3.57 9.14 8.39
C TYR A 33 4.66 10.13 8.88
N THR A 34 4.63 10.46 10.17
CA THR A 34 5.60 11.41 10.75
C THR A 34 6.99 10.77 10.94
N GLY A 35 7.06 9.44 10.82
CA GLY A 35 8.33 8.74 10.99
C GLY A 35 8.49 7.55 10.04
N LYS A 36 9.73 7.29 9.61
CA LYS A 36 10.02 6.18 8.71
C LYS A 36 9.90 4.83 9.43
N SER A 37 10.28 4.80 10.70
CA SER A 37 10.15 3.59 11.52
C SER A 37 8.69 3.11 11.57
N GLY A 38 7.77 4.03 11.86
CA GLY A 38 6.35 3.71 11.85
C GLY A 38 5.83 3.32 10.47
N ALA A 39 6.33 4.00 9.43
CA ALA A 39 5.97 3.67 8.04
C ALA A 39 6.37 2.23 7.68
N MET A 40 7.64 1.90 7.89
CA MET A 40 8.13 0.53 7.65
C MET A 40 7.39 -0.47 8.55
N ASN A 41 7.17 -0.09 9.80
CA ASN A 41 6.35 -0.89 10.72
C ASN A 41 4.95 -1.14 10.13
N GLY A 42 4.41 -0.14 9.43
CA GLY A 42 3.18 -0.32 8.68
C GLY A 42 3.33 -1.41 7.61
N ILE A 43 4.48 -1.44 6.94
CA ILE A 43 4.78 -2.47 5.93
C ILE A 43 4.80 -3.87 6.58
N GLU A 44 5.51 -3.99 7.70
CA GLU A 44 5.52 -5.23 8.50
C GLU A 44 4.08 -5.65 8.82
N SER A 45 3.26 -4.69 9.22
CA SER A 45 1.85 -4.92 9.51
C SER A 45 1.10 -5.43 8.28
N VAL A 46 1.42 -4.89 7.10
CA VAL A 46 0.83 -5.36 5.83
C VAL A 46 1.09 -6.86 5.63
N GLN A 47 2.32 -7.29 5.94
CA GLN A 47 2.68 -8.70 5.86
C GLN A 47 1.80 -9.56 6.77
N THR A 48 1.58 -9.09 8.00
CA THR A 48 0.71 -9.78 8.97
C THR A 48 -0.77 -9.77 8.53
N ASN A 49 -1.21 -8.64 7.99
CA ASN A 49 -2.60 -8.47 7.54
C ASN A 49 -2.90 -9.26 6.25
N SER A 50 -1.87 -9.47 5.44
CA SER A 50 -1.98 -10.14 4.13
C SER A 50 -2.94 -11.36 4.10
N PRO A 51 -2.81 -12.36 5.01
CA PRO A 51 -3.68 -13.55 4.99
C PRO A 51 -5.01 -13.36 5.75
N ILE A 52 -5.30 -12.14 6.19
CA ILE A 52 -6.49 -11.88 7.03
C ILE A 52 -7.53 -11.02 6.29
N GLU A 53 -8.64 -11.65 5.88
CA GLU A 53 -9.74 -10.95 5.19
C GLU A 53 -10.29 -9.77 6.01
N ALA A 54 -10.37 -9.96 7.33
CA ALA A 54 -10.90 -8.93 8.26
C ALA A 54 -10.10 -7.62 8.21
N ARG A 55 -8.90 -7.65 7.64
CA ARG A 55 -8.06 -6.45 7.53
C ARG A 55 -8.35 -5.69 6.22
N TYR A 56 -8.93 -6.39 5.24
CA TYR A 56 -9.28 -5.79 3.96
C TYR A 56 -10.73 -5.25 3.98
N ALA A 57 -10.87 -3.97 4.27
CA ALA A 57 -12.18 -3.32 4.30
C ALA A 57 -12.48 -2.60 2.98
N LYS A 58 -13.36 -3.17 2.17
CA LYS A 58 -13.63 -2.66 0.82
C LYS A 58 -14.93 -1.87 0.74
N GLU A 59 -14.85 -0.66 0.19
CA GLU A 59 -16.01 0.23 0.04
C GLU A 59 -16.06 0.84 -1.37
N VAL A 60 -17.00 1.75 -1.59
CA VAL A 60 -17.14 2.43 -2.89
C VAL A 60 -17.06 3.95 -2.73
N ALA A 61 -16.17 4.58 -3.50
CA ALA A 61 -16.01 6.04 -3.46
C ALA A 61 -17.29 6.77 -3.88
N LYS A 62 -17.43 8.02 -3.44
CA LYS A 62 -18.64 8.83 -3.68
C LYS A 62 -18.99 8.92 -5.18
N ASN A 63 -17.97 8.92 -6.04
CA ASN A 63 -18.18 8.98 -7.49
C ASN A 63 -18.42 7.56 -8.08
N ASP A 64 -18.74 6.61 -7.22
CA ASP A 64 -18.95 5.21 -7.60
C ASP A 64 -17.65 4.57 -8.17
N LYS A 65 -16.68 4.36 -7.27
CA LYS A 65 -15.45 3.62 -7.61
C LYS A 65 -15.11 2.64 -6.46
N PRO A 66 -15.24 1.33 -6.70
CA PRO A 66 -14.97 0.31 -5.68
C PRO A 66 -13.48 0.10 -5.39
N TYR A 67 -13.08 0.36 -4.14
CA TYR A 67 -11.70 0.13 -3.70
C TYR A 67 -11.67 -0.47 -2.29
N PHE A 68 -10.48 -0.71 -1.75
CA PHE A 68 -10.36 -1.32 -0.41
C PHE A 68 -9.25 -0.67 0.43
N ASN A 69 -9.46 -0.65 1.74
CA ASN A 69 -8.46 -0.16 2.69
C ASN A 69 -7.87 -1.34 3.49
N LEU A 70 -6.63 -1.17 3.93
CA LEU A 70 -5.96 -2.20 4.72
C LEU A 70 -5.75 -1.73 6.17
N LYS A 71 -6.38 -2.44 7.10
CA LYS A 71 -6.33 -2.08 8.53
C LYS A 71 -5.40 -3.01 9.33
N ALA A 72 -4.74 -2.45 10.33
CA ALA A 72 -3.90 -3.24 11.25
C ALA A 72 -4.74 -3.85 12.38
N ALA A 73 -4.08 -4.64 13.25
CA ALA A 73 -4.77 -5.35 14.34
C ALA A 73 -5.67 -4.45 15.20
N ASN A 74 -5.22 -3.23 15.49
CA ASN A 74 -6.00 -2.26 16.30
C ASN A 74 -7.13 -1.61 15.46
N HIS A 75 -7.31 -2.09 14.23
CA HIS A 75 -8.35 -1.57 13.31
C HIS A 75 -8.03 -0.13 12.90
N GLN A 76 -6.92 0.04 12.20
CA GLN A 76 -6.45 1.37 11.76
C GLN A 76 -6.00 1.35 10.29
N ILE A 77 -6.31 2.40 9.55
CA ILE A 77 -5.95 2.48 8.12
C ILE A 77 -4.44 2.68 7.92
N ILE A 78 -3.73 1.59 7.66
CA ILE A 78 -2.29 1.67 7.35
C ILE A 78 -2.06 1.76 5.84
N GLY A 79 -3.04 1.34 5.06
CA GLY A 79 -2.95 1.45 3.60
C GLY A 79 -4.29 1.70 2.92
N THR A 80 -4.30 2.43 1.81
CA THR A 80 -5.51 2.71 1.04
C THR A 80 -5.28 2.47 -0.46
N SER A 81 -6.09 1.61 -1.08
CA SER A 81 -5.94 1.32 -2.51
C SER A 81 -6.46 2.46 -3.38
N GLN A 82 -6.00 2.51 -4.63
CA GLN A 82 -6.48 3.52 -5.58
C GLN A 82 -7.88 3.17 -6.10
N MET A 83 -8.56 4.15 -6.68
CA MET A 83 -9.92 3.93 -7.21
C MET A 83 -9.90 3.02 -8.45
N TYR A 84 -10.56 1.87 -8.34
CA TYR A 84 -10.66 0.92 -9.46
C TYR A 84 -11.88 1.19 -10.34
N SER A 85 -11.98 0.50 -11.47
CA SER A 85 -13.11 0.65 -12.39
C SER A 85 -14.33 -0.15 -11.90
N SER A 86 -14.22 -1.47 -11.89
CA SER A 86 -15.30 -2.35 -11.43
C SER A 86 -14.89 -3.16 -10.20
N THR A 87 -15.84 -3.91 -9.64
CA THR A 87 -15.57 -4.77 -8.47
C THR A 87 -14.50 -5.82 -8.75
N ALA A 88 -14.50 -6.36 -9.97
CA ALA A 88 -13.49 -7.33 -10.41
C ALA A 88 -12.07 -6.80 -10.23
N ALA A 89 -11.84 -5.56 -10.66
CA ALA A 89 -10.55 -4.89 -10.49
C ALA A 89 -10.16 -4.75 -9.01
N ARG A 90 -11.15 -4.47 -8.16
CA ARG A 90 -10.93 -4.39 -6.71
C ARG A 90 -10.51 -5.74 -6.13
N ASP A 91 -11.27 -6.78 -6.49
CA ASP A 91 -10.95 -8.16 -6.08
C ASP A 91 -9.54 -8.55 -6.56
N ASN A 92 -9.16 -8.07 -7.74
CA ASN A 92 -7.81 -8.25 -8.29
C ASN A 92 -6.77 -7.58 -7.39
N GLY A 93 -7.06 -6.35 -6.96
CA GLY A 93 -6.18 -5.64 -6.03
C GLY A 93 -5.95 -6.42 -4.75
N ILE A 94 -7.03 -6.95 -4.17
CA ILE A 94 -6.97 -7.73 -2.93
C ILE A 94 -6.06 -8.97 -3.08
N LYS A 95 -6.33 -9.82 -4.07
CA LYS A 95 -5.55 -11.05 -4.25
C LYS A 95 -4.06 -10.77 -4.55
N SER A 96 -3.77 -9.65 -5.22
CA SER A 96 -2.38 -9.28 -5.53
C SER A 96 -1.61 -8.88 -4.26
N VAL A 97 -2.20 -8.01 -3.45
CA VAL A 97 -1.57 -7.60 -2.18
C VAL A 97 -1.48 -8.77 -1.19
N MET A 98 -2.48 -9.65 -1.20
CA MET A 98 -2.42 -10.88 -0.39
C MET A 98 -1.22 -11.74 -0.82
N GLU A 99 -0.93 -11.76 -2.12
CA GLU A 99 0.18 -12.53 -2.66
C GLU A 99 1.54 -11.85 -2.51
N ASN A 100 1.59 -10.53 -2.69
CA ASN A 100 2.87 -9.81 -2.74
C ASN A 100 3.19 -9.06 -1.44
N GLY A 101 2.17 -8.74 -0.65
CA GLY A 101 2.38 -7.96 0.56
C GLY A 101 3.20 -8.67 1.64
N LYS A 102 3.57 -9.93 1.40
CA LYS A 102 4.33 -10.72 2.38
C LYS A 102 5.85 -10.45 2.28
N THR A 103 6.31 -9.96 1.13
CA THR A 103 7.76 -9.82 0.88
C THR A 103 8.40 -8.66 1.66
N THR A 104 9.72 -8.71 1.80
CA THR A 104 10.48 -7.64 2.47
C THR A 104 11.20 -6.74 1.45
N THR A 105 10.93 -6.97 0.15
CA THR A 105 11.54 -6.19 -0.93
C THR A 105 11.07 -4.72 -0.87
N ILE A 106 11.95 -3.84 -0.38
CA ILE A 106 11.59 -2.42 -0.19
C ILE A 106 12.63 -1.48 -0.83
N LYS A 107 12.17 -0.61 -1.73
CA LYS A 107 13.02 0.42 -2.34
C LYS A 107 12.88 1.74 -1.57
N ASP A 108 13.99 2.28 -1.07
CA ASP A 108 13.96 3.56 -0.33
C ASP A 108 14.44 4.72 -1.20
N LEU A 109 13.63 5.77 -1.30
CA LEU A 109 13.96 6.95 -2.09
C LEU A 109 14.20 8.18 -1.19
N THR A 110 14.40 7.95 0.12
CA THR A 110 14.55 9.05 1.09
C THR A 110 16.01 9.31 1.45
N LEU A 111 16.80 8.23 1.58
CA LEU A 111 18.23 8.32 1.88
C LEU A 111 19.04 8.83 0.69
N GLU A 112 18.52 8.60 -0.52
CA GLU A 112 19.22 8.96 -1.75
C GLU A 112 19.25 10.47 -2.00
N HIS A 113 20.32 10.93 -2.64
CA HIS A 113 20.61 12.37 -2.77
C HIS A 113 19.78 13.05 -3.88
N HIS A 114 18.46 13.14 -3.65
CA HIS A 114 17.52 13.81 -4.57
C HIS A 114 17.45 13.15 -5.97
N HIS A 115 16.23 13.11 -6.52
CA HIS A 115 16.00 12.54 -7.86
C HIS A 115 14.89 13.28 -8.61
N HIS A 116 15.14 13.58 -9.89
CA HIS A 116 14.16 14.25 -10.74
C HIS A 116 12.89 13.40 -10.92
N HIS A 117 11.75 14.07 -11.05
CA HIS A 117 10.47 13.37 -11.26
C HIS A 117 9.43 14.30 -11.91
N HIS A 118 8.35 13.69 -12.42
CA HIS A 118 7.20 14.45 -12.94
C HIS A 118 6.49 15.23 -11.81
N MET A 1 11.04 -12.22 -8.51
CA MET A 1 10.65 -11.36 -7.37
C MET A 1 9.35 -10.59 -7.66
N SER A 2 8.22 -11.19 -7.33
CA SER A 2 6.90 -10.58 -7.57
C SER A 2 6.38 -9.89 -6.30
N GLY A 3 6.33 -8.56 -6.34
CA GLY A 3 5.81 -7.79 -5.21
C GLY A 3 6.90 -7.09 -4.41
N TRP A 4 6.72 -5.78 -4.18
CA TRP A 4 7.68 -4.99 -3.39
C TRP A 4 7.06 -3.69 -2.88
N TYR A 5 7.71 -3.09 -1.88
CA TYR A 5 7.29 -1.79 -1.33
C TYR A 5 8.24 -0.69 -1.79
N GLU A 6 7.71 0.52 -1.99
CA GLU A 6 8.54 1.69 -2.30
C GLU A 6 8.18 2.88 -1.40
N LEU A 7 9.07 3.24 -0.48
CA LEU A 7 8.82 4.33 0.46
C LEU A 7 9.30 5.68 -0.09
N SER A 8 8.38 6.64 -0.18
CA SER A 8 8.73 8.00 -0.63
C SER A 8 8.44 9.03 0.47
N LYS A 9 9.21 10.12 0.49
CA LYS A 9 9.05 11.15 1.51
C LYS A 9 8.41 12.42 0.94
N SER A 10 7.50 13.01 1.70
CA SER A 10 6.95 14.34 1.40
C SER A 10 7.84 15.43 2.00
N SER A 11 7.94 16.58 1.33
CA SER A 11 8.78 17.69 1.83
C SER A 11 8.35 18.17 3.23
N ASN A 12 7.21 17.69 3.69
CA ASN A 12 6.73 17.97 5.06
C ASN A 12 7.37 17.02 6.10
N ASP A 13 8.37 16.25 5.65
CA ASP A 13 9.06 15.26 6.51
C ASP A 13 8.15 14.07 6.87
N GLN A 14 7.05 13.92 6.15
CA GLN A 14 6.13 12.80 6.36
C GLN A 14 6.24 11.77 5.23
N PHE A 15 6.31 10.50 5.60
CA PHE A 15 6.59 9.41 4.65
C PHE A 15 5.32 8.66 4.22
N LYS A 16 5.31 8.24 2.96
CA LYS A 16 4.23 7.39 2.44
C LYS A 16 4.80 6.37 1.43
N PHE A 17 4.45 5.10 1.62
CA PHE A 17 4.96 4.04 0.76
C PHE A 17 3.86 3.45 -0.14
N VAL A 18 4.27 2.88 -1.26
CA VAL A 18 3.34 2.23 -2.20
C VAL A 18 3.69 0.76 -2.39
N LEU A 19 2.67 -0.09 -2.46
CA LEU A 19 2.87 -1.52 -2.68
C LEU A 19 2.56 -1.89 -4.14
N LYS A 20 3.57 -2.40 -4.83
CA LYS A 20 3.43 -2.80 -6.23
C LYS A 20 3.53 -4.32 -6.39
N ALA A 21 2.63 -4.88 -7.20
CA ALA A 21 2.66 -6.32 -7.51
C ALA A 21 3.76 -6.65 -8.53
N GLY A 22 3.86 -7.92 -8.93
CA GLY A 22 4.88 -8.34 -9.89
C GLY A 22 4.85 -7.55 -11.21
N ASN A 23 3.68 -7.04 -11.57
CA ASN A 23 3.50 -6.23 -12.79
C ASN A 23 3.88 -4.75 -12.56
N GLY A 24 4.44 -4.44 -11.38
CA GLY A 24 4.65 -3.05 -11.02
C GLY A 24 3.33 -2.31 -10.79
N GLU A 25 2.29 -3.11 -10.56
CA GLU A 25 0.92 -2.63 -10.41
C GLU A 25 0.68 -2.03 -9.02
N VAL A 26 0.44 -0.72 -8.95
CA VAL A 26 0.16 -0.04 -7.68
C VAL A 26 -1.22 -0.42 -7.13
N ILE A 27 -1.24 -1.22 -6.08
CA ILE A 27 -2.49 -1.69 -5.48
C ILE A 27 -2.82 -0.98 -4.16
N LEU A 28 -1.81 -0.79 -3.31
CA LEU A 28 -2.01 -0.11 -2.01
C LEU A 28 -1.04 1.08 -1.84
N THR A 29 -1.51 2.11 -1.14
CA THR A 29 -0.67 3.26 -0.79
C THR A 29 -0.98 3.73 0.64
N SER A 30 0.05 4.01 1.44
CA SER A 30 -0.13 4.38 2.85
C SER A 30 -0.42 5.88 3.02
N GLU A 31 -0.75 6.28 4.24
CA GLU A 31 -0.93 7.69 4.58
C GLU A 31 0.42 8.34 4.96
N LEU A 32 0.38 9.60 5.40
CA LEU A 32 1.60 10.33 5.75
C LEU A 32 2.06 10.04 7.20
N TYR A 33 3.02 9.13 7.33
CA TYR A 33 3.64 8.83 8.63
C TYR A 33 4.57 9.96 9.06
N THR A 34 4.49 10.36 10.33
CA THR A 34 5.32 11.45 10.86
C THR A 34 6.73 10.97 11.25
N GLY A 35 7.03 9.71 10.93
CA GLY A 35 8.35 9.15 11.21
C GLY A 35 8.72 8.00 10.29
N LYS A 36 9.98 7.92 9.87
CA LYS A 36 10.42 6.88 8.93
C LYS A 36 10.40 5.50 9.60
N SER A 37 10.86 5.44 10.85
CA SER A 37 10.78 4.19 11.64
C SER A 37 9.34 3.69 11.74
N GLY A 38 8.42 4.62 11.99
CA GLY A 38 6.99 4.29 11.99
C GLY A 38 6.49 3.79 10.64
N ALA A 39 6.96 4.41 9.56
CA ALA A 39 6.61 3.98 8.19
C ALA A 39 7.15 2.58 7.90
N MET A 40 8.39 2.31 8.33
CA MET A 40 8.99 0.99 8.18
C MET A 40 8.15 -0.06 8.93
N ASN A 41 7.89 0.19 10.21
CA ASN A 41 7.06 -0.69 11.03
C ASN A 41 5.67 -0.88 10.41
N GLY A 42 5.15 0.19 9.81
CA GLY A 42 3.89 0.12 9.08
C GLY A 42 3.94 -0.90 7.94
N ILE A 43 5.09 -0.96 7.25
CA ILE A 43 5.29 -1.93 6.18
C ILE A 43 5.26 -3.37 6.75
N GLU A 44 5.97 -3.57 7.85
CA GLU A 44 5.99 -4.87 8.53
C GLU A 44 4.58 -5.27 8.99
N SER A 45 3.77 -4.28 9.36
CA SER A 45 2.35 -4.51 9.66
C SER A 45 1.62 -5.02 8.41
N VAL A 46 1.79 -4.32 7.29
CA VAL A 46 1.19 -4.74 6.01
C VAL A 46 1.62 -6.17 5.64
N GLN A 47 2.90 -6.47 5.82
CA GLN A 47 3.43 -7.83 5.60
C GLN A 47 2.69 -8.86 6.48
N THR A 48 2.32 -8.44 7.70
CA THR A 48 1.55 -9.30 8.62
C THR A 48 0.07 -9.35 8.23
N ASN A 49 -0.44 -8.25 7.67
CA ASN A 49 -1.85 -8.14 7.29
C ASN A 49 -2.16 -8.84 5.96
N SER A 50 -1.18 -8.90 5.06
CA SER A 50 -1.34 -9.53 3.73
C SER A 50 -1.87 -10.98 3.82
N PRO A 51 -1.30 -11.85 4.69
CA PRO A 51 -1.80 -13.24 4.87
C PRO A 51 -3.08 -13.32 5.72
N ILE A 52 -3.62 -12.17 6.11
CA ILE A 52 -4.85 -12.11 6.91
C ILE A 52 -5.96 -11.31 6.18
N GLU A 53 -6.80 -12.01 5.42
CA GLU A 53 -7.86 -11.36 4.63
C GLU A 53 -8.77 -10.47 5.50
N ALA A 54 -8.98 -10.86 6.76
CA ALA A 54 -9.86 -10.13 7.68
C ALA A 54 -9.40 -8.67 7.94
N ARG A 55 -8.27 -8.27 7.35
CA ARG A 55 -7.74 -6.91 7.55
C ARG A 55 -8.29 -5.89 6.53
N TYR A 56 -8.66 -6.33 5.33
CA TYR A 56 -9.09 -5.38 4.29
C TYR A 56 -10.48 -4.80 4.57
N ALA A 57 -10.82 -3.71 3.87
CA ALA A 57 -12.11 -3.05 4.02
C ALA A 57 -12.62 -2.55 2.66
N LYS A 58 -13.66 -3.21 2.12
CA LYS A 58 -14.13 -2.93 0.75
C LYS A 58 -15.24 -1.88 0.70
N GLU A 59 -15.13 -0.92 -0.22
CA GLU A 59 -16.17 0.08 -0.44
C GLU A 59 -16.07 0.70 -1.84
N VAL A 60 -17.21 1.13 -2.39
CA VAL A 60 -17.26 1.82 -3.69
C VAL A 60 -17.82 3.25 -3.52
N ALA A 61 -16.98 4.24 -3.81
CA ALA A 61 -17.35 5.66 -3.65
C ALA A 61 -18.62 6.01 -4.45
N LYS A 62 -19.32 7.06 -4.00
CA LYS A 62 -20.58 7.50 -4.64
C LYS A 62 -20.34 7.98 -6.09
N ASN A 63 -19.11 8.38 -6.39
CA ASN A 63 -18.73 8.71 -7.77
C ASN A 63 -18.44 7.42 -8.57
N ASP A 64 -18.82 6.27 -8.00
CA ASP A 64 -18.62 4.95 -8.61
C ASP A 64 -17.13 4.62 -8.77
N LYS A 65 -16.36 4.92 -7.72
CA LYS A 65 -14.95 4.56 -7.66
C LYS A 65 -14.74 3.39 -6.70
N PRO A 66 -14.59 2.15 -7.22
CA PRO A 66 -14.33 0.97 -6.39
C PRO A 66 -12.90 0.95 -5.82
N TYR A 67 -12.79 0.90 -4.48
CA TYR A 67 -11.49 0.82 -3.81
C TYR A 67 -11.59 0.02 -2.51
N PHE A 68 -10.48 -0.08 -1.77
CA PHE A 68 -10.47 -0.77 -0.49
C PHE A 68 -9.35 -0.25 0.42
N ASN A 69 -9.61 -0.27 1.73
CA ASN A 69 -8.63 0.18 2.73
C ASN A 69 -8.06 -1.01 3.50
N LEU A 70 -6.87 -0.83 4.07
CA LEU A 70 -6.22 -1.89 4.84
C LEU A 70 -6.11 -1.52 6.32
N LYS A 71 -6.65 -2.37 7.19
CA LYS A 71 -6.62 -2.16 8.64
C LYS A 71 -5.48 -2.94 9.30
N ALA A 72 -4.86 -2.34 10.30
CA ALA A 72 -3.81 -2.99 11.09
C ALA A 72 -4.39 -3.75 12.30
N ALA A 73 -3.53 -4.42 13.06
CA ALA A 73 -3.97 -5.21 14.22
C ALA A 73 -4.84 -4.40 15.21
N ASN A 74 -4.50 -3.12 15.40
CA ASN A 74 -5.26 -2.24 16.30
C ASN A 74 -6.46 -1.59 15.56
N HIS A 75 -6.84 -2.18 14.42
CA HIS A 75 -8.07 -1.80 13.69
C HIS A 75 -7.91 -0.45 12.95
N GLN A 76 -6.73 0.14 13.03
CA GLN A 76 -6.46 1.46 12.44
C GLN A 76 -6.28 1.35 10.90
N ILE A 77 -6.70 2.40 10.18
CA ILE A 77 -6.54 2.45 8.73
C ILE A 77 -5.10 2.89 8.35
N ILE A 78 -4.25 1.92 8.02
CA ILE A 78 -2.85 2.20 7.64
C ILE A 78 -2.67 2.33 6.13
N GLY A 79 -3.46 1.59 5.36
CA GLY A 79 -3.32 1.60 3.90
C GLY A 79 -4.60 1.97 3.18
N THR A 80 -4.46 2.59 2.02
CA THR A 80 -5.60 2.95 1.16
C THR A 80 -5.29 2.65 -0.31
N SER A 81 -6.22 1.99 -1.00
CA SER A 81 -6.04 1.68 -2.42
C SER A 81 -6.45 2.86 -3.31
N GLN A 82 -6.25 2.71 -4.62
CA GLN A 82 -6.60 3.76 -5.58
C GLN A 82 -7.99 3.51 -6.19
N MET A 83 -8.44 4.44 -7.01
CA MET A 83 -9.74 4.32 -7.68
C MET A 83 -9.64 3.45 -8.95
N TYR A 84 -10.19 2.23 -8.88
CA TYR A 84 -10.21 1.32 -10.03
C TYR A 84 -11.34 1.68 -11.00
N SER A 85 -11.24 1.21 -12.25
CA SER A 85 -12.28 1.46 -13.26
C SER A 85 -13.28 0.31 -13.37
N SER A 86 -13.03 -0.77 -12.63
CA SER A 86 -13.93 -1.94 -12.60
C SER A 86 -14.02 -2.54 -11.18
N THR A 87 -15.21 -2.97 -10.79
CA THR A 87 -15.45 -3.52 -9.45
C THR A 87 -14.66 -4.82 -9.23
N ALA A 88 -14.75 -5.73 -10.19
CA ALA A 88 -13.98 -6.99 -10.15
C ALA A 88 -12.48 -6.73 -10.01
N ALA A 89 -12.00 -5.71 -10.73
CA ALA A 89 -10.58 -5.31 -10.66
C ALA A 89 -10.18 -4.88 -9.24
N ARG A 90 -11.13 -4.29 -8.52
CA ARG A 90 -10.91 -3.88 -7.12
C ARG A 90 -10.72 -5.11 -6.23
N ASP A 91 -11.65 -6.05 -6.29
CA ASP A 91 -11.54 -7.31 -5.55
C ASP A 91 -10.33 -8.14 -6.02
N ASN A 92 -9.96 -7.98 -7.30
CA ASN A 92 -8.74 -8.59 -7.83
C ASN A 92 -7.48 -7.89 -7.27
N GLY A 93 -7.58 -6.58 -7.03
CA GLY A 93 -6.51 -5.86 -6.34
C GLY A 93 -6.26 -6.42 -4.95
N ILE A 94 -7.33 -6.80 -4.26
CA ILE A 94 -7.23 -7.48 -2.97
C ILE A 94 -6.51 -8.83 -3.11
N LYS A 95 -6.87 -9.58 -4.14
CA LYS A 95 -6.16 -10.82 -4.48
C LYS A 95 -4.68 -10.52 -4.78
N SER A 96 -4.43 -9.40 -5.43
CA SER A 96 -3.06 -8.97 -5.75
C SER A 96 -2.24 -8.68 -4.49
N VAL A 97 -2.85 -8.04 -3.48
CA VAL A 97 -2.13 -7.72 -2.24
C VAL A 97 -1.98 -8.94 -1.32
N MET A 98 -2.92 -9.87 -1.33
CA MET A 98 -2.77 -11.09 -0.54
C MET A 98 -1.68 -12.00 -1.14
N GLU A 99 -1.45 -11.88 -2.45
CA GLU A 99 -0.34 -12.57 -3.12
C GLU A 99 1.01 -11.84 -2.94
N ASN A 100 1.06 -10.58 -3.37
CA ASN A 100 2.33 -9.82 -3.44
C ASN A 100 2.59 -8.96 -2.19
N GLY A 101 1.63 -8.91 -1.27
CA GLY A 101 1.75 -8.05 -0.10
C GLY A 101 2.77 -8.55 0.93
N LYS A 102 2.76 -9.85 1.20
CA LYS A 102 3.66 -10.46 2.19
C LYS A 102 5.11 -10.62 1.66
N THR A 103 5.61 -9.58 0.99
CA THR A 103 6.98 -9.55 0.49
C THR A 103 7.93 -8.78 1.42
N THR A 104 9.12 -9.32 1.66
CA THR A 104 10.12 -8.65 2.53
C THR A 104 10.97 -7.65 1.73
N THR A 105 10.63 -7.48 0.45
CA THR A 105 11.37 -6.59 -0.45
C THR A 105 10.94 -5.13 -0.29
N ILE A 106 11.72 -4.36 0.46
CA ILE A 106 11.41 -2.95 0.71
C ILE A 106 12.42 -2.02 0.00
N LYS A 107 11.91 -1.11 -0.82
CA LYS A 107 12.76 -0.14 -1.53
C LYS A 107 12.71 1.25 -0.87
N ASP A 108 13.81 1.99 -0.99
CA ASP A 108 13.92 3.32 -0.39
C ASP A 108 13.98 4.41 -1.48
N LEU A 109 12.95 5.25 -1.55
CA LEU A 109 12.91 6.38 -2.49
C LEU A 109 13.04 7.72 -1.75
N THR A 110 13.38 7.67 -0.47
CA THR A 110 13.53 8.89 0.34
C THR A 110 14.98 9.39 0.31
N LEU A 111 15.90 8.54 -0.13
CA LEU A 111 17.30 8.92 -0.30
C LEU A 111 17.46 10.07 -1.30
N GLU A 112 16.98 9.86 -2.52
CA GLU A 112 17.14 10.83 -3.60
C GLU A 112 16.01 11.86 -3.65
N HIS A 113 16.35 13.14 -3.61
CA HIS A 113 15.38 14.20 -3.92
C HIS A 113 15.01 14.14 -5.42
N HIS A 114 14.26 13.09 -5.78
CA HIS A 114 13.98 12.75 -7.18
C HIS A 114 13.48 13.94 -8.02
N HIS A 115 14.39 14.53 -8.78
CA HIS A 115 14.05 15.63 -9.69
C HIS A 115 13.60 15.08 -11.06
N HIS A 116 12.28 14.99 -11.24
CA HIS A 116 11.71 14.41 -12.46
C HIS A 116 11.40 15.50 -13.49
N HIS A 117 12.37 15.77 -14.36
CA HIS A 117 12.23 16.83 -15.38
C HIS A 117 12.42 16.27 -16.79
N HIS A 118 11.50 16.63 -17.69
CA HIS A 118 11.58 16.22 -19.10
C HIS A 118 12.42 17.24 -19.93
N MET A 1 6.45 -13.35 -10.97
CA MET A 1 6.84 -12.00 -10.50
C MET A 1 6.53 -11.82 -9.01
N SER A 2 6.98 -10.71 -8.44
CA SER A 2 6.65 -10.35 -7.05
C SER A 2 6.70 -8.82 -6.86
N GLY A 3 6.01 -8.34 -5.84
CA GLY A 3 5.91 -6.89 -5.62
C GLY A 3 7.00 -6.33 -4.72
N TRP A 4 6.90 -5.05 -4.41
CA TRP A 4 7.86 -4.37 -3.54
C TRP A 4 7.27 -3.06 -2.97
N TYR A 5 7.93 -2.51 -1.95
CA TYR A 5 7.51 -1.23 -1.36
C TYR A 5 8.47 -0.10 -1.74
N GLU A 6 7.93 1.02 -2.20
CA GLU A 6 8.74 2.23 -2.46
C GLU A 6 8.43 3.34 -1.45
N LEU A 7 9.37 3.61 -0.57
CA LEU A 7 9.20 4.63 0.48
C LEU A 7 9.82 5.97 0.06
N SER A 8 9.07 7.05 0.15
CA SER A 8 9.58 8.39 -0.18
C SER A 8 9.18 9.43 0.87
N LYS A 9 9.98 10.50 0.99
CA LYS A 9 9.73 11.59 1.93
C LYS A 9 9.07 12.80 1.25
N SER A 10 7.89 13.20 1.72
CA SER A 10 7.22 14.42 1.25
C SER A 10 7.96 15.67 1.76
N SER A 11 7.62 16.83 1.20
CA SER A 11 8.34 18.09 1.50
C SER A 11 8.29 18.46 3.00
N ASN A 12 7.35 17.90 3.74
CA ASN A 12 7.22 18.18 5.18
C ASN A 12 7.83 17.07 6.05
N ASP A 13 8.76 16.31 5.47
CA ASP A 13 9.48 15.23 6.18
C ASP A 13 8.57 14.01 6.49
N GLN A 14 7.31 14.04 6.04
CA GLN A 14 6.41 12.91 6.26
C GLN A 14 6.67 11.78 5.26
N PHE A 15 6.65 10.54 5.75
CA PHE A 15 6.98 9.38 4.94
C PHE A 15 5.73 8.61 4.50
N LYS A 16 5.72 8.15 3.26
CA LYS A 16 4.66 7.24 2.77
C LYS A 16 5.25 6.22 1.80
N PHE A 17 4.66 5.02 1.76
CA PHE A 17 5.17 3.96 0.88
C PHE A 17 4.06 3.41 -0.03
N VAL A 18 4.47 2.91 -1.20
CA VAL A 18 3.55 2.33 -2.17
C VAL A 18 3.91 0.86 -2.46
N LEU A 19 2.90 0.00 -2.57
CA LEU A 19 3.10 -1.42 -2.83
C LEU A 19 2.75 -1.79 -4.27
N LYS A 20 3.71 -2.40 -4.98
CA LYS A 20 3.52 -2.82 -6.37
C LYS A 20 2.91 -4.23 -6.47
N ALA A 21 2.07 -4.45 -7.48
CA ALA A 21 1.45 -5.75 -7.73
C ALA A 21 2.35 -6.68 -8.57
N GLY A 22 3.65 -6.48 -8.47
CA GLY A 22 4.61 -7.27 -9.23
C GLY A 22 4.87 -6.70 -10.62
N ASN A 23 3.81 -6.34 -11.33
CA ASN A 23 3.92 -5.80 -12.69
C ASN A 23 4.42 -4.34 -12.69
N GLY A 24 4.47 -3.72 -11.51
CA GLY A 24 4.94 -2.35 -11.40
C GLY A 24 3.86 -1.37 -10.94
N GLU A 25 2.59 -1.76 -11.05
CA GLU A 25 1.48 -0.88 -10.66
C GLU A 25 1.27 -0.87 -9.13
N VAL A 26 0.80 0.26 -8.60
CA VAL A 26 0.59 0.42 -7.16
C VAL A 26 -0.81 -0.04 -6.73
N ILE A 27 -0.86 -1.08 -5.92
CA ILE A 27 -2.14 -1.58 -5.37
C ILE A 27 -2.50 -0.89 -4.04
N LEU A 28 -1.55 -0.83 -3.10
CA LEU A 28 -1.80 -0.22 -1.78
C LEU A 28 -0.79 0.89 -1.47
N THR A 29 -1.31 2.07 -1.15
CA THR A 29 -0.50 3.22 -0.70
C THR A 29 -0.94 3.65 0.70
N SER A 30 0.01 3.76 1.62
CA SER A 30 -0.32 4.14 3.01
C SER A 30 -0.37 5.66 3.19
N GLU A 31 -0.71 6.10 4.40
CA GLU A 31 -0.82 7.53 4.72
C GLU A 31 0.53 8.12 5.16
N LEU A 32 0.54 9.43 5.40
CA LEU A 32 1.77 10.13 5.80
C LEU A 32 2.14 9.88 7.26
N TYR A 33 3.27 9.20 7.48
CA TYR A 33 3.82 8.99 8.83
C TYR A 33 4.81 10.11 9.20
N THR A 34 5.00 10.36 10.50
CA THR A 34 5.95 11.39 10.95
C THR A 34 7.38 10.83 11.06
N GLY A 35 7.49 9.52 11.30
CA GLY A 35 8.80 8.88 11.41
C GLY A 35 8.99 7.73 10.41
N LYS A 36 10.18 7.63 9.82
CA LYS A 36 10.49 6.56 8.85
C LYS A 36 10.34 5.17 9.50
N SER A 37 10.77 5.05 10.75
CA SER A 37 10.62 3.80 11.51
C SER A 37 9.14 3.41 11.63
N GLY A 38 8.27 4.39 11.83
CA GLY A 38 6.83 4.14 11.90
C GLY A 38 6.25 3.67 10.57
N ALA A 39 6.69 4.29 9.47
CA ALA A 39 6.27 3.87 8.14
C ALA A 39 6.62 2.40 7.88
N MET A 40 7.86 2.02 8.17
CA MET A 40 8.30 0.63 8.02
C MET A 40 7.53 -0.29 8.97
N ASN A 41 7.26 0.19 10.19
CA ASN A 41 6.39 -0.54 11.13
C ASN A 41 5.02 -0.83 10.49
N GLY A 42 4.53 0.15 9.73
CA GLY A 42 3.32 -0.06 8.94
C GLY A 42 3.48 -1.18 7.93
N ILE A 43 4.67 -1.26 7.30
CA ILE A 43 4.98 -2.33 6.34
C ILE A 43 4.95 -3.71 7.03
N GLU A 44 5.55 -3.79 8.22
CA GLU A 44 5.51 -5.02 9.02
C GLU A 44 4.06 -5.40 9.37
N SER A 45 3.25 -4.38 9.68
CA SER A 45 1.81 -4.59 9.91
C SER A 45 1.12 -5.13 8.65
N VAL A 46 1.54 -4.64 7.48
CA VAL A 46 1.07 -5.17 6.20
C VAL A 46 1.46 -6.65 6.03
N GLN A 47 2.69 -6.98 6.41
CA GLN A 47 3.18 -8.37 6.36
C GLN A 47 2.30 -9.29 7.23
N THR A 48 1.79 -8.76 8.33
CA THR A 48 0.92 -9.52 9.25
C THR A 48 -0.51 -9.65 8.68
N ASN A 49 -1.06 -8.54 8.19
CA ASN A 49 -2.47 -8.48 7.74
C ASN A 49 -2.66 -9.03 6.32
N SER A 50 -1.65 -8.92 5.47
CA SER A 50 -1.73 -9.36 4.05
C SER A 50 -2.36 -10.77 3.89
N PRO A 51 -1.88 -11.80 4.64
CA PRO A 51 -2.46 -13.15 4.55
C PRO A 51 -3.75 -13.33 5.37
N ILE A 52 -4.29 -12.24 5.93
CA ILE A 52 -5.49 -12.31 6.78
C ILE A 52 -6.62 -11.44 6.24
N GLU A 53 -7.61 -12.07 5.59
CA GLU A 53 -8.76 -11.35 5.03
C GLU A 53 -9.58 -10.66 6.13
N ALA A 54 -9.51 -11.18 7.37
CA ALA A 54 -10.25 -10.58 8.50
C ALA A 54 -9.86 -9.11 8.75
N ARG A 55 -8.81 -8.63 8.10
CA ARG A 55 -8.38 -7.22 8.21
C ARG A 55 -8.79 -6.43 6.95
N TYR A 56 -9.77 -6.94 6.23
CA TYR A 56 -10.20 -6.36 4.95
C TYR A 56 -10.92 -5.01 5.12
N ALA A 57 -10.92 -4.23 4.04
CA ALA A 57 -11.81 -3.08 3.91
C ALA A 57 -12.28 -2.95 2.45
N LYS A 58 -13.49 -3.43 2.17
CA LYS A 58 -14.06 -3.39 0.82
C LYS A 58 -15.14 -2.30 0.75
N GLU A 59 -14.90 -1.25 -0.02
CA GLU A 59 -15.79 -0.09 -0.03
C GLU A 59 -16.07 0.42 -1.46
N VAL A 60 -17.00 1.37 -1.59
CA VAL A 60 -17.33 2.00 -2.86
C VAL A 60 -17.35 3.53 -2.74
N ALA A 61 -16.73 4.22 -3.68
CA ALA A 61 -16.73 5.69 -3.69
C ALA A 61 -18.10 6.27 -4.04
N LYS A 62 -18.33 7.54 -3.67
CA LYS A 62 -19.60 8.21 -3.93
C LYS A 62 -19.90 8.34 -5.43
N ASN A 63 -18.86 8.16 -6.25
CA ASN A 63 -19.02 8.12 -7.72
C ASN A 63 -19.42 6.71 -8.19
N ASP A 64 -19.81 5.85 -7.25
CA ASP A 64 -20.17 4.45 -7.55
C ASP A 64 -18.94 3.66 -8.05
N LYS A 65 -17.75 4.18 -7.75
CA LYS A 65 -16.49 3.56 -8.16
C LYS A 65 -15.86 2.78 -6.98
N PRO A 66 -15.81 1.43 -7.08
CA PRO A 66 -15.34 0.59 -5.98
C PRO A 66 -13.81 0.65 -5.75
N TYR A 67 -13.42 0.49 -4.49
CA TYR A 67 -12.00 0.42 -4.11
C TYR A 67 -11.86 -0.24 -2.72
N PHE A 68 -10.64 -0.39 -2.23
CA PHE A 68 -10.43 -1.05 -0.94
C PHE A 68 -9.28 -0.42 -0.14
N ASN A 69 -9.20 -0.80 1.12
CA ASN A 69 -8.13 -0.32 2.03
C ASN A 69 -7.60 -1.48 2.88
N LEU A 70 -6.40 -1.32 3.41
CA LEU A 70 -5.81 -2.27 4.35
C LEU A 70 -5.67 -1.61 5.73
N LYS A 71 -6.16 -2.29 6.76
CA LYS A 71 -6.19 -1.73 8.11
C LYS A 71 -5.35 -2.55 9.09
N ALA A 72 -4.90 -1.90 10.16
CA ALA A 72 -4.26 -2.58 11.29
C ALA A 72 -5.31 -2.96 12.34
N ALA A 73 -4.87 -3.66 13.40
CA ALA A 73 -5.78 -4.13 14.45
C ALA A 73 -6.69 -3.02 15.01
N ASN A 74 -6.14 -1.83 15.21
CA ASN A 74 -6.91 -0.70 15.75
C ASN A 74 -7.71 0.04 14.65
N HIS A 75 -7.96 -0.65 13.53
CA HIS A 75 -8.86 -0.16 12.46
C HIS A 75 -8.28 1.05 11.71
N GLN A 76 -6.99 1.31 11.90
CA GLN A 76 -6.32 2.44 11.24
C GLN A 76 -5.89 2.09 9.81
N ILE A 77 -5.87 3.09 8.94
CA ILE A 77 -5.51 2.88 7.54
C ILE A 77 -3.99 2.76 7.34
N ILE A 78 -3.54 1.56 6.99
CA ILE A 78 -2.13 1.33 6.66
C ILE A 78 -1.95 1.08 5.16
N GLY A 79 -3.07 1.05 4.43
CA GLY A 79 -3.03 0.91 2.98
C GLY A 79 -4.30 1.42 2.29
N THR A 80 -4.14 2.07 1.15
CA THR A 80 -5.29 2.56 0.36
C THR A 80 -5.10 2.26 -1.13
N SER A 81 -6.13 1.74 -1.78
CA SER A 81 -6.05 1.42 -3.22
C SER A 81 -6.49 2.61 -4.07
N GLN A 82 -6.26 2.51 -5.38
CA GLN A 82 -6.76 3.51 -6.33
C GLN A 82 -8.27 3.33 -6.56
N MET A 83 -8.94 4.39 -7.01
CA MET A 83 -10.36 4.32 -7.36
C MET A 83 -10.58 3.46 -8.63
N TYR A 84 -11.11 2.25 -8.45
CA TYR A 84 -11.32 1.32 -9.57
C TYR A 84 -12.64 1.61 -10.31
N SER A 85 -12.77 1.02 -11.49
CA SER A 85 -13.98 1.15 -12.31
C SER A 85 -14.92 -0.04 -12.09
N SER A 86 -14.35 -1.22 -11.91
CA SER A 86 -15.14 -2.46 -11.72
C SER A 86 -14.88 -3.08 -10.34
N THR A 87 -15.90 -3.73 -9.79
CA THR A 87 -15.76 -4.44 -8.51
C THR A 87 -14.77 -5.60 -8.65
N ALA A 88 -14.75 -6.21 -9.85
CA ALA A 88 -13.81 -7.29 -10.16
C ALA A 88 -12.35 -6.82 -10.01
N ALA A 89 -12.02 -5.67 -10.60
CA ALA A 89 -10.67 -5.11 -10.49
C ALA A 89 -10.29 -4.82 -9.03
N ARG A 90 -11.28 -4.39 -8.25
CA ARG A 90 -11.08 -4.15 -6.81
C ARG A 90 -10.65 -5.44 -6.09
N ASP A 91 -11.40 -6.53 -6.27
CA ASP A 91 -11.08 -7.80 -5.62
C ASP A 91 -9.80 -8.43 -6.22
N ASN A 92 -9.54 -8.13 -7.49
CA ASN A 92 -8.26 -8.49 -8.11
C ASN A 92 -7.09 -7.83 -7.36
N GLY A 93 -7.26 -6.55 -7.01
CA GLY A 93 -6.27 -5.85 -6.20
C GLY A 93 -6.04 -6.53 -4.84
N ILE A 94 -7.14 -6.90 -4.18
CA ILE A 94 -7.07 -7.64 -2.91
C ILE A 94 -6.27 -8.95 -3.08
N LYS A 95 -6.57 -9.69 -4.14
CA LYS A 95 -5.80 -10.90 -4.46
C LYS A 95 -4.34 -10.56 -4.79
N SER A 96 -4.11 -9.40 -5.41
CA SER A 96 -2.77 -8.95 -5.79
C SER A 96 -1.90 -8.64 -4.55
N VAL A 97 -2.52 -8.07 -3.50
CA VAL A 97 -1.79 -7.79 -2.25
C VAL A 97 -1.57 -9.06 -1.42
N MET A 98 -2.47 -10.03 -1.53
CA MET A 98 -2.27 -11.35 -0.90
C MET A 98 -1.19 -12.16 -1.63
N GLU A 99 -1.03 -11.89 -2.94
CA GLU A 99 0.02 -12.52 -3.74
C GLU A 99 1.39 -11.84 -3.55
N ASN A 100 1.45 -10.54 -3.83
CA ASN A 100 2.72 -9.79 -3.84
C ASN A 100 3.00 -9.09 -2.51
N GLY A 101 1.95 -8.79 -1.75
CA GLY A 101 2.09 -7.98 -0.52
C GLY A 101 3.07 -8.58 0.49
N LYS A 102 3.09 -9.90 0.61
CA LYS A 102 3.98 -10.60 1.55
C LYS A 102 5.43 -10.67 1.01
N THR A 103 5.90 -9.57 0.44
CA THR A 103 7.28 -9.47 -0.08
C THR A 103 8.19 -8.69 0.89
N THR A 104 9.46 -9.08 0.95
CA THR A 104 10.43 -8.41 1.82
C THR A 104 11.34 -7.45 1.04
N THR A 105 11.00 -7.21 -0.22
CA THR A 105 11.76 -6.26 -1.06
C THR A 105 11.27 -4.82 -0.82
N ILE A 106 12.07 -4.03 -0.10
CA ILE A 106 11.71 -2.63 0.20
C ILE A 106 12.75 -1.64 -0.35
N LYS A 107 12.32 -0.79 -1.27
CA LYS A 107 13.21 0.22 -1.87
C LYS A 107 13.01 1.60 -1.19
N ASP A 108 14.04 2.10 -0.51
CA ASP A 108 13.98 3.42 0.12
C ASP A 108 14.46 4.51 -0.85
N LEU A 109 13.62 5.52 -1.06
CA LEU A 109 13.95 6.62 -1.96
C LEU A 109 14.21 7.93 -1.19
N THR A 110 14.31 7.84 0.13
CA THR A 110 14.56 9.02 0.97
C THR A 110 16.05 9.30 1.12
N LEU A 111 16.81 8.21 1.22
CA LEU A 111 18.28 8.28 1.30
C LEU A 111 18.91 8.22 -0.10
N GLU A 112 18.61 7.14 -0.82
CA GLU A 112 19.18 6.92 -2.16
C GLU A 112 18.14 7.18 -3.28
N HIS A 113 18.52 8.00 -4.24
CA HIS A 113 17.66 8.29 -5.39
C HIS A 113 18.02 7.36 -6.56
N HIS A 114 17.63 6.09 -6.41
CA HIS A 114 18.03 5.04 -7.36
C HIS A 114 17.29 5.19 -8.71
N HIS A 115 17.90 5.93 -9.63
CA HIS A 115 17.34 6.14 -10.97
C HIS A 115 17.89 5.11 -11.97
N HIS A 116 17.00 4.30 -12.54
CA HIS A 116 17.41 3.17 -13.40
C HIS A 116 17.06 3.38 -14.88
N HIS A 117 18.05 3.21 -15.75
CA HIS A 117 17.83 3.28 -17.20
C HIS A 117 17.23 1.97 -17.74
N HIS A 118 17.44 0.88 -17.00
CA HIS A 118 16.82 -0.41 -17.33
C HIS A 118 15.58 -0.66 -16.45
N MET A 1 4.41 -12.84 -4.36
CA MET A 1 5.51 -12.18 -3.61
C MET A 1 6.45 -11.40 -4.56
N SER A 2 6.20 -11.51 -5.88
CA SER A 2 7.03 -10.84 -6.89
C SER A 2 6.93 -9.29 -6.82
N GLY A 3 5.88 -8.80 -6.16
CA GLY A 3 5.70 -7.36 -5.99
C GLY A 3 6.67 -6.75 -5.00
N TRP A 4 6.65 -5.42 -4.89
CA TRP A 4 7.59 -4.71 -4.01
C TRP A 4 7.02 -3.39 -3.49
N TYR A 5 7.65 -2.86 -2.44
CA TYR A 5 7.27 -1.56 -1.85
C TYR A 5 8.27 -0.47 -2.21
N GLU A 6 7.77 0.73 -2.45
CA GLU A 6 8.62 1.91 -2.67
C GLU A 6 8.24 3.04 -1.72
N LEU A 7 9.16 3.42 -0.83
CA LEU A 7 8.91 4.47 0.16
C LEU A 7 9.32 5.85 -0.36
N SER A 8 8.37 6.79 -0.37
CA SER A 8 8.63 8.17 -0.82
C SER A 8 8.37 9.17 0.32
N LYS A 9 8.97 10.36 0.22
CA LYS A 9 8.86 11.36 1.28
C LYS A 9 8.18 12.64 0.78
N SER A 10 7.14 13.09 1.50
CA SER A 10 6.41 14.31 1.15
C SER A 10 7.15 15.57 1.62
N SER A 11 6.61 16.75 1.31
CA SER A 11 7.25 18.03 1.63
C SER A 11 7.50 18.19 3.14
N ASN A 12 6.59 17.66 3.94
CA ASN A 12 6.71 17.76 5.42
C ASN A 12 7.63 16.67 6.00
N ASP A 13 8.45 16.06 5.15
CA ASP A 13 9.32 14.94 5.56
C ASP A 13 8.49 13.75 6.08
N GLN A 14 7.21 13.72 5.73
CA GLN A 14 6.32 12.61 6.10
C GLN A 14 6.45 11.46 5.08
N PHE A 15 6.50 10.23 5.58
CA PHE A 15 6.82 9.07 4.76
C PHE A 15 5.56 8.33 4.27
N LYS A 16 5.56 7.96 2.99
CA LYS A 16 4.45 7.24 2.36
C LYS A 16 4.97 6.17 1.38
N PHE A 17 4.61 4.91 1.61
CA PHE A 17 5.04 3.81 0.74
C PHE A 17 3.91 3.30 -0.16
N VAL A 18 4.28 2.84 -1.36
CA VAL A 18 3.32 2.28 -2.32
C VAL A 18 3.69 0.83 -2.69
N LEU A 19 2.67 -0.01 -2.85
CA LEU A 19 2.88 -1.42 -3.19
C LEU A 19 2.54 -1.71 -4.66
N LYS A 20 3.54 -2.15 -5.42
CA LYS A 20 3.35 -2.53 -6.83
C LYS A 20 3.14 -4.05 -6.96
N ALA A 21 2.13 -4.43 -7.74
CA ALA A 21 1.74 -5.85 -7.88
C ALA A 21 2.64 -6.65 -8.83
N GLY A 22 3.93 -6.35 -8.82
CA GLY A 22 4.88 -7.08 -9.67
C GLY A 22 4.99 -6.53 -11.08
N ASN A 23 3.85 -6.27 -11.72
CA ASN A 23 3.82 -5.76 -13.09
C ASN A 23 4.20 -4.26 -13.16
N GLY A 24 4.37 -3.65 -11.99
CA GLY A 24 4.71 -2.22 -11.93
C GLY A 24 3.51 -1.36 -11.55
N GLU A 25 2.31 -1.93 -11.63
CA GLU A 25 1.08 -1.22 -11.28
C GLU A 25 0.87 -1.16 -9.75
N VAL A 26 0.62 0.04 -9.23
CA VAL A 26 0.43 0.25 -7.79
C VAL A 26 -0.99 -0.12 -7.33
N ILE A 27 -1.08 -1.07 -6.40
CA ILE A 27 -2.39 -1.46 -5.85
C ILE A 27 -2.72 -0.72 -4.54
N LEU A 28 -1.70 -0.48 -3.70
CA LEU A 28 -1.90 0.17 -2.39
C LEU A 28 -1.03 1.43 -2.24
N THR A 29 -1.63 2.49 -1.70
CA THR A 29 -0.92 3.73 -1.39
C THR A 29 -1.17 4.15 0.08
N SER A 30 -0.13 4.14 0.90
CA SER A 30 -0.27 4.48 2.32
C SER A 30 -0.28 6.01 2.56
N GLU A 31 -0.75 6.41 3.75
CA GLU A 31 -0.81 7.82 4.12
C GLU A 31 0.54 8.34 4.66
N LEU A 32 0.54 9.59 5.12
CA LEU A 32 1.77 10.26 5.55
C LEU A 32 2.15 9.90 7.00
N TYR A 33 3.06 8.95 7.15
CA TYR A 33 3.60 8.58 8.46
C TYR A 33 4.55 9.67 8.99
N THR A 34 4.47 9.96 10.28
CA THR A 34 5.34 10.95 10.93
C THR A 34 6.66 10.31 11.42
N GLY A 35 6.96 9.11 10.91
CA GLY A 35 8.19 8.42 11.29
C GLY A 35 8.62 7.39 10.24
N LYS A 36 9.90 7.43 9.85
CA LYS A 36 10.45 6.53 8.84
C LYS A 36 10.32 5.05 9.26
N SER A 37 10.87 4.72 10.42
CA SER A 37 10.71 3.37 10.98
C SER A 37 9.23 3.03 11.22
N GLY A 38 8.43 4.07 11.48
CA GLY A 38 6.99 3.90 11.64
C GLY A 38 6.30 3.45 10.35
N ALA A 39 6.75 4.00 9.22
CA ALA A 39 6.23 3.57 7.91
C ALA A 39 6.57 2.11 7.64
N MET A 40 7.83 1.75 7.86
CA MET A 40 8.27 0.35 7.74
C MET A 40 7.48 -0.56 8.69
N ASN A 41 7.25 -0.07 9.91
CA ASN A 41 6.35 -0.73 10.87
C ASN A 41 4.97 -0.97 10.26
N GLY A 42 4.48 0.00 9.48
CA GLY A 42 3.25 -0.19 8.73
C GLY A 42 3.35 -1.37 7.77
N ILE A 43 4.52 -1.53 7.15
CA ILE A 43 4.77 -2.67 6.25
C ILE A 43 4.74 -4.00 7.01
N GLU A 44 5.27 -3.99 8.25
CA GLU A 44 5.18 -5.17 9.14
C GLU A 44 3.72 -5.52 9.41
N SER A 45 2.91 -4.50 9.66
CA SER A 45 1.47 -4.68 9.85
C SER A 45 0.85 -5.36 8.62
N VAL A 46 1.29 -4.94 7.42
CA VAL A 46 0.85 -5.57 6.17
C VAL A 46 1.37 -7.02 6.05
N GLN A 47 2.63 -7.24 6.48
CA GLN A 47 3.22 -8.58 6.51
C GLN A 47 2.33 -9.57 7.28
N THR A 48 1.70 -9.09 8.34
CA THR A 48 0.77 -9.90 9.14
C THR A 48 -0.62 -9.99 8.49
N ASN A 49 -1.16 -8.83 8.10
CA ASN A 49 -2.52 -8.74 7.55
C ASN A 49 -2.67 -9.37 6.15
N SER A 50 -1.57 -9.39 5.38
CA SER A 50 -1.59 -9.82 3.96
C SER A 50 -2.48 -11.06 3.68
N PRO A 51 -2.29 -12.21 4.38
CA PRO A 51 -3.12 -13.40 4.16
C PRO A 51 -4.39 -13.45 5.03
N ILE A 52 -4.63 -12.39 5.80
CA ILE A 52 -5.74 -12.38 6.76
C ILE A 52 -6.90 -11.46 6.31
N GLU A 53 -7.94 -12.07 5.75
CA GLU A 53 -9.13 -11.33 5.29
C GLU A 53 -9.87 -10.67 6.48
N ALA A 54 -9.71 -11.24 7.67
CA ALA A 54 -10.37 -10.71 8.88
C ALA A 54 -10.07 -9.22 9.13
N ARG A 55 -8.95 -8.73 8.61
CA ARG A 55 -8.54 -7.32 8.79
C ARG A 55 -9.02 -6.43 7.62
N TYR A 56 -10.06 -6.88 6.92
CA TYR A 56 -10.49 -6.26 5.65
C TYR A 56 -11.23 -4.92 5.83
N ALA A 57 -11.38 -4.22 4.71
CA ALA A 57 -12.21 -3.02 4.60
C ALA A 57 -12.48 -2.69 3.11
N LYS A 58 -13.68 -3.04 2.62
CA LYS A 58 -14.04 -2.78 1.22
C LYS A 58 -15.07 -1.64 1.12
N GLU A 59 -14.82 -0.66 0.23
CA GLU A 59 -15.74 0.48 0.06
C GLU A 59 -15.89 0.90 -1.41
N VAL A 60 -16.87 1.76 -1.68
CA VAL A 60 -17.06 2.35 -3.00
C VAL A 60 -17.17 3.88 -2.90
N ALA A 61 -16.30 4.60 -3.61
CA ALA A 61 -16.30 6.06 -3.58
C ALA A 61 -17.59 6.63 -4.21
N LYS A 62 -17.95 7.85 -3.82
CA LYS A 62 -19.18 8.50 -4.31
C LYS A 62 -19.13 8.76 -5.82
N ASN A 63 -17.95 8.61 -6.42
CA ASN A 63 -17.80 8.74 -7.87
C ASN A 63 -18.09 7.38 -8.56
N ASP A 64 -18.65 6.43 -7.81
CA ASP A 64 -18.92 5.08 -8.29
C ASP A 64 -17.61 4.32 -8.60
N LYS A 65 -16.53 4.76 -7.98
CA LYS A 65 -15.23 4.10 -8.11
C LYS A 65 -14.95 3.19 -6.89
N PRO A 66 -14.92 1.87 -7.09
CA PRO A 66 -14.67 0.91 -5.99
C PRO A 66 -13.19 0.87 -5.55
N TYR A 67 -12.97 0.74 -4.25
CA TYR A 67 -11.62 0.63 -3.68
C TYR A 67 -11.65 -0.15 -2.36
N PHE A 68 -10.50 -0.29 -1.72
CA PHE A 68 -10.42 -0.93 -0.41
C PHE A 68 -9.25 -0.38 0.41
N ASN A 69 -9.33 -0.55 1.72
CA ASN A 69 -8.29 -0.08 2.63
C ASN A 69 -7.88 -1.17 3.63
N LEU A 70 -6.63 -1.13 4.07
CA LEU A 70 -6.09 -2.12 4.98
C LEU A 70 -5.80 -1.49 6.36
N LYS A 71 -6.21 -2.18 7.42
CA LYS A 71 -6.10 -1.64 8.78
C LYS A 71 -5.32 -2.59 9.72
N ALA A 72 -4.55 -2.00 10.63
CA ALA A 72 -3.84 -2.77 11.67
C ALA A 72 -4.82 -3.31 12.73
N ALA A 73 -4.30 -4.03 13.72
CA ALA A 73 -5.13 -4.66 14.75
C ALA A 73 -6.13 -3.68 15.41
N ASN A 74 -5.71 -2.44 15.64
CA ASN A 74 -6.59 -1.42 16.26
C ASN A 74 -7.47 -0.71 15.21
N HIS A 75 -7.52 -1.28 13.99
CA HIS A 75 -8.37 -0.76 12.90
C HIS A 75 -7.87 0.59 12.36
N GLN A 76 -6.61 0.90 12.62
CA GLN A 76 -6.00 2.13 12.12
C GLN A 76 -5.60 1.97 10.65
N ILE A 77 -5.87 3.00 9.84
CA ILE A 77 -5.54 2.97 8.41
C ILE A 77 -4.02 2.88 8.17
N ILE A 78 -3.56 1.74 7.67
CA ILE A 78 -2.15 1.56 7.32
C ILE A 78 -1.93 1.58 5.80
N GLY A 79 -3.00 1.31 5.03
CA GLY A 79 -2.90 1.36 3.58
C GLY A 79 -4.24 1.67 2.90
N THR A 80 -4.20 2.50 1.84
CA THR A 80 -5.38 2.81 1.03
C THR A 80 -5.11 2.62 -0.46
N SER A 81 -5.87 1.74 -1.10
CA SER A 81 -5.75 1.51 -2.54
C SER A 81 -6.20 2.73 -3.35
N GLN A 82 -5.88 2.73 -4.64
CA GLN A 82 -6.36 3.76 -5.55
C GLN A 82 -7.80 3.45 -6.00
N MET A 83 -8.52 4.49 -6.42
CA MET A 83 -9.90 4.31 -6.90
C MET A 83 -9.91 3.51 -8.22
N TYR A 84 -10.36 2.26 -8.15
CA TYR A 84 -10.35 1.37 -9.32
C TYR A 84 -11.52 1.65 -10.27
N SER A 85 -11.41 1.17 -11.50
CA SER A 85 -12.47 1.32 -12.51
C SER A 85 -13.59 0.29 -12.31
N SER A 86 -13.20 -0.96 -12.05
CA SER A 86 -14.18 -2.06 -11.86
C SER A 86 -14.00 -2.74 -10.50
N THR A 87 -15.02 -3.47 -10.06
CA THR A 87 -14.92 -4.25 -8.82
C THR A 87 -13.93 -5.41 -9.00
N ALA A 88 -13.89 -5.96 -10.22
CA ALA A 88 -12.93 -7.03 -10.54
C ALA A 88 -11.48 -6.58 -10.31
N ALA A 89 -11.17 -5.35 -10.71
CA ALA A 89 -9.85 -4.75 -10.43
C ALA A 89 -9.58 -4.68 -8.93
N ARG A 90 -10.61 -4.29 -8.17
CA ARG A 90 -10.52 -4.25 -6.70
C ARG A 90 -10.25 -5.64 -6.11
N ASP A 91 -11.04 -6.62 -6.54
CA ASP A 91 -10.91 -8.00 -6.06
C ASP A 91 -9.52 -8.57 -6.36
N ASN A 92 -9.10 -8.53 -7.62
CA ASN A 92 -7.77 -9.02 -8.01
C ASN A 92 -6.67 -8.16 -7.38
N GLY A 93 -6.98 -6.92 -7.04
CA GLY A 93 -6.07 -6.11 -6.24
C GLY A 93 -5.85 -6.70 -4.85
N ILE A 94 -6.96 -6.96 -4.15
CA ILE A 94 -6.92 -7.62 -2.83
C ILE A 94 -6.17 -8.96 -2.91
N LYS A 95 -6.52 -9.78 -3.91
CA LYS A 95 -5.81 -11.04 -4.17
C LYS A 95 -4.29 -10.81 -4.29
N SER A 96 -3.91 -9.81 -5.09
CA SER A 96 -2.49 -9.46 -5.27
C SER A 96 -1.85 -8.97 -3.97
N VAL A 97 -2.65 -8.36 -3.09
CA VAL A 97 -2.18 -7.98 -1.76
C VAL A 97 -1.88 -9.22 -0.91
N MET A 98 -2.77 -10.21 -0.98
CA MET A 98 -2.56 -11.49 -0.29
C MET A 98 -1.33 -12.23 -0.85
N GLU A 99 -1.00 -11.96 -2.11
CA GLU A 99 0.17 -12.57 -2.77
C GLU A 99 1.47 -11.80 -2.51
N ASN A 100 1.42 -10.47 -2.55
CA ASN A 100 2.65 -9.65 -2.53
C ASN A 100 2.80 -8.78 -1.28
N GLY A 101 1.71 -8.58 -0.53
CA GLY A 101 1.78 -7.78 0.70
C GLY A 101 2.83 -8.30 1.69
N LYS A 102 3.12 -9.59 1.59
CA LYS A 102 4.12 -10.25 2.43
C LYS A 102 5.48 -10.40 1.70
N THR A 103 5.83 -9.40 0.87
CA THR A 103 7.14 -9.40 0.18
C THR A 103 8.20 -8.66 0.98
N THR A 104 9.48 -8.88 0.66
CA THR A 104 10.59 -8.29 1.41
C THR A 104 11.33 -7.21 0.60
N THR A 105 11.02 -7.08 -0.69
CA THR A 105 11.66 -6.07 -1.54
C THR A 105 11.12 -4.66 -1.24
N ILE A 106 11.91 -3.85 -0.55
CA ILE A 106 11.50 -2.49 -0.18
C ILE A 106 12.54 -1.45 -0.64
N LYS A 107 12.16 -0.62 -1.62
CA LYS A 107 13.03 0.42 -2.17
C LYS A 107 12.89 1.74 -1.39
N ASP A 108 14.03 2.32 -0.97
CA ASP A 108 14.02 3.58 -0.24
C ASP A 108 14.29 4.77 -1.20
N LEU A 109 13.28 5.60 -1.41
CA LEU A 109 13.40 6.78 -2.28
C LEU A 109 13.26 8.08 -1.49
N THR A 110 13.27 7.99 -0.16
CA THR A 110 13.07 9.15 0.72
C THR A 110 14.36 9.94 0.94
N LEU A 111 15.49 9.25 0.84
CA LEU A 111 16.80 9.84 1.12
C LEU A 111 17.26 10.81 0.02
N GLU A 112 17.51 10.27 -1.18
CA GLU A 112 18.11 11.06 -2.27
C GLU A 112 17.09 11.49 -3.34
N HIS A 113 17.54 12.40 -4.21
CA HIS A 113 16.70 12.97 -5.27
C HIS A 113 17.09 12.42 -6.66
N HIS A 114 17.49 11.14 -6.71
CA HIS A 114 17.95 10.52 -7.97
C HIS A 114 16.82 9.78 -8.70
N HIS A 115 15.57 10.10 -8.38
CA HIS A 115 14.41 9.42 -8.98
C HIS A 115 14.23 9.80 -10.46
N HIS A 116 14.95 10.84 -10.91
CA HIS A 116 14.91 11.30 -12.30
C HIS A 116 13.54 11.91 -12.66
N HIS A 117 12.51 11.07 -12.78
CA HIS A 117 11.15 11.54 -13.06
C HIS A 117 10.61 12.39 -11.90
N HIS A 118 10.06 13.55 -12.23
CA HIS A 118 9.53 14.47 -11.21
C HIS A 118 8.17 15.07 -11.63
N MET A 1 5.01 -15.28 -8.57
CA MET A 1 4.82 -13.85 -8.92
C MET A 1 4.47 -12.99 -7.69
N SER A 2 5.39 -12.11 -7.29
CA SER A 2 5.19 -11.21 -6.14
C SER A 2 5.66 -9.79 -6.47
N GLY A 3 5.42 -8.86 -5.55
CA GLY A 3 5.78 -7.45 -5.78
C GLY A 3 6.83 -6.93 -4.80
N TRP A 4 6.74 -5.64 -4.47
CA TRP A 4 7.67 -5.01 -3.53
C TRP A 4 7.11 -3.69 -2.96
N TYR A 5 7.71 -3.21 -1.87
CA TYR A 5 7.27 -1.96 -1.22
C TYR A 5 8.26 -0.82 -1.47
N GLU A 6 7.77 0.33 -1.91
CA GLU A 6 8.61 1.52 -2.10
C GLU A 6 8.19 2.66 -1.15
N LEU A 7 9.11 3.08 -0.27
CA LEU A 7 8.84 4.18 0.66
C LEU A 7 9.24 5.54 0.06
N SER A 8 8.34 6.51 0.13
CA SER A 8 8.60 7.85 -0.42
C SER A 8 8.49 8.95 0.65
N LYS A 9 9.13 10.08 0.39
CA LYS A 9 9.18 11.19 1.35
C LYS A 9 8.24 12.34 0.90
N SER A 10 7.40 12.82 1.83
CA SER A 10 6.36 13.81 1.51
C SER A 10 6.84 15.26 1.69
N SER A 11 5.97 16.21 1.29
CA SER A 11 6.26 17.64 1.40
C SER A 11 6.42 18.08 2.85
N ASN A 12 5.61 17.50 3.74
CA ASN A 12 5.71 17.76 5.18
C ASN A 12 6.82 16.91 5.83
N ASP A 13 7.64 16.28 4.99
CA ASP A 13 8.70 15.36 5.44
C ASP A 13 8.13 14.12 6.14
N GLN A 14 6.82 13.91 5.99
CA GLN A 14 6.18 12.68 6.44
C GLN A 14 6.49 11.53 5.48
N PHE A 15 6.23 10.29 5.92
CA PHE A 15 6.60 9.12 5.11
C PHE A 15 5.38 8.30 4.67
N LYS A 16 5.40 7.87 3.42
CA LYS A 16 4.31 7.06 2.84
C LYS A 16 4.88 6.02 1.84
N PHE A 17 4.43 4.77 1.98
CA PHE A 17 4.95 3.68 1.13
C PHE A 17 3.89 3.14 0.16
N VAL A 18 4.34 2.62 -0.98
CA VAL A 18 3.45 2.04 -1.99
C VAL A 18 3.82 0.59 -2.31
N LEU A 19 2.84 -0.30 -2.28
CA LEU A 19 3.05 -1.70 -2.65
C LEU A 19 2.78 -1.93 -4.15
N LYS A 20 3.82 -2.29 -4.87
CA LYS A 20 3.71 -2.59 -6.31
C LYS A 20 3.59 -4.09 -6.56
N ALA A 21 2.73 -4.48 -7.50
CA ALA A 21 2.63 -5.88 -7.92
C ALA A 21 3.77 -6.26 -8.87
N GLY A 22 3.85 -7.54 -9.24
CA GLY A 22 4.92 -8.01 -10.12
C GLY A 22 5.03 -7.24 -11.44
N ASN A 23 3.90 -6.69 -11.91
CA ASN A 23 3.88 -5.94 -13.17
C ASN A 23 4.36 -4.47 -13.01
N GLY A 24 4.72 -4.10 -11.77
CA GLY A 24 5.28 -2.77 -11.51
C GLY A 24 4.25 -1.70 -11.17
N GLU A 25 2.97 -2.08 -11.09
CA GLU A 25 1.89 -1.12 -10.76
C GLU A 25 1.57 -1.12 -9.26
N VAL A 26 1.26 0.07 -8.73
CA VAL A 26 0.92 0.24 -7.32
C VAL A 26 -0.52 -0.21 -7.03
N ILE A 27 -0.67 -1.24 -6.19
CA ILE A 27 -2.00 -1.72 -5.78
C ILE A 27 -2.47 -1.02 -4.49
N LEU A 28 -1.56 -0.89 -3.50
CA LEU A 28 -1.89 -0.29 -2.20
C LEU A 28 -0.94 0.88 -1.86
N THR A 29 -1.51 2.01 -1.49
CA THR A 29 -0.72 3.19 -1.06
C THR A 29 -1.07 3.59 0.39
N SER A 30 -0.07 3.86 1.21
CA SER A 30 -0.30 4.25 2.62
C SER A 30 -0.53 5.75 2.75
N GLU A 31 -0.93 6.18 3.95
CA GLU A 31 -1.10 7.60 4.26
C GLU A 31 0.20 8.20 4.83
N LEU A 32 0.11 9.43 5.32
CA LEU A 32 1.28 10.16 5.82
C LEU A 32 1.58 9.82 7.29
N TYR A 33 2.64 9.05 7.52
CA TYR A 33 3.10 8.71 8.88
C TYR A 33 3.91 9.87 9.50
N THR A 34 3.97 9.89 10.82
CA THR A 34 4.74 10.91 11.55
C THR A 34 6.25 10.77 11.30
N GLY A 35 6.76 9.54 11.40
CA GLY A 35 8.18 9.29 11.15
C GLY A 35 8.44 7.96 10.45
N LYS A 36 9.67 7.76 9.99
CA LYS A 36 10.03 6.53 9.26
C LYS A 36 9.89 5.29 10.13
N SER A 37 10.08 5.43 11.45
CA SER A 37 9.93 4.31 12.39
C SER A 37 8.53 3.68 12.28
N GLY A 38 7.50 4.52 12.37
CA GLY A 38 6.13 4.05 12.23
C GLY A 38 5.77 3.65 10.79
N ALA A 39 6.38 4.33 9.82
CA ALA A 39 6.16 4.02 8.40
C ALA A 39 6.64 2.60 8.05
N MET A 40 7.89 2.28 8.41
CA MET A 40 8.44 0.95 8.17
C MET A 40 7.68 -0.12 8.95
N ASN A 41 7.39 0.16 10.23
CA ASN A 41 6.54 -0.72 11.04
C ASN A 41 5.20 -0.98 10.34
N GLY A 42 4.69 0.06 9.68
CA GLY A 42 3.49 -0.08 8.85
C GLY A 42 3.69 -1.07 7.70
N ILE A 43 4.86 -1.03 7.07
CA ILE A 43 5.19 -1.95 5.97
C ILE A 43 5.20 -3.40 6.49
N GLU A 44 5.91 -3.61 7.60
CA GLU A 44 5.98 -4.91 8.25
C GLU A 44 4.57 -5.39 8.68
N SER A 45 3.77 -4.44 9.17
CA SER A 45 2.37 -4.73 9.53
C SER A 45 1.58 -5.19 8.30
N VAL A 46 1.78 -4.53 7.16
CA VAL A 46 1.14 -4.93 5.90
C VAL A 46 1.54 -6.36 5.50
N GLN A 47 2.84 -6.67 5.62
CA GLN A 47 3.35 -8.03 5.33
C GLN A 47 2.65 -9.09 6.22
N THR A 48 2.32 -8.70 7.44
CA THR A 48 1.58 -9.59 8.36
C THR A 48 0.07 -9.64 8.03
N ASN A 49 -0.50 -8.47 7.76
CA ASN A 49 -1.97 -8.33 7.60
C ASN A 49 -2.48 -8.74 6.20
N SER A 50 -1.66 -8.57 5.17
CA SER A 50 -2.06 -8.90 3.78
C SER A 50 -2.59 -10.33 3.64
N PRO A 51 -1.86 -11.36 4.16
CA PRO A 51 -2.35 -12.75 4.13
C PRO A 51 -3.50 -13.01 5.11
N ILE A 52 -3.83 -12.01 5.92
CA ILE A 52 -4.94 -12.10 6.88
C ILE A 52 -6.15 -11.29 6.37
N GLU A 53 -7.02 -11.95 5.61
CA GLU A 53 -8.18 -11.30 4.98
C GLU A 53 -9.03 -10.51 5.99
N ALA A 54 -9.04 -10.95 7.24
CA ALA A 54 -9.86 -10.33 8.29
C ALA A 54 -9.50 -8.85 8.56
N ARG A 55 -8.43 -8.36 7.93
CA ARG A 55 -8.03 -6.95 8.08
C ARG A 55 -8.52 -6.10 6.90
N TYR A 56 -9.48 -6.61 6.14
CA TYR A 56 -10.04 -5.93 4.97
C TYR A 56 -10.93 -4.73 5.36
N ALA A 57 -11.01 -3.75 4.47
CA ALA A 57 -11.95 -2.63 4.62
C ALA A 57 -12.53 -2.22 3.25
N LYS A 58 -13.82 -2.50 3.05
CA LYS A 58 -14.46 -2.28 1.75
C LYS A 58 -14.98 -0.83 1.61
N GLU A 59 -14.39 -0.06 0.69
CA GLU A 59 -14.78 1.34 0.46
C GLU A 59 -15.14 1.59 -1.01
N VAL A 60 -16.20 2.34 -1.26
CA VAL A 60 -16.59 2.70 -2.64
C VAL A 60 -16.84 4.20 -2.78
N ALA A 61 -16.16 4.83 -3.73
CA ALA A 61 -16.34 6.26 -4.00
C ALA A 61 -17.73 6.53 -4.59
N LYS A 62 -18.35 7.64 -4.19
CA LYS A 62 -19.72 7.97 -4.63
C LYS A 62 -19.82 8.19 -6.16
N ASN A 63 -18.70 8.09 -6.86
CA ASN A 63 -18.69 8.05 -8.33
C ASN A 63 -18.70 6.59 -8.83
N ASP A 64 -19.15 5.68 -7.96
CA ASP A 64 -19.22 4.24 -8.28
C ASP A 64 -17.83 3.64 -8.55
N LYS A 65 -16.80 4.27 -8.00
CA LYS A 65 -15.42 3.78 -8.14
C LYS A 65 -15.00 2.98 -6.89
N PRO A 66 -14.99 1.64 -6.99
CA PRO A 66 -14.69 0.76 -5.84
C PRO A 66 -13.20 0.64 -5.51
N TYR A 67 -12.92 0.55 -4.21
CA TYR A 67 -11.54 0.37 -3.72
C TYR A 67 -11.56 -0.28 -2.32
N PHE A 68 -10.39 -0.43 -1.70
CA PHE A 68 -10.30 -0.98 -0.35
C PHE A 68 -9.06 -0.48 0.38
N ASN A 69 -9.08 -0.50 1.71
CA ASN A 69 -7.94 -0.07 2.50
C ASN A 69 -7.54 -1.14 3.52
N LEU A 70 -6.29 -1.11 3.94
CA LEU A 70 -5.76 -2.09 4.92
C LEU A 70 -5.43 -1.38 6.24
N LYS A 71 -5.96 -1.94 7.33
CA LYS A 71 -5.75 -1.36 8.67
C LYS A 71 -4.98 -2.33 9.59
N ALA A 72 -3.95 -1.82 10.26
CA ALA A 72 -3.16 -2.59 11.21
C ALA A 72 -3.97 -2.98 12.46
N ALA A 73 -3.33 -3.72 13.38
CA ALA A 73 -3.98 -4.14 14.63
C ALA A 73 -4.63 -2.96 15.39
N ASN A 74 -3.93 -1.84 15.47
CA ASN A 74 -4.46 -0.64 16.14
C ASN A 74 -5.52 0.07 15.27
N HIS A 75 -5.78 -0.48 14.08
CA HIS A 75 -6.80 0.04 13.16
C HIS A 75 -6.37 1.36 12.50
N GLN A 76 -5.08 1.46 12.23
CA GLN A 76 -4.51 2.61 11.52
C GLN A 76 -4.40 2.31 10.02
N ILE A 77 -4.63 3.32 9.18
CA ILE A 77 -4.57 3.15 7.73
C ILE A 77 -3.13 2.90 7.24
N ILE A 78 -2.78 1.65 7.07
CA ILE A 78 -1.44 1.28 6.58
C ILE A 78 -1.43 1.08 5.06
N GLY A 79 -2.62 0.97 4.47
CA GLY A 79 -2.73 0.84 3.03
C GLY A 79 -4.07 1.33 2.48
N THR A 80 -4.07 1.83 1.25
CA THR A 80 -5.29 2.25 0.56
C THR A 80 -5.12 2.06 -0.95
N SER A 81 -5.98 1.24 -1.56
CA SER A 81 -5.86 0.91 -2.98
C SER A 81 -6.34 2.05 -3.87
N GLN A 82 -5.88 2.06 -5.12
CA GLN A 82 -6.35 3.02 -6.12
C GLN A 82 -7.86 2.81 -6.41
N MET A 83 -8.60 3.90 -6.58
CA MET A 83 -10.03 3.81 -6.89
C MET A 83 -10.23 3.29 -8.33
N TYR A 84 -10.57 2.00 -8.46
CA TYR A 84 -10.82 1.39 -9.77
C TYR A 84 -12.17 1.83 -10.34
N SER A 85 -12.39 1.52 -11.62
CA SER A 85 -13.67 1.84 -12.28
C SER A 85 -14.66 0.67 -12.20
N SER A 86 -14.19 -0.54 -12.52
CA SER A 86 -15.03 -1.74 -12.45
C SER A 86 -14.84 -2.49 -11.13
N THR A 87 -15.93 -3.07 -10.61
CA THR A 87 -15.88 -3.79 -9.32
C THR A 87 -14.93 -5.00 -9.38
N ALA A 88 -15.00 -5.75 -10.48
CA ALA A 88 -14.12 -6.91 -10.71
C ALA A 88 -12.65 -6.55 -10.52
N ALA A 89 -12.24 -5.42 -11.11
CA ALA A 89 -10.85 -4.94 -11.00
C ALA A 89 -10.44 -4.72 -9.53
N ARG A 90 -11.41 -4.28 -8.71
CA ARG A 90 -11.17 -4.04 -7.28
C ARG A 90 -10.95 -5.37 -6.54
N ASP A 91 -11.78 -6.37 -6.82
CA ASP A 91 -11.64 -7.68 -6.20
C ASP A 91 -10.31 -8.34 -6.61
N ASN A 92 -9.95 -8.19 -7.88
CA ASN A 92 -8.63 -8.61 -8.38
C ASN A 92 -7.51 -7.95 -7.58
N GLY A 93 -7.69 -6.67 -7.24
CA GLY A 93 -6.75 -5.98 -6.37
C GLY A 93 -6.61 -6.65 -5.00
N ILE A 94 -7.74 -7.12 -4.46
CA ILE A 94 -7.75 -7.82 -3.16
C ILE A 94 -6.87 -9.08 -3.19
N LYS A 95 -7.10 -9.96 -4.16
CA LYS A 95 -6.27 -11.17 -4.31
C LYS A 95 -4.81 -10.78 -4.60
N SER A 96 -4.62 -9.73 -5.39
CA SER A 96 -3.28 -9.26 -5.76
C SER A 96 -2.46 -8.87 -4.52
N VAL A 97 -3.06 -8.14 -3.58
CA VAL A 97 -2.34 -7.68 -2.40
C VAL A 97 -2.08 -8.82 -1.39
N MET A 98 -3.06 -9.70 -1.17
CA MET A 98 -2.88 -10.81 -0.23
C MET A 98 -1.79 -11.80 -0.72
N GLU A 99 -1.61 -11.87 -2.05
CA GLU A 99 -0.58 -12.73 -2.65
C GLU A 99 0.77 -11.98 -2.78
N ASN A 100 0.76 -10.84 -3.47
CA ASN A 100 1.99 -10.07 -3.72
C ASN A 100 2.53 -9.40 -2.43
N GLY A 101 1.63 -9.09 -1.50
CA GLY A 101 2.01 -8.41 -0.26
C GLY A 101 2.82 -9.27 0.70
N LYS A 102 3.02 -10.54 0.36
CA LYS A 102 3.84 -11.45 1.18
C LYS A 102 5.33 -11.11 1.05
N THR A 103 5.67 -10.23 0.11
CA THR A 103 7.07 -9.87 -0.19
C THR A 103 7.76 -9.14 0.97
N THR A 104 9.04 -9.47 1.19
CA THR A 104 9.86 -8.81 2.21
C THR A 104 10.76 -7.73 1.59
N THR A 105 10.58 -7.50 0.30
CA THR A 105 11.45 -6.58 -0.46
C THR A 105 11.00 -5.11 -0.32
N ILE A 106 11.87 -4.27 0.23
CA ILE A 106 11.54 -2.85 0.47
C ILE A 106 12.58 -1.90 -0.16
N LYS A 107 12.10 -0.78 -0.70
CA LYS A 107 12.95 0.29 -1.25
C LYS A 107 12.82 1.58 -0.44
N ASP A 108 13.92 2.30 -0.25
CA ASP A 108 13.88 3.61 0.43
C ASP A 108 14.17 4.74 -0.56
N LEU A 109 13.13 5.51 -0.92
CA LEU A 109 13.28 6.64 -1.85
C LEU A 109 13.29 7.98 -1.08
N THR A 110 13.62 7.94 0.20
CA THR A 110 13.58 9.13 1.06
C THR A 110 15.00 9.68 1.33
N LEU A 111 15.93 8.79 1.64
CA LEU A 111 17.31 9.17 1.90
C LEU A 111 18.02 9.65 0.63
N GLU A 112 17.84 8.90 -0.46
CA GLU A 112 18.48 9.20 -1.74
C GLU A 112 17.58 10.08 -2.63
N HIS A 113 18.18 11.02 -3.34
CA HIS A 113 17.44 11.84 -4.30
C HIS A 113 17.31 11.12 -5.66
N HIS A 114 17.26 9.78 -5.60
CA HIS A 114 17.22 8.93 -6.79
C HIS A 114 15.77 8.73 -7.30
N HIS A 115 14.97 9.79 -7.21
CA HIS A 115 13.56 9.77 -7.67
C HIS A 115 13.42 9.22 -9.10
N HIS A 116 12.49 8.29 -9.29
CA HIS A 116 12.31 7.62 -10.59
C HIS A 116 11.30 8.37 -11.50
N HIS A 117 11.36 9.70 -11.47
CA HIS A 117 10.47 10.55 -12.30
C HIS A 117 11.14 11.90 -12.65
N HIS A 118 10.54 12.62 -13.58
CA HIS A 118 11.00 13.96 -13.95
C HIS A 118 9.85 14.99 -13.81
N MET A 1 5.54 -13.13 -10.18
CA MET A 1 6.40 -12.69 -9.05
C MET A 1 5.61 -11.91 -8.00
N SER A 2 6.12 -11.86 -6.77
CA SER A 2 5.58 -10.97 -5.73
C SER A 2 6.26 -9.60 -5.82
N GLY A 3 5.47 -8.53 -5.78
CA GLY A 3 5.99 -7.18 -5.98
C GLY A 3 6.95 -6.70 -4.88
N TRP A 4 6.89 -5.40 -4.56
CA TRP A 4 7.81 -4.79 -3.61
C TRP A 4 7.22 -3.53 -2.95
N TYR A 5 7.96 -2.96 -2.01
CA TYR A 5 7.56 -1.75 -1.30
C TYR A 5 8.50 -0.57 -1.62
N GLU A 6 7.93 0.59 -1.96
CA GLU A 6 8.72 1.81 -2.17
C GLU A 6 8.22 2.97 -1.29
N LEU A 7 9.07 3.43 -0.37
CA LEU A 7 8.73 4.52 0.55
C LEU A 7 9.15 5.88 -0.02
N SER A 8 8.28 6.89 0.11
CA SER A 8 8.56 8.23 -0.41
C SER A 8 8.28 9.31 0.65
N LYS A 9 8.90 10.47 0.50
CA LYS A 9 8.75 11.57 1.47
C LYS A 9 7.92 12.73 0.89
N SER A 10 7.28 13.49 1.78
CA SER A 10 6.51 14.69 1.39
C SER A 10 7.22 15.97 1.85
N SER A 11 6.69 17.12 1.43
CA SER A 11 7.29 18.43 1.75
C SER A 11 7.31 18.71 3.27
N ASN A 12 6.47 17.97 4.01
CA ASN A 12 6.42 18.09 5.47
C ASN A 12 7.50 17.21 6.15
N ASP A 13 8.36 16.60 5.32
CA ASP A 13 9.37 15.64 5.80
C ASP A 13 8.70 14.35 6.34
N GLN A 14 7.42 14.18 5.99
CA GLN A 14 6.67 12.98 6.36
C GLN A 14 6.88 11.87 5.32
N PHE A 15 6.43 10.65 5.65
CA PHE A 15 6.70 9.47 4.82
C PHE A 15 5.41 8.78 4.35
N LYS A 16 5.47 8.20 3.15
CA LYS A 16 4.33 7.48 2.56
C LYS A 16 4.82 6.36 1.62
N PHE A 17 4.43 5.12 1.90
CA PHE A 17 4.92 3.97 1.12
C PHE A 17 3.85 3.42 0.16
N VAL A 18 4.31 2.82 -0.93
CA VAL A 18 3.43 2.16 -1.90
C VAL A 18 3.77 0.67 -2.07
N LEU A 19 2.76 -0.15 -2.26
CA LEU A 19 2.93 -1.58 -2.52
C LEU A 19 2.56 -1.92 -3.96
N LYS A 20 3.45 -2.65 -4.63
CA LYS A 20 3.25 -3.00 -6.05
C LYS A 20 3.12 -4.51 -6.26
N ALA A 21 2.55 -4.87 -7.41
CA ALA A 21 2.50 -6.28 -7.84
C ALA A 21 3.76 -6.65 -8.64
N GLY A 22 3.90 -7.93 -8.98
CA GLY A 22 5.08 -8.41 -9.70
C GLY A 22 5.31 -7.72 -11.06
N ASN A 23 4.26 -7.09 -11.59
CA ASN A 23 4.35 -6.41 -12.88
C ASN A 23 4.80 -4.93 -12.75
N GLY A 24 4.87 -4.43 -11.51
CA GLY A 24 5.30 -3.05 -11.28
C GLY A 24 4.15 -2.07 -11.06
N GLU A 25 2.92 -2.56 -11.13
CA GLU A 25 1.73 -1.72 -10.89
C GLU A 25 1.44 -1.57 -9.38
N VAL A 26 1.08 -0.36 -8.96
CA VAL A 26 0.71 -0.11 -7.56
C VAL A 26 -0.69 -0.64 -7.25
N ILE A 27 -0.82 -1.35 -6.12
CA ILE A 27 -2.12 -1.87 -5.66
C ILE A 27 -2.58 -1.16 -4.38
N LEU A 28 -1.67 -0.97 -3.43
CA LEU A 28 -2.00 -0.30 -2.15
C LEU A 28 -1.05 0.89 -1.89
N THR A 29 -1.59 1.96 -1.31
CA THR A 29 -0.77 3.13 -0.91
C THR A 29 -1.25 3.69 0.44
N SER A 30 -0.31 4.09 1.29
CA SER A 30 -0.66 4.60 2.64
C SER A 30 -0.61 6.14 2.68
N GLU A 31 -0.77 6.69 3.90
CA GLU A 31 -0.79 8.15 4.09
C GLU A 31 0.54 8.67 4.68
N LEU A 32 0.53 9.93 5.13
CA LEU A 32 1.75 10.59 5.64
C LEU A 32 2.05 10.24 7.11
N TYR A 33 3.03 9.37 7.33
CA TYR A 33 3.54 9.07 8.67
C TYR A 33 4.53 10.14 9.14
N THR A 34 4.63 10.34 10.44
CA THR A 34 5.54 11.33 11.03
C THR A 34 7.00 10.84 10.99
N GLY A 35 7.23 9.62 11.45
CA GLY A 35 8.57 9.05 11.43
C GLY A 35 8.71 7.86 10.48
N LYS A 36 9.91 7.67 9.91
CA LYS A 36 10.14 6.57 8.96
C LYS A 36 10.05 5.21 9.65
N SER A 37 10.40 5.17 10.94
CA SER A 37 10.24 3.94 11.75
C SER A 37 8.77 3.49 11.76
N GLY A 38 7.87 4.43 12.06
CA GLY A 38 6.43 4.13 12.02
C GLY A 38 5.95 3.70 10.64
N ALA A 39 6.53 4.30 9.60
CA ALA A 39 6.21 3.93 8.22
C ALA A 39 6.62 2.49 7.90
N MET A 40 7.86 2.13 8.19
CA MET A 40 8.34 0.75 8.00
C MET A 40 7.52 -0.22 8.85
N ASN A 41 7.28 0.15 10.11
CA ASN A 41 6.42 -0.62 11.01
C ASN A 41 5.06 -0.89 10.35
N GLY A 42 4.49 0.14 9.73
CA GLY A 42 3.26 -0.01 8.96
C GLY A 42 3.42 -1.01 7.82
N ILE A 43 4.59 -0.99 7.18
CA ILE A 43 4.90 -1.92 6.09
C ILE A 43 4.90 -3.37 6.58
N GLU A 44 5.62 -3.61 7.68
CA GLU A 44 5.68 -4.94 8.30
C GLU A 44 4.27 -5.38 8.74
N SER A 45 3.43 -4.41 9.10
CA SER A 45 2.02 -4.66 9.41
C SER A 45 1.27 -5.13 8.14
N VAL A 46 1.52 -4.46 7.02
CA VAL A 46 0.93 -4.86 5.72
C VAL A 46 1.33 -6.30 5.37
N GLN A 47 2.62 -6.60 5.50
CA GLN A 47 3.14 -7.95 5.26
C GLN A 47 2.43 -8.99 6.14
N THR A 48 2.32 -8.69 7.43
CA THR A 48 1.68 -9.59 8.41
C THR A 48 0.17 -9.75 8.14
N ASN A 49 -0.48 -8.66 7.77
CA ASN A 49 -1.93 -8.64 7.52
C ASN A 49 -2.29 -9.16 6.11
N SER A 50 -1.34 -9.06 5.17
CA SER A 50 -1.53 -9.50 3.77
C SER A 50 -2.34 -10.81 3.62
N PRO A 51 -1.95 -11.92 4.30
CA PRO A 51 -2.67 -13.20 4.17
C PRO A 51 -3.93 -13.31 5.07
N ILE A 52 -4.29 -12.22 5.75
CA ILE A 52 -5.42 -12.24 6.70
C ILE A 52 -6.64 -11.47 6.15
N GLU A 53 -7.63 -12.21 5.66
CA GLU A 53 -8.90 -11.62 5.19
C GLU A 53 -9.57 -10.78 6.29
N ALA A 54 -9.39 -11.20 7.54
CA ALA A 54 -10.00 -10.51 8.70
C ALA A 54 -9.44 -9.10 8.92
N ARG A 55 -8.43 -8.68 8.15
CA ARG A 55 -7.88 -7.31 8.26
C ARG A 55 -8.29 -6.44 7.06
N TYR A 56 -9.13 -7.00 6.19
CA TYR A 56 -9.54 -6.32 4.95
C TYR A 56 -10.79 -5.43 5.15
N ALA A 57 -10.86 -4.32 4.41
CA ALA A 57 -12.02 -3.42 4.44
C ALA A 57 -12.36 -2.86 3.04
N LYS A 58 -13.64 -2.65 2.77
CA LYS A 58 -14.10 -2.13 1.47
C LYS A 58 -14.56 -0.66 1.56
N GLU A 59 -14.19 0.15 0.55
CA GLU A 59 -14.62 1.55 0.49
C GLU A 59 -15.07 1.95 -0.92
N VAL A 60 -16.30 2.45 -1.04
CA VAL A 60 -16.82 2.92 -2.33
C VAL A 60 -17.17 4.41 -2.26
N ALA A 61 -16.41 5.23 -2.97
CA ALA A 61 -16.66 6.67 -3.01
C ALA A 61 -17.95 7.00 -3.79
N LYS A 62 -18.64 8.07 -3.38
CA LYS A 62 -19.90 8.47 -4.06
C LYS A 62 -19.65 8.81 -5.54
N ASN A 63 -18.38 8.95 -5.90
CA ASN A 63 -17.95 9.07 -7.30
C ASN A 63 -18.09 7.70 -8.03
N ASP A 64 -18.75 6.74 -7.37
CA ASP A 64 -18.92 5.38 -7.91
C ASP A 64 -17.57 4.71 -8.18
N LYS A 65 -16.62 4.95 -7.28
CA LYS A 65 -15.29 4.33 -7.36
C LYS A 65 -15.13 3.25 -6.28
N PRO A 66 -15.29 1.96 -6.65
CA PRO A 66 -15.12 0.85 -5.70
C PRO A 66 -13.65 0.50 -5.44
N TYR A 67 -13.11 0.97 -4.32
CA TYR A 67 -11.74 0.64 -3.92
C TYR A 67 -11.73 -0.05 -2.54
N PHE A 68 -10.54 -0.34 -2.01
CA PHE A 68 -10.46 -1.03 -0.72
C PHE A 68 -9.31 -0.52 0.17
N ASN A 69 -9.36 -0.89 1.44
CA ASN A 69 -8.35 -0.48 2.42
C ASN A 69 -7.81 -1.70 3.20
N LEU A 70 -6.63 -1.54 3.77
CA LEU A 70 -6.04 -2.53 4.66
C LEU A 70 -5.73 -1.90 6.02
N LYS A 71 -6.22 -2.51 7.10
CA LYS A 71 -6.08 -1.97 8.45
C LYS A 71 -5.27 -2.89 9.37
N ALA A 72 -4.43 -2.29 10.21
CA ALA A 72 -3.70 -3.04 11.24
C ALA A 72 -4.64 -3.43 12.39
N ALA A 73 -4.12 -4.18 13.37
CA ALA A 73 -4.93 -4.63 14.51
C ALA A 73 -5.70 -3.49 15.18
N ASN A 74 -5.04 -2.36 15.39
CA ASN A 74 -5.65 -1.19 16.04
C ASN A 74 -6.56 -0.39 15.06
N HIS A 75 -6.87 -0.99 13.92
CA HIS A 75 -7.85 -0.43 12.95
C HIS A 75 -7.28 0.77 12.17
N GLN A 76 -5.98 1.00 12.30
CA GLN A 76 -5.32 2.13 11.64
C GLN A 76 -5.12 1.86 10.14
N ILE A 77 -5.27 2.92 9.33
CA ILE A 77 -5.09 2.81 7.89
C ILE A 77 -3.61 2.65 7.50
N ILE A 78 -3.24 1.45 7.04
CA ILE A 78 -1.89 1.19 6.56
C ILE A 78 -1.87 0.98 5.03
N GLY A 79 -3.04 0.75 4.46
CA GLY A 79 -3.13 0.58 3.01
C GLY A 79 -4.44 1.14 2.42
N THR A 80 -4.32 1.88 1.32
CA THR A 80 -5.48 2.37 0.56
C THR A 80 -5.22 2.24 -0.95
N SER A 81 -6.08 1.50 -1.64
CA SER A 81 -5.86 1.21 -3.07
C SER A 81 -6.20 2.41 -3.96
N GLN A 82 -5.86 2.29 -5.25
CA GLN A 82 -6.23 3.30 -6.25
C GLN A 82 -7.72 3.20 -6.59
N MET A 83 -8.20 4.16 -7.38
CA MET A 83 -9.61 4.19 -7.78
C MET A 83 -9.89 3.23 -8.95
N TYR A 84 -10.52 2.10 -8.67
CA TYR A 84 -10.88 1.13 -9.70
C TYR A 84 -12.22 1.52 -10.36
N SER A 85 -12.36 1.25 -11.66
CA SER A 85 -13.61 1.52 -12.38
C SER A 85 -14.48 0.26 -12.44
N SER A 86 -13.83 -0.89 -12.53
CA SER A 86 -14.52 -2.19 -12.56
C SER A 86 -14.36 -2.93 -11.23
N THR A 87 -15.46 -3.49 -10.72
CA THR A 87 -15.47 -4.22 -9.45
C THR A 87 -14.55 -5.45 -9.49
N ALA A 88 -14.55 -6.17 -10.62
CA ALA A 88 -13.70 -7.35 -10.80
C ALA A 88 -12.22 -7.02 -10.55
N ALA A 89 -11.76 -5.89 -11.09
CA ALA A 89 -10.36 -5.45 -10.90
C ALA A 89 -10.05 -5.18 -9.42
N ARG A 90 -11.06 -4.75 -8.68
CA ARG A 90 -10.93 -4.49 -7.24
C ARG A 90 -10.74 -5.79 -6.46
N ASP A 91 -11.63 -6.76 -6.68
CA ASP A 91 -11.54 -8.07 -6.01
C ASP A 91 -10.28 -8.84 -6.41
N ASN A 92 -9.92 -8.79 -7.68
CA ASN A 92 -8.62 -9.34 -8.13
C ASN A 92 -7.47 -8.62 -7.44
N GLY A 93 -7.63 -7.31 -7.22
CA GLY A 93 -6.65 -6.54 -6.46
C GLY A 93 -6.48 -7.07 -5.03
N ILE A 94 -7.58 -7.50 -4.42
CA ILE A 94 -7.54 -8.13 -3.10
C ILE A 94 -6.64 -9.37 -3.12
N LYS A 95 -6.90 -10.27 -4.07
CA LYS A 95 -6.06 -11.46 -4.24
C LYS A 95 -4.60 -11.06 -4.54
N SER A 96 -4.43 -10.00 -5.32
CA SER A 96 -3.09 -9.49 -5.66
C SER A 96 -2.30 -9.09 -4.41
N VAL A 97 -2.90 -8.29 -3.52
CA VAL A 97 -2.20 -7.85 -2.31
C VAL A 97 -1.94 -8.99 -1.32
N MET A 98 -2.80 -10.01 -1.32
CA MET A 98 -2.58 -11.19 -0.49
C MET A 98 -1.37 -12.00 -0.98
N GLU A 99 -1.23 -12.13 -2.30
CA GLU A 99 -0.12 -12.89 -2.90
C GLU A 99 1.19 -12.07 -2.96
N ASN A 100 1.07 -10.77 -3.17
CA ASN A 100 2.24 -9.88 -3.32
C ASN A 100 2.64 -9.20 -2.00
N GLY A 101 1.66 -8.76 -1.21
CA GLY A 101 1.94 -8.02 0.01
C GLY A 101 2.84 -8.74 1.01
N LYS A 102 2.96 -10.06 0.86
CA LYS A 102 3.82 -10.86 1.74
C LYS A 102 5.32 -10.73 1.36
N THR A 103 5.62 -9.84 0.40
CA THR A 103 7.01 -9.63 -0.05
C THR A 103 7.83 -8.81 0.95
N THR A 104 9.12 -9.11 1.04
CA THR A 104 10.03 -8.44 1.96
C THR A 104 10.99 -7.48 1.25
N THR A 105 10.79 -7.29 -0.06
CA THR A 105 11.64 -6.37 -0.84
C THR A 105 11.29 -4.90 -0.54
N ILE A 106 12.05 -4.27 0.36
CA ILE A 106 11.83 -2.88 0.75
C ILE A 106 12.74 -1.92 -0.03
N LYS A 107 12.18 -0.83 -0.54
CA LYS A 107 12.94 0.20 -1.25
C LYS A 107 12.63 1.60 -0.68
N ASP A 108 13.67 2.34 -0.32
CA ASP A 108 13.49 3.72 0.16
C ASP A 108 13.76 4.74 -0.96
N LEU A 109 12.94 5.78 -1.01
CA LEU A 109 13.11 6.87 -2.00
C LEU A 109 13.23 8.23 -1.30
N THR A 110 13.49 8.21 0.01
CA THR A 110 13.57 9.44 0.82
C THR A 110 15.03 9.90 0.99
N LEU A 111 15.92 8.93 1.15
CA LEU A 111 17.36 9.20 1.26
C LEU A 111 17.97 9.39 -0.14
N GLU A 112 17.51 8.59 -1.09
CA GLU A 112 17.96 8.67 -2.49
C GLU A 112 16.82 9.19 -3.40
N HIS A 113 16.96 9.00 -4.72
CA HIS A 113 15.92 9.42 -5.66
C HIS A 113 15.83 8.48 -6.89
N HIS A 114 16.48 7.31 -6.81
CA HIS A 114 16.43 6.36 -7.94
C HIS A 114 15.14 5.54 -7.91
N HIS A 115 14.31 5.68 -8.95
CA HIS A 115 13.02 4.97 -9.02
C HIS A 115 12.92 4.11 -10.30
N HIS A 116 12.66 2.83 -10.12
CA HIS A 116 12.53 1.90 -11.25
C HIS A 116 11.28 2.19 -12.11
N HIS A 117 11.48 2.85 -13.25
CA HIS A 117 10.44 2.90 -14.28
C HIS A 117 10.36 1.52 -14.96
N HIS A 118 11.49 0.81 -14.93
CA HIS A 118 11.60 -0.59 -15.35
C HIS A 118 12.77 -1.27 -14.62
N MET A 1 10.09 -12.71 -10.60
CA MET A 1 9.90 -11.31 -10.12
C MET A 1 8.79 -11.22 -9.07
N SER A 2 9.16 -10.96 -7.83
CA SER A 2 8.19 -10.81 -6.73
C SER A 2 7.80 -9.34 -6.55
N GLY A 3 6.94 -9.07 -5.57
CA GLY A 3 6.52 -7.70 -5.29
C GLY A 3 7.46 -6.99 -4.33
N TRP A 4 7.24 -5.69 -4.09
CA TRP A 4 8.08 -4.93 -3.16
C TRP A 4 7.38 -3.66 -2.66
N TYR A 5 7.95 -3.06 -1.61
CA TYR A 5 7.42 -1.82 -1.03
C TYR A 5 8.37 -0.63 -1.29
N GLU A 6 7.85 0.46 -1.84
CA GLU A 6 8.63 1.68 -2.01
C GLU A 6 8.16 2.79 -1.06
N LEU A 7 9.01 3.17 -0.09
CA LEU A 7 8.68 4.21 0.90
C LEU A 7 9.24 5.57 0.49
N SER A 8 8.37 6.57 0.33
CA SER A 8 8.81 7.90 -0.12
C SER A 8 8.49 9.01 0.90
N LYS A 9 9.21 10.11 0.80
CA LYS A 9 8.99 11.27 1.69
C LYS A 9 8.17 12.37 0.97
N SER A 10 7.09 12.81 1.62
CA SER A 10 6.24 13.88 1.07
C SER A 10 6.80 15.27 1.41
N SER A 11 6.10 16.32 0.95
CA SER A 11 6.52 17.71 1.21
C SER A 11 6.47 18.03 2.71
N ASN A 12 5.52 17.41 3.43
CA ASN A 12 5.42 17.56 4.89
C ASN A 12 6.51 16.76 5.61
N ASP A 13 7.44 16.18 4.84
CA ASP A 13 8.52 15.32 5.37
C ASP A 13 7.98 13.93 5.79
N GLN A 14 6.66 13.86 6.04
CA GLN A 14 5.99 12.62 6.40
C GLN A 14 6.21 11.52 5.34
N PHE A 15 6.12 10.26 5.77
CA PHE A 15 6.48 9.12 4.93
C PHE A 15 5.25 8.36 4.44
N LYS A 16 5.27 7.98 3.17
CA LYS A 16 4.19 7.21 2.55
C LYS A 16 4.77 6.10 1.64
N PHE A 17 4.38 4.85 1.90
CA PHE A 17 4.89 3.73 1.11
C PHE A 17 3.82 3.15 0.17
N VAL A 18 4.29 2.58 -0.95
CA VAL A 18 3.39 1.98 -1.94
C VAL A 18 3.72 0.49 -2.15
N LEU A 19 2.68 -0.34 -2.20
CA LEU A 19 2.84 -1.77 -2.49
C LEU A 19 2.75 -2.02 -4.00
N LYS A 20 3.82 -2.54 -4.58
CA LYS A 20 3.89 -2.78 -6.02
C LYS A 20 4.01 -4.28 -6.33
N ALA A 21 3.29 -4.73 -7.36
CA ALA A 21 3.31 -6.15 -7.77
C ALA A 21 4.57 -6.47 -8.60
N GLY A 22 4.72 -7.75 -8.98
CA GLY A 22 5.88 -8.18 -9.75
C GLY A 22 6.00 -7.50 -11.12
N ASN A 23 4.90 -6.92 -11.60
CA ASN A 23 4.90 -6.18 -12.87
C ASN A 23 5.26 -4.69 -12.66
N GLY A 24 5.44 -4.31 -11.39
CA GLY A 24 5.80 -2.93 -11.06
C GLY A 24 4.59 -1.99 -10.94
N GLU A 25 3.39 -2.55 -10.93
CA GLU A 25 2.17 -1.74 -10.80
C GLU A 25 1.81 -1.48 -9.32
N VAL A 26 1.42 -0.25 -9.01
CA VAL A 26 1.06 0.13 -7.65
C VAL A 26 -0.40 -0.23 -7.32
N ILE A 27 -0.62 -0.96 -6.23
CA ILE A 27 -1.98 -1.34 -5.81
C ILE A 27 -2.40 -0.66 -4.49
N LEU A 28 -1.45 -0.50 -3.56
CA LEU A 28 -1.74 0.15 -2.25
C LEU A 28 -0.79 1.33 -1.97
N THR A 29 -1.32 2.35 -1.30
CA THR A 29 -0.52 3.51 -0.85
C THR A 29 -0.93 3.92 0.57
N SER A 30 0.05 4.08 1.46
CA SER A 30 -0.23 4.35 2.89
C SER A 30 -0.56 5.83 3.17
N GLU A 31 -0.90 6.11 4.43
CA GLU A 31 -1.08 7.49 4.89
C GLU A 31 0.28 8.16 5.18
N LEU A 32 0.25 9.37 5.72
CA LEU A 32 1.49 10.13 5.99
C LEU A 32 1.98 9.93 7.43
N TYR A 33 3.02 9.11 7.59
CA TYR A 33 3.62 8.85 8.91
C TYR A 33 4.65 9.93 9.29
N THR A 34 4.65 10.34 10.56
CA THR A 34 5.59 11.35 11.05
C THR A 34 7.04 10.81 11.11
N GLY A 35 7.20 9.62 11.69
CA GLY A 35 8.51 8.98 11.78
C GLY A 35 8.68 7.82 10.81
N LYS A 36 9.87 7.69 10.22
CA LYS A 36 10.11 6.65 9.20
C LYS A 36 10.06 5.24 9.78
N SER A 37 10.58 5.06 10.99
CA SER A 37 10.54 3.74 11.65
C SER A 37 9.09 3.25 11.82
N GLY A 38 8.21 4.15 12.23
CA GLY A 38 6.78 3.83 12.31
C GLY A 38 6.19 3.46 10.96
N ALA A 39 6.60 4.18 9.91
CA ALA A 39 6.18 3.88 8.55
C ALA A 39 6.64 2.47 8.12
N MET A 40 7.90 2.15 8.38
CA MET A 40 8.45 0.81 8.08
C MET A 40 7.70 -0.27 8.88
N ASN A 41 7.46 0.02 10.17
CA ASN A 41 6.65 -0.87 11.01
C ASN A 41 5.28 -1.12 10.36
N GLY A 42 4.73 -0.07 9.74
CA GLY A 42 3.51 -0.20 8.95
C GLY A 42 3.70 -1.10 7.73
N ILE A 43 4.88 -1.01 7.10
CA ILE A 43 5.21 -1.84 5.93
C ILE A 43 5.17 -3.33 6.31
N GLU A 44 5.85 -3.66 7.41
CA GLU A 44 5.88 -5.04 7.90
C GLU A 44 4.49 -5.47 8.40
N SER A 45 3.71 -4.51 8.91
CA SER A 45 2.30 -4.77 9.27
C SER A 45 1.51 -5.20 8.04
N VAL A 46 1.76 -4.54 6.91
CA VAL A 46 1.15 -4.93 5.62
C VAL A 46 1.55 -6.37 5.26
N GLN A 47 2.84 -6.70 5.41
CA GLN A 47 3.33 -8.07 5.19
C GLN A 47 2.52 -9.09 6.02
N THR A 48 2.13 -8.69 7.23
CA THR A 48 1.34 -9.53 8.12
C THR A 48 -0.13 -9.64 7.65
N ASN A 49 -0.73 -8.49 7.35
CA ASN A 49 -2.17 -8.41 7.05
C ASN A 49 -2.53 -8.81 5.60
N SER A 50 -1.61 -8.60 4.66
CA SER A 50 -1.87 -8.87 3.22
C SER A 50 -2.49 -10.26 2.95
N PRO A 51 -1.90 -11.36 3.46
CA PRO A 51 -2.46 -12.71 3.25
C PRO A 51 -3.65 -13.04 4.18
N ILE A 52 -4.10 -12.04 4.95
CA ILE A 52 -5.20 -12.21 5.90
C ILE A 52 -6.42 -11.32 5.53
N GLU A 53 -7.40 -11.90 4.84
CA GLU A 53 -8.61 -11.17 4.42
C GLU A 53 -9.34 -10.54 5.62
N ALA A 54 -9.20 -11.15 6.80
CA ALA A 54 -9.89 -10.68 8.02
C ALA A 54 -9.51 -9.25 8.42
N ARG A 55 -8.51 -8.67 7.74
CA ARG A 55 -8.08 -7.28 8.01
C ARG A 55 -8.62 -6.31 6.94
N TYR A 56 -9.66 -6.76 6.22
CA TYR A 56 -10.22 -6.02 5.08
C TYR A 56 -10.89 -4.69 5.47
N ALA A 57 -11.17 -3.88 4.45
CA ALA A 57 -11.97 -2.67 4.57
C ALA A 57 -12.39 -2.14 3.19
N LYS A 58 -13.62 -2.43 2.78
CA LYS A 58 -14.11 -2.00 1.46
C LYS A 58 -15.07 -0.80 1.56
N GLU A 59 -14.94 0.12 0.60
CA GLU A 59 -15.78 1.32 0.54
C GLU A 59 -16.11 1.67 -0.91
N VAL A 60 -17.30 2.21 -1.15
CA VAL A 60 -17.71 2.63 -2.49
C VAL A 60 -17.81 4.17 -2.56
N ALA A 61 -16.94 4.80 -3.34
CA ALA A 61 -16.98 6.24 -3.54
C ALA A 61 -18.30 6.66 -4.21
N LYS A 62 -18.88 7.78 -3.77
CA LYS A 62 -20.19 8.23 -4.29
C LYS A 62 -20.14 8.52 -5.81
N ASN A 63 -18.95 8.42 -6.41
CA ASN A 63 -18.78 8.50 -7.86
C ASN A 63 -19.10 7.14 -8.52
N ASP A 64 -19.72 6.23 -7.76
CA ASP A 64 -20.03 4.87 -8.22
C ASP A 64 -18.75 4.09 -8.53
N LYS A 65 -17.73 4.32 -7.69
CA LYS A 65 -16.41 3.72 -7.88
C LYS A 65 -15.91 3.07 -6.57
N PRO A 66 -15.91 1.73 -6.50
CA PRO A 66 -15.50 0.99 -5.29
C PRO A 66 -13.98 0.83 -5.15
N TYR A 67 -13.52 0.75 -3.91
CA TYR A 67 -12.10 0.52 -3.59
C TYR A 67 -11.94 -0.16 -2.23
N PHE A 68 -10.71 -0.40 -1.80
CA PHE A 68 -10.45 -1.04 -0.51
C PHE A 68 -9.23 -0.43 0.22
N ASN A 69 -9.22 -0.59 1.53
CA ASN A 69 -8.13 -0.11 2.37
C ASN A 69 -7.58 -1.25 3.25
N LEU A 70 -6.30 -1.17 3.60
CA LEU A 70 -5.69 -2.14 4.51
C LEU A 70 -5.31 -1.44 5.82
N LYS A 71 -5.65 -2.06 6.95
CA LYS A 71 -5.49 -1.42 8.26
C LYS A 71 -4.59 -2.23 9.21
N ALA A 72 -3.95 -1.52 10.13
CA ALA A 72 -3.23 -2.13 11.25
C ALA A 72 -4.19 -2.43 12.41
N ALA A 73 -3.67 -3.00 13.50
CA ALA A 73 -4.49 -3.34 14.67
C ALA A 73 -5.36 -2.17 15.16
N ASN A 74 -4.82 -0.95 15.13
CA ASN A 74 -5.58 0.25 15.57
C ASN A 74 -6.47 0.81 14.44
N HIS A 75 -6.65 0.02 13.38
CA HIS A 75 -7.54 0.38 12.25
C HIS A 75 -7.01 1.58 11.44
N GLN A 76 -5.75 1.93 11.66
CA GLN A 76 -5.09 3.00 10.89
C GLN A 76 -4.86 2.55 9.44
N ILE A 77 -4.99 3.49 8.50
CA ILE A 77 -4.88 3.16 7.08
C ILE A 77 -3.41 2.98 6.64
N ILE A 78 -2.94 1.74 6.70
CA ILE A 78 -1.57 1.41 6.25
C ILE A 78 -1.55 1.18 4.73
N GLY A 79 -2.72 1.11 4.11
CA GLY A 79 -2.81 0.96 2.66
C GLY A 79 -4.11 1.46 2.07
N THR A 80 -4.03 2.24 1.00
CA THR A 80 -5.20 2.70 0.25
C THR A 80 -5.06 2.38 -1.25
N SER A 81 -6.10 1.80 -1.84
CA SER A 81 -6.10 1.52 -3.28
C SER A 81 -6.77 2.65 -4.06
N GLN A 82 -6.68 2.59 -5.39
CA GLN A 82 -7.24 3.65 -6.25
C GLN A 82 -8.75 3.48 -6.45
N MET A 83 -9.41 4.56 -6.89
CA MET A 83 -10.86 4.51 -7.18
C MET A 83 -11.12 3.69 -8.45
N TYR A 84 -11.43 2.41 -8.29
CA TYR A 84 -11.62 1.51 -9.43
C TYR A 84 -13.01 1.66 -10.06
N SER A 85 -13.08 1.53 -11.39
CA SER A 85 -14.36 1.61 -12.11
C SER A 85 -15.04 0.24 -12.19
N SER A 86 -14.43 -0.76 -11.56
CA SER A 86 -14.95 -2.13 -11.54
C SER A 86 -14.76 -2.81 -10.17
N THR A 87 -15.82 -3.46 -9.68
CA THR A 87 -15.73 -4.23 -8.43
C THR A 87 -14.78 -5.42 -8.59
N ALA A 88 -14.75 -6.00 -9.79
CA ALA A 88 -13.85 -7.10 -10.10
C ALA A 88 -12.38 -6.69 -9.96
N ALA A 89 -12.06 -5.48 -10.45
CA ALA A 89 -10.71 -4.92 -10.32
C ALA A 89 -10.28 -4.83 -8.85
N ARG A 90 -11.22 -4.42 -7.98
CA ARG A 90 -10.97 -4.36 -6.55
C ARG A 90 -10.63 -5.75 -5.96
N ASP A 91 -11.51 -6.72 -6.19
CA ASP A 91 -11.35 -8.07 -5.65
C ASP A 91 -10.09 -8.76 -6.23
N ASN A 92 -9.84 -8.54 -7.52
CA ASN A 92 -8.59 -9.00 -8.14
C ASN A 92 -7.38 -8.32 -7.49
N GLY A 93 -7.55 -7.04 -7.17
CA GLY A 93 -6.52 -6.30 -6.44
C GLY A 93 -6.19 -6.93 -5.09
N ILE A 94 -7.22 -7.28 -4.32
CA ILE A 94 -7.03 -7.96 -3.04
C ILE A 94 -6.19 -9.25 -3.19
N LYS A 95 -6.51 -10.06 -4.20
CA LYS A 95 -5.71 -11.25 -4.50
C LYS A 95 -4.26 -10.89 -4.87
N SER A 96 -4.09 -9.78 -5.60
CA SER A 96 -2.75 -9.27 -5.91
C SER A 96 -1.98 -8.96 -4.61
N VAL A 97 -2.67 -8.32 -3.66
CA VAL A 97 -2.08 -7.94 -2.36
C VAL A 97 -1.55 -9.18 -1.61
N MET A 98 -2.39 -10.21 -1.46
CA MET A 98 -1.98 -11.42 -0.76
C MET A 98 -0.83 -12.15 -1.49
N GLU A 99 -0.74 -11.95 -2.81
CA GLU A 99 0.36 -12.51 -3.60
C GLU A 99 1.69 -11.77 -3.35
N ASN A 100 1.69 -10.45 -3.55
CA ASN A 100 2.95 -9.67 -3.49
C ASN A 100 3.24 -9.10 -2.09
N GLY A 101 2.20 -8.72 -1.35
CA GLY A 101 2.38 -8.11 -0.02
C GLY A 101 3.15 -9.00 0.97
N LYS A 102 3.23 -10.30 0.70
CA LYS A 102 3.97 -11.22 1.56
C LYS A 102 5.49 -11.16 1.31
N THR A 103 5.93 -10.23 0.46
CA THR A 103 7.36 -10.07 0.13
C THR A 103 8.15 -9.46 1.29
N THR A 104 9.46 -9.68 1.28
CA THR A 104 10.36 -9.11 2.29
C THR A 104 11.19 -7.96 1.71
N THR A 105 11.01 -7.68 0.42
CA THR A 105 11.79 -6.64 -0.28
C THR A 105 11.24 -5.23 -0.04
N ILE A 106 11.98 -4.42 0.71
CA ILE A 106 11.61 -3.03 0.98
C ILE A 106 12.63 -2.06 0.37
N LYS A 107 12.15 -0.94 -0.17
CA LYS A 107 13.01 0.07 -0.80
C LYS A 107 12.82 1.45 -0.15
N ASP A 108 13.89 1.97 0.45
CA ASP A 108 13.88 3.29 1.07
C ASP A 108 14.15 4.39 0.02
N LEU A 109 13.15 5.22 -0.26
CA LEU A 109 13.31 6.30 -1.25
C LEU A 109 13.61 7.65 -0.58
N THR A 110 13.80 7.64 0.74
CA THR A 110 14.07 8.89 1.49
C THR A 110 15.58 9.20 1.50
N LEU A 111 16.39 8.15 1.62
CA LEU A 111 17.85 8.27 1.53
C LEU A 111 18.28 8.26 0.05
N GLU A 112 17.53 7.53 -0.76
CA GLU A 112 17.70 7.54 -2.22
C GLU A 112 16.84 8.64 -2.85
N HIS A 113 16.81 8.68 -4.19
CA HIS A 113 15.99 9.66 -4.91
C HIS A 113 15.24 9.01 -6.08
N HIS A 114 14.02 8.57 -5.84
CA HIS A 114 13.22 7.90 -6.88
C HIS A 114 12.40 8.92 -7.68
N HIS A 115 12.99 9.42 -8.78
CA HIS A 115 12.34 10.46 -9.59
C HIS A 115 11.15 9.92 -10.40
N HIS A 116 9.96 10.44 -10.09
CA HIS A 116 8.72 9.99 -10.77
C HIS A 116 7.69 11.14 -10.82
N HIS A 117 7.68 11.88 -11.92
CA HIS A 117 6.76 13.02 -12.08
C HIS A 117 5.30 12.54 -12.17
N HIS A 118 4.41 13.20 -11.43
CA HIS A 118 2.99 12.83 -11.36
C HIS A 118 2.07 14.08 -11.41
N MET A 1 10.50 -11.31 -11.67
CA MET A 1 9.48 -10.25 -11.45
C MET A 1 8.81 -10.40 -10.08
N SER A 2 9.34 -9.71 -9.07
CA SER A 2 8.83 -9.80 -7.70
C SER A 2 8.03 -8.53 -7.33
N GLY A 3 7.34 -8.57 -6.19
CA GLY A 3 6.68 -7.38 -5.66
C GLY A 3 7.53 -6.70 -4.59
N TRP A 4 7.30 -5.40 -4.36
CA TRP A 4 8.12 -4.65 -3.38
C TRP A 4 7.41 -3.40 -2.84
N TYR A 5 7.96 -2.85 -1.75
CA TYR A 5 7.49 -1.59 -1.16
C TYR A 5 8.48 -0.45 -1.45
N GLU A 6 7.99 0.65 -2.01
CA GLU A 6 8.82 1.85 -2.21
C GLU A 6 8.53 2.91 -1.14
N LEU A 7 9.46 3.09 -0.21
CA LEU A 7 9.32 4.08 0.86
C LEU A 7 9.95 5.42 0.43
N SER A 8 9.13 6.46 0.34
CA SER A 8 9.64 7.79 -0.03
C SER A 8 9.15 8.85 0.97
N LYS A 9 9.86 9.98 1.04
CA LYS A 9 9.50 11.05 1.97
C LYS A 9 8.90 12.25 1.22
N SER A 10 7.86 12.84 1.81
CA SER A 10 7.20 14.03 1.23
C SER A 10 7.98 15.30 1.54
N SER A 11 7.60 16.40 0.86
CA SER A 11 8.24 17.70 1.09
C SER A 11 8.01 18.19 2.52
N ASN A 12 6.96 17.67 3.16
CA ASN A 12 6.66 17.99 4.56
C ASN A 12 7.44 17.06 5.52
N ASP A 13 8.44 16.35 4.99
CA ASP A 13 9.27 15.41 5.76
C ASP A 13 8.47 14.27 6.41
N GLN A 14 7.22 14.08 5.94
CA GLN A 14 6.41 12.94 6.37
C GLN A 14 6.57 11.77 5.37
N PHE A 15 6.64 10.55 5.89
CA PHE A 15 7.00 9.37 5.09
C PHE A 15 5.77 8.63 4.54
N LYS A 16 5.92 8.10 3.33
CA LYS A 16 4.86 7.32 2.67
C LYS A 16 5.46 6.09 1.97
N PHE A 17 4.66 5.06 1.75
CA PHE A 17 5.13 3.88 1.03
C PHE A 17 4.06 3.33 0.07
N VAL A 18 4.51 2.81 -1.08
CA VAL A 18 3.61 2.22 -2.08
C VAL A 18 3.96 0.76 -2.36
N LEU A 19 2.96 -0.06 -2.63
CA LEU A 19 3.16 -1.48 -2.93
C LEU A 19 2.99 -1.75 -4.43
N LYS A 20 4.07 -2.16 -5.09
CA LYS A 20 4.05 -2.45 -6.53
C LYS A 20 4.10 -3.96 -6.81
N ALA A 21 3.40 -4.39 -7.86
CA ALA A 21 3.39 -5.80 -8.28
C ALA A 21 4.60 -6.13 -9.16
N GLY A 22 4.68 -7.38 -9.62
CA GLY A 22 5.80 -7.84 -10.44
C GLY A 22 6.02 -7.03 -11.72
N ASN A 23 4.98 -6.36 -12.20
CA ASN A 23 5.07 -5.53 -13.41
C ASN A 23 5.41 -4.07 -13.07
N GLY A 24 5.40 -3.73 -11.78
CA GLY A 24 5.69 -2.37 -11.35
C GLY A 24 4.43 -1.52 -11.14
N GLU A 25 3.25 -2.13 -11.29
CA GLU A 25 1.98 -1.41 -11.11
C GLU A 25 1.70 -1.17 -9.62
N VAL A 26 1.21 0.03 -9.29
CA VAL A 26 0.97 0.40 -7.89
C VAL A 26 -0.44 -0.04 -7.44
N ILE A 27 -0.52 -1.11 -6.65
CA ILE A 27 -1.80 -1.59 -6.15
C ILE A 27 -2.23 -0.84 -4.87
N LEU A 28 -1.29 -0.58 -3.97
CA LEU A 28 -1.59 0.14 -2.71
C LEU A 28 -0.72 1.37 -2.51
N THR A 29 -1.28 2.39 -1.86
CA THR A 29 -0.53 3.58 -1.42
C THR A 29 -1.06 4.04 -0.07
N SER A 30 -0.16 4.29 0.88
CA SER A 30 -0.56 4.76 2.22
C SER A 30 -0.29 6.26 2.39
N GLU A 31 -1.01 6.89 3.32
CA GLU A 31 -0.87 8.33 3.57
C GLU A 31 0.44 8.66 4.33
N LEU A 32 0.57 9.92 4.77
CA LEU A 32 1.79 10.39 5.42
C LEU A 32 1.89 10.00 6.89
N TYR A 33 3.02 9.42 7.27
CA TYR A 33 3.33 9.10 8.67
C TYR A 33 4.25 10.15 9.27
N THR A 34 4.21 10.29 10.60
CA THR A 34 5.04 11.31 11.30
C THR A 34 6.51 10.88 11.39
N GLY A 35 6.75 9.57 11.39
CA GLY A 35 8.11 9.05 11.45
C GLY A 35 8.33 7.87 10.50
N LYS A 36 9.58 7.66 10.09
CA LYS A 36 9.93 6.58 9.16
C LYS A 36 9.67 5.19 9.79
N SER A 37 10.06 5.02 11.04
CA SER A 37 9.83 3.77 11.78
C SER A 37 8.34 3.42 11.82
N GLY A 38 7.49 4.44 12.00
CA GLY A 38 6.04 4.25 11.95
C GLY A 38 5.56 3.75 10.59
N ALA A 39 6.09 4.34 9.52
CA ALA A 39 5.79 3.88 8.16
C ALA A 39 6.18 2.40 7.97
N MET A 40 7.39 2.04 8.42
CA MET A 40 7.85 0.66 8.35
C MET A 40 6.94 -0.27 9.19
N ASN A 41 6.53 0.22 10.37
CA ASN A 41 5.56 -0.50 11.23
C ASN A 41 4.32 -0.89 10.41
N GLY A 42 3.84 0.06 9.60
CA GLY A 42 2.74 -0.22 8.69
C GLY A 42 3.10 -1.27 7.63
N ILE A 43 4.34 -1.23 7.13
CA ILE A 43 4.79 -2.17 6.10
C ILE A 43 4.79 -3.62 6.60
N GLU A 44 5.44 -3.84 7.75
CA GLU A 44 5.47 -5.19 8.35
C GLU A 44 4.06 -5.65 8.74
N SER A 45 3.22 -4.70 9.15
CA SER A 45 1.82 -4.99 9.45
C SER A 45 1.10 -5.52 8.19
N VAL A 46 1.33 -4.86 7.05
CA VAL A 46 0.80 -5.31 5.75
C VAL A 46 1.25 -6.75 5.44
N GLN A 47 2.53 -7.05 5.70
CA GLN A 47 3.08 -8.39 5.48
C GLN A 47 2.30 -9.46 6.28
N THR A 48 1.90 -9.10 7.51
CA THR A 48 1.09 -10.00 8.35
C THR A 48 -0.39 -10.02 7.92
N ASN A 49 -0.90 -8.86 7.53
CA ASN A 49 -2.31 -8.68 7.17
C ASN A 49 -2.65 -9.23 5.77
N SER A 50 -1.65 -9.27 4.88
CA SER A 50 -1.83 -9.65 3.46
C SER A 50 -2.84 -10.80 3.22
N PRO A 51 -2.69 -11.98 3.88
CA PRO A 51 -3.60 -13.12 3.65
C PRO A 51 -4.89 -13.07 4.49
N ILE A 52 -5.15 -11.95 5.15
CA ILE A 52 -6.31 -11.79 6.03
C ILE A 52 -7.29 -10.73 5.49
N GLU A 53 -8.31 -11.17 4.75
CA GLU A 53 -9.31 -10.24 4.19
C GLU A 53 -10.06 -9.48 5.29
N ALA A 54 -10.11 -10.04 6.50
CA ALA A 54 -10.75 -9.38 7.65
C ALA A 54 -10.11 -8.01 7.96
N ARG A 55 -8.86 -7.84 7.56
CA ARG A 55 -8.15 -6.57 7.76
C ARG A 55 -8.37 -5.61 6.57
N TYR A 56 -8.85 -6.14 5.45
CA TYR A 56 -9.12 -5.33 4.26
C TYR A 56 -10.52 -4.71 4.31
N ALA A 57 -10.56 -3.40 4.56
CA ALA A 57 -11.82 -2.67 4.55
C ALA A 57 -12.23 -2.32 3.10
N LYS A 58 -13.16 -3.08 2.54
CA LYS A 58 -13.60 -2.86 1.15
C LYS A 58 -14.86 -2.00 1.10
N GLU A 59 -14.71 -0.77 0.61
CA GLU A 59 -15.81 0.21 0.60
C GLU A 59 -16.02 0.78 -0.82
N VAL A 60 -17.16 1.44 -1.02
CA VAL A 60 -17.48 2.05 -2.31
C VAL A 60 -17.50 3.59 -2.22
N ALA A 61 -16.79 4.24 -3.14
CA ALA A 61 -16.74 5.70 -3.19
C ALA A 61 -18.07 6.30 -3.66
N LYS A 62 -18.26 7.60 -3.43
CA LYS A 62 -19.52 8.27 -3.74
C LYS A 62 -19.80 8.25 -5.26
N ASN A 63 -18.74 8.08 -6.05
CA ASN A 63 -18.88 7.93 -7.52
C ASN A 63 -19.28 6.51 -7.92
N ASP A 64 -19.69 5.69 -6.94
CA ASP A 64 -20.03 4.28 -7.20
C ASP A 64 -18.79 3.47 -7.65
N LYS A 65 -17.62 3.94 -7.22
CA LYS A 65 -16.34 3.29 -7.54
C LYS A 65 -15.83 2.47 -6.34
N PRO A 66 -15.84 1.13 -6.43
CA PRO A 66 -15.37 0.25 -5.34
C PRO A 66 -13.84 0.28 -5.15
N TYR A 67 -13.41 0.34 -3.88
CA TYR A 67 -11.99 0.33 -3.53
C TYR A 67 -11.77 -0.47 -2.24
N PHE A 68 -10.52 -0.54 -1.77
CA PHE A 68 -10.23 -1.25 -0.52
C PHE A 68 -9.03 -0.64 0.22
N ASN A 69 -9.17 -0.49 1.54
CA ASN A 69 -8.09 -0.01 2.39
C ASN A 69 -7.65 -1.10 3.38
N LEU A 70 -6.38 -1.06 3.77
CA LEU A 70 -5.84 -2.05 4.70
C LEU A 70 -5.51 -1.37 6.04
N LYS A 71 -5.96 -1.98 7.14
CA LYS A 71 -5.79 -1.40 8.47
C LYS A 71 -4.99 -2.33 9.41
N ALA A 72 -4.20 -1.71 10.30
CA ALA A 72 -3.47 -2.45 11.35
C ALA A 72 -4.39 -2.81 12.53
N ALA A 73 -3.85 -3.50 13.54
CA ALA A 73 -4.63 -3.91 14.71
C ALA A 73 -5.34 -2.71 15.40
N ASN A 74 -4.66 -1.57 15.46
CA ASN A 74 -5.25 -0.33 16.03
C ASN A 74 -6.28 0.29 15.06
N HIS A 75 -6.50 -0.38 13.93
CA HIS A 75 -7.49 0.03 12.93
C HIS A 75 -7.06 1.31 12.18
N GLN A 76 -5.76 1.57 12.20
CA GLN A 76 -5.17 2.71 11.52
C GLN A 76 -4.93 2.39 10.03
N ILE A 77 -5.04 3.41 9.17
CA ILE A 77 -4.81 3.22 7.74
C ILE A 77 -3.33 2.96 7.43
N ILE A 78 -3.03 1.76 6.93
CA ILE A 78 -1.68 1.41 6.49
C ILE A 78 -1.63 1.15 4.97
N GLY A 79 -2.80 1.11 4.33
CA GLY A 79 -2.86 0.98 2.89
C GLY A 79 -4.16 1.50 2.29
N THR A 80 -4.07 2.22 1.17
CA THR A 80 -5.26 2.70 0.43
C THR A 80 -5.10 2.43 -1.07
N SER A 81 -6.09 1.77 -1.68
CA SER A 81 -6.06 1.53 -3.12
C SER A 81 -6.85 2.60 -3.90
N GLN A 82 -6.60 2.69 -5.20
CA GLN A 82 -7.29 3.66 -6.06
C GLN A 82 -8.66 3.15 -6.50
N MET A 83 -9.66 4.02 -6.43
CA MET A 83 -11.05 3.68 -6.79
C MET A 83 -11.14 3.01 -8.18
N TYR A 84 -11.62 1.76 -8.20
CA TYR A 84 -11.77 1.00 -9.44
C TYR A 84 -13.17 1.21 -10.05
N SER A 85 -13.35 0.81 -11.31
CA SER A 85 -14.65 0.97 -11.99
C SER A 85 -15.57 -0.26 -11.76
N SER A 86 -14.97 -1.38 -11.36
CA SER A 86 -15.74 -2.62 -11.12
C SER A 86 -15.27 -3.33 -9.85
N THR A 87 -16.16 -4.14 -9.26
CA THR A 87 -15.83 -4.92 -8.07
C THR A 87 -14.77 -5.98 -8.39
N ALA A 88 -14.87 -6.56 -9.58
CA ALA A 88 -13.88 -7.54 -10.07
C ALA A 88 -12.46 -6.95 -10.05
N ALA A 89 -12.32 -5.70 -10.50
CA ALA A 89 -11.03 -4.99 -10.47
C ALA A 89 -10.54 -4.78 -9.03
N ARG A 90 -11.48 -4.47 -8.13
CA ARG A 90 -11.16 -4.30 -6.70
C ARG A 90 -10.61 -5.60 -6.09
N ASP A 91 -11.37 -6.68 -6.21
CA ASP A 91 -10.95 -8.00 -5.72
C ASP A 91 -9.67 -8.47 -6.42
N ASN A 92 -9.53 -8.14 -7.71
CA ASN A 92 -8.30 -8.43 -8.46
C ASN A 92 -7.09 -7.79 -7.77
N GLY A 93 -7.26 -6.54 -7.33
CA GLY A 93 -6.23 -5.87 -6.56
C GLY A 93 -5.90 -6.60 -5.26
N ILE A 94 -6.94 -6.88 -4.47
CA ILE A 94 -6.79 -7.61 -3.19
C ILE A 94 -6.02 -8.92 -3.38
N LYS A 95 -6.38 -9.68 -4.41
CA LYS A 95 -5.66 -10.91 -4.77
C LYS A 95 -4.17 -10.62 -5.02
N SER A 96 -3.91 -9.56 -5.77
CA SER A 96 -2.55 -9.12 -6.06
C SER A 96 -1.80 -8.74 -4.76
N VAL A 97 -2.53 -8.19 -3.79
CA VAL A 97 -1.95 -7.85 -2.49
C VAL A 97 -1.58 -9.12 -1.71
N MET A 98 -2.41 -10.16 -1.84
CA MET A 98 -2.12 -11.45 -1.21
C MET A 98 -0.86 -12.10 -1.81
N GLU A 99 -0.62 -11.86 -3.10
CA GLU A 99 0.56 -12.38 -3.79
C GLU A 99 1.83 -11.56 -3.48
N ASN A 100 1.74 -10.23 -3.61
CA ASN A 100 2.91 -9.35 -3.46
C ASN A 100 3.09 -8.85 -2.02
N GLY A 101 2.00 -8.68 -1.29
CA GLY A 101 2.05 -8.12 0.07
C GLY A 101 2.88 -8.96 1.05
N LYS A 102 3.24 -10.17 0.65
CA LYS A 102 4.07 -11.04 1.49
C LYS A 102 5.57 -10.79 1.24
N THR A 103 5.91 -9.75 0.48
CA THR A 103 7.30 -9.44 0.15
C THR A 103 8.03 -8.74 1.31
N THR A 104 9.30 -9.06 1.48
CA THR A 104 10.15 -8.37 2.46
C THR A 104 11.08 -7.36 1.77
N THR A 105 10.88 -7.17 0.47
CA THR A 105 11.69 -6.24 -0.32
C THR A 105 11.22 -4.78 -0.13
N ILE A 106 11.97 -4.03 0.67
CA ILE A 106 11.64 -2.63 0.95
C ILE A 106 12.70 -1.68 0.38
N LYS A 107 12.32 -0.91 -0.65
CA LYS A 107 13.22 0.07 -1.25
C LYS A 107 13.16 1.43 -0.52
N ASP A 108 14.22 1.77 0.20
CA ASP A 108 14.29 3.08 0.86
C ASP A 108 14.72 4.17 -0.12
N LEU A 109 13.79 5.04 -0.48
CA LEU A 109 14.06 6.15 -1.40
C LEU A 109 14.28 7.47 -0.65
N THR A 110 14.18 7.43 0.68
CA THR A 110 14.21 8.65 1.50
C THR A 110 15.65 9.17 1.70
N LEU A 111 16.62 8.25 1.71
CA LEU A 111 18.03 8.62 1.90
C LEU A 111 18.51 9.65 0.84
N GLU A 112 18.69 9.19 -0.39
CA GLU A 112 19.19 10.06 -1.48
C GLU A 112 18.08 10.72 -2.30
N HIS A 113 18.43 11.83 -2.95
CA HIS A 113 17.51 12.54 -3.85
C HIS A 113 17.21 11.69 -5.09
N HIS A 114 16.20 10.83 -4.99
CA HIS A 114 15.82 9.96 -6.10
C HIS A 114 15.02 10.71 -7.17
N HIS A 115 15.22 10.33 -8.42
CA HIS A 115 14.61 11.04 -9.56
C HIS A 115 13.18 10.54 -9.82
N HIS A 116 12.20 11.37 -9.48
CA HIS A 116 10.79 11.03 -9.64
C HIS A 116 10.38 11.06 -11.13
N HIS A 117 10.67 9.98 -11.84
CA HIS A 117 10.29 9.86 -13.25
C HIS A 117 9.16 8.83 -13.42
N HIS A 118 8.11 9.22 -14.15
CA HIS A 118 6.97 8.34 -14.42
C HIS A 118 7.19 7.49 -15.69
N MET A 1 6.80 -11.96 -11.88
CA MET A 1 7.60 -11.21 -10.86
C MET A 1 6.84 -11.09 -9.53
N SER A 2 7.57 -10.89 -8.44
CA SER A 2 6.98 -10.66 -7.12
C SER A 2 6.94 -9.17 -6.79
N GLY A 3 5.98 -8.75 -5.96
CA GLY A 3 5.85 -7.35 -5.58
C GLY A 3 6.93 -6.87 -4.62
N TRP A 4 6.93 -5.56 -4.32
CA TRP A 4 7.89 -4.98 -3.37
C TRP A 4 7.35 -3.69 -2.73
N TYR A 5 7.92 -3.30 -1.60
CA TYR A 5 7.51 -2.08 -0.87
C TYR A 5 8.52 -0.95 -1.05
N GLU A 6 8.06 0.21 -1.49
CA GLU A 6 8.94 1.38 -1.66
C GLU A 6 8.51 2.56 -0.79
N LEU A 7 9.38 2.98 0.13
CA LEU A 7 9.12 4.11 1.02
C LEU A 7 9.61 5.43 0.41
N SER A 8 8.78 6.45 0.42
CA SER A 8 9.14 7.75 -0.18
C SER A 8 8.78 8.92 0.75
N LYS A 9 9.50 10.04 0.60
CA LYS A 9 9.29 11.23 1.42
C LYS A 9 8.24 12.17 0.77
N SER A 10 7.59 12.98 1.59
CA SER A 10 6.58 13.95 1.12
C SER A 10 7.02 15.39 1.40
N SER A 11 6.16 16.36 1.09
CA SER A 11 6.45 17.79 1.27
C SER A 11 6.87 18.13 2.71
N ASN A 12 6.06 17.71 3.67
CA ASN A 12 6.30 18.03 5.09
C ASN A 12 7.36 17.09 5.72
N ASP A 13 8.26 16.53 4.90
CA ASP A 13 9.29 15.58 5.36
C ASP A 13 8.65 14.24 5.81
N GLN A 14 7.32 14.17 5.74
CA GLN A 14 6.58 12.97 6.15
C GLN A 14 6.82 11.80 5.18
N PHE A 15 6.59 10.58 5.65
CA PHE A 15 6.92 9.39 4.89
C PHE A 15 5.67 8.57 4.53
N LYS A 16 5.65 8.04 3.31
CA LYS A 16 4.58 7.14 2.86
C LYS A 16 5.16 6.05 1.94
N PHE A 17 4.71 4.81 2.12
CA PHE A 17 5.20 3.68 1.32
C PHE A 17 4.13 3.18 0.35
N VAL A 18 4.57 2.70 -0.82
CA VAL A 18 3.68 2.14 -1.83
C VAL A 18 4.04 0.68 -2.16
N LEU A 19 3.05 -0.21 -2.08
CA LEU A 19 3.26 -1.61 -2.44
C LEU A 19 3.04 -1.82 -3.94
N LYS A 20 4.13 -2.11 -4.66
CA LYS A 20 4.09 -2.28 -6.11
C LYS A 20 4.15 -3.77 -6.48
N ALA A 21 3.15 -4.25 -7.20
CA ALA A 21 3.10 -5.65 -7.64
C ALA A 21 4.17 -5.95 -8.70
N GLY A 22 4.46 -7.24 -8.90
CA GLY A 22 5.50 -7.65 -9.84
C GLY A 22 5.31 -7.11 -11.26
N ASN A 23 4.09 -6.71 -11.61
CA ASN A 23 3.80 -6.15 -12.93
C ASN A 23 4.19 -4.66 -13.02
N GLY A 24 4.80 -4.13 -11.96
CA GLY A 24 5.10 -2.70 -11.90
C GLY A 24 3.85 -1.87 -11.67
N GLU A 25 2.93 -2.41 -10.85
CA GLU A 25 1.63 -1.78 -10.60
C GLU A 25 1.42 -1.52 -9.11
N VAL A 26 1.31 -0.26 -8.70
CA VAL A 26 1.08 0.08 -7.30
C VAL A 26 -0.33 -0.30 -6.85
N ILE A 27 -0.44 -1.43 -6.15
CA ILE A 27 -1.74 -1.95 -5.73
C ILE A 27 -2.25 -1.29 -4.43
N LEU A 28 -1.37 -1.10 -3.45
CA LEU A 28 -1.74 -0.45 -2.18
C LEU A 28 -0.82 0.76 -1.88
N THR A 29 -1.44 1.92 -1.65
CA THR A 29 -0.71 3.15 -1.34
C THR A 29 -1.06 3.65 0.08
N SER A 30 -0.05 3.81 0.92
CA SER A 30 -0.27 4.26 2.31
C SER A 30 -0.37 5.78 2.42
N GLU A 31 -0.68 6.25 3.64
CA GLU A 31 -0.87 7.69 3.90
C GLU A 31 0.40 8.31 4.52
N LEU A 32 0.33 9.59 4.89
CA LEU A 32 1.48 10.29 5.45
C LEU A 32 1.69 9.98 6.94
N TYR A 33 2.84 9.39 7.26
CA TYR A 33 3.23 9.14 8.65
C TYR A 33 4.04 10.32 9.20
N THR A 34 3.97 10.54 10.51
CA THR A 34 4.69 11.65 11.15
C THR A 34 6.15 11.28 11.45
N GLY A 35 6.45 9.98 11.44
CA GLY A 35 7.81 9.52 11.71
C GLY A 35 8.24 8.36 10.79
N LYS A 36 9.52 8.34 10.43
CA LYS A 36 10.08 7.27 9.58
C LYS A 36 9.92 5.89 10.24
N SER A 37 10.10 5.84 11.55
CA SER A 37 9.92 4.61 12.32
C SER A 37 8.49 4.05 12.14
N GLY A 38 7.50 4.91 12.34
CA GLY A 38 6.10 4.52 12.15
C GLY A 38 5.82 4.04 10.73
N ALA A 39 6.42 4.70 9.75
CA ALA A 39 6.28 4.30 8.34
C ALA A 39 6.76 2.86 8.11
N MET A 40 7.95 2.54 8.65
CA MET A 40 8.48 1.18 8.56
C MET A 40 7.55 0.18 9.28
N ASN A 41 7.09 0.54 10.48
CA ASN A 41 6.10 -0.27 11.20
C ASN A 41 4.87 -0.57 10.31
N GLY A 42 4.46 0.43 9.53
CA GLY A 42 3.40 0.24 8.56
C GLY A 42 3.76 -0.82 7.53
N ILE A 43 4.99 -0.79 7.03
CA ILE A 43 5.45 -1.76 6.02
C ILE A 43 5.37 -3.20 6.57
N GLU A 44 5.90 -3.40 7.77
CA GLU A 44 5.89 -4.71 8.42
C GLU A 44 4.45 -5.19 8.71
N SER A 45 3.58 -4.26 9.10
CA SER A 45 2.17 -4.61 9.37
C SER A 45 1.49 -5.09 8.08
N VAL A 46 1.67 -4.36 6.99
CA VAL A 46 1.11 -4.77 5.69
C VAL A 46 1.67 -6.13 5.24
N GLN A 47 2.97 -6.35 5.42
CA GLN A 47 3.60 -7.65 5.11
C GLN A 47 2.91 -8.80 5.88
N THR A 48 2.50 -8.52 7.11
CA THR A 48 1.82 -9.50 7.96
C THR A 48 0.32 -9.59 7.64
N ASN A 49 -0.28 -8.45 7.33
CA ASN A 49 -1.73 -8.32 7.13
C ASN A 49 -2.19 -8.72 5.71
N SER A 50 -1.32 -8.53 4.71
CA SER A 50 -1.67 -8.86 3.31
C SER A 50 -2.22 -10.29 3.14
N PRO A 51 -1.54 -11.33 3.69
CA PRO A 51 -2.05 -12.71 3.63
C PRO A 51 -3.32 -12.94 4.48
N ILE A 52 -3.76 -11.88 5.19
CA ILE A 52 -5.00 -11.93 5.97
C ILE A 52 -6.07 -11.03 5.34
N GLU A 53 -6.90 -11.62 4.46
CA GLU A 53 -7.87 -10.84 3.67
C GLU A 53 -8.87 -10.07 4.57
N ALA A 54 -9.11 -10.58 5.78
CA ALA A 54 -10.03 -9.94 6.72
C ALA A 54 -9.60 -8.49 7.08
N ARG A 55 -8.32 -8.18 6.86
CA ARG A 55 -7.77 -6.86 7.19
C ARG A 55 -8.28 -5.75 6.25
N TYR A 56 -8.92 -6.10 5.15
CA TYR A 56 -9.38 -5.11 4.17
C TYR A 56 -10.60 -4.31 4.66
N ALA A 57 -10.99 -3.32 3.87
CA ALA A 57 -12.20 -2.53 4.14
C ALA A 57 -12.96 -2.22 2.84
N LYS A 58 -14.16 -2.75 2.72
CA LYS A 58 -15.00 -2.54 1.52
C LYS A 58 -15.58 -1.11 1.48
N GLU A 59 -15.21 -0.34 0.45
CA GLU A 59 -15.69 1.04 0.32
C GLU A 59 -15.97 1.42 -1.15
N VAL A 60 -17.17 1.93 -1.41
CA VAL A 60 -17.48 2.56 -2.70
C VAL A 60 -17.69 4.06 -2.51
N ALA A 61 -16.76 4.86 -3.05
CA ALA A 61 -16.82 6.32 -2.92
C ALA A 61 -18.14 6.89 -3.46
N LYS A 62 -18.60 7.99 -2.85
CA LYS A 62 -19.84 8.65 -3.27
C LYS A 62 -19.74 9.15 -4.72
N ASN A 63 -18.51 9.24 -5.23
CA ASN A 63 -18.25 9.53 -6.65
C ASN A 63 -18.52 8.30 -7.54
N ASP A 64 -19.08 7.24 -6.95
CA ASP A 64 -19.30 5.96 -7.62
C ASP A 64 -17.95 5.32 -8.02
N LYS A 65 -17.17 4.95 -7.00
CA LYS A 65 -15.84 4.35 -7.18
C LYS A 65 -15.62 3.16 -6.21
N PRO A 66 -15.66 1.91 -6.69
CA PRO A 66 -15.44 0.73 -5.86
C PRO A 66 -13.95 0.44 -5.60
N TYR A 67 -13.53 0.54 -4.34
CA TYR A 67 -12.15 0.25 -3.94
C TYR A 67 -12.09 -0.43 -2.56
N PHE A 68 -10.90 -0.68 -2.06
CA PHE A 68 -10.73 -1.28 -0.73
C PHE A 68 -9.56 -0.65 0.04
N ASN A 69 -9.74 -0.51 1.35
CA ASN A 69 -8.70 0.01 2.25
C ASN A 69 -8.11 -1.13 3.08
N LEU A 70 -6.91 -0.92 3.62
CA LEU A 70 -6.22 -1.94 4.42
C LEU A 70 -5.90 -1.38 5.82
N LYS A 71 -6.35 -2.08 6.85
CA LYS A 71 -6.20 -1.62 8.24
C LYS A 71 -5.39 -2.61 9.10
N ALA A 72 -4.72 -2.09 10.12
CA ALA A 72 -3.99 -2.90 11.10
C ALA A 72 -4.89 -3.23 12.31
N ALA A 73 -4.37 -4.01 13.26
CA ALA A 73 -5.15 -4.48 14.42
C ALA A 73 -5.88 -3.34 15.15
N ASN A 74 -5.20 -2.23 15.44
CA ASN A 74 -5.80 -1.09 16.13
C ASN A 74 -6.74 -0.27 15.20
N HIS A 75 -7.13 -0.85 14.07
CA HIS A 75 -8.11 -0.24 13.14
C HIS A 75 -7.52 0.98 12.42
N GLN A 76 -6.20 1.13 12.51
CA GLN A 76 -5.49 2.24 11.87
C GLN A 76 -5.31 2.00 10.37
N ILE A 77 -5.31 3.09 9.60
CA ILE A 77 -5.13 3.00 8.15
C ILE A 77 -3.65 2.80 7.78
N ILE A 78 -3.33 1.63 7.23
CA ILE A 78 -1.95 1.33 6.80
C ILE A 78 -1.81 1.34 5.28
N GLY A 79 -2.92 1.24 4.55
CA GLY A 79 -2.86 1.33 3.09
C GLY A 79 -4.23 1.54 2.43
N THR A 80 -4.23 2.17 1.26
CA THR A 80 -5.45 2.37 0.47
C THR A 80 -5.19 2.00 -1.00
N SER A 81 -6.08 1.22 -1.61
CA SER A 81 -5.87 0.73 -2.98
C SER A 81 -6.28 1.76 -4.04
N GLN A 82 -6.21 1.36 -5.32
CA GLN A 82 -6.50 2.25 -6.45
C GLN A 82 -7.99 2.55 -6.58
N MET A 83 -8.32 3.57 -7.37
CA MET A 83 -9.71 3.88 -7.71
C MET A 83 -10.17 3.01 -8.90
N TYR A 84 -10.66 1.81 -8.59
CA TYR A 84 -11.10 0.87 -9.62
C TYR A 84 -12.44 1.30 -10.24
N SER A 85 -12.62 1.04 -11.53
CA SER A 85 -13.86 1.38 -12.22
C SER A 85 -14.89 0.24 -12.12
N SER A 86 -14.45 -0.92 -11.61
CA SER A 86 -15.31 -2.10 -11.50
C SER A 86 -15.05 -2.85 -10.18
N THR A 87 -16.09 -3.50 -9.66
CA THR A 87 -15.99 -4.27 -8.41
C THR A 87 -15.08 -5.50 -8.56
N ALA A 88 -15.19 -6.17 -9.71
CA ALA A 88 -14.35 -7.35 -10.00
C ALA A 88 -12.85 -7.00 -9.92
N ALA A 89 -12.45 -5.93 -10.59
CA ALA A 89 -11.05 -5.48 -10.58
C ALA A 89 -10.57 -5.19 -9.15
N ARG A 90 -11.46 -4.62 -8.33
CA ARG A 90 -11.17 -4.35 -6.91
C ARG A 90 -10.75 -5.64 -6.18
N ASP A 91 -11.59 -6.67 -6.25
CA ASP A 91 -11.33 -7.93 -5.55
C ASP A 91 -10.14 -8.68 -6.18
N ASN A 92 -9.91 -8.48 -7.48
CA ASN A 92 -8.71 -9.00 -8.13
C ASN A 92 -7.46 -8.26 -7.63
N GLY A 93 -7.63 -7.00 -7.26
CA GLY A 93 -6.56 -6.28 -6.57
C GLY A 93 -6.26 -6.88 -5.21
N ILE A 94 -7.31 -7.34 -4.51
CA ILE A 94 -7.17 -8.01 -3.22
C ILE A 94 -6.32 -9.29 -3.32
N LYS A 95 -6.59 -10.13 -4.33
CA LYS A 95 -5.74 -11.33 -4.53
C LYS A 95 -4.30 -10.92 -4.85
N SER A 96 -4.15 -9.83 -5.63
CA SER A 96 -2.83 -9.30 -5.98
C SER A 96 -2.00 -8.95 -4.74
N VAL A 97 -2.62 -8.28 -3.76
CA VAL A 97 -1.91 -7.86 -2.54
C VAL A 97 -1.61 -9.03 -1.59
N MET A 98 -2.54 -9.98 -1.45
CA MET A 98 -2.30 -11.14 -0.57
C MET A 98 -1.17 -12.02 -1.12
N GLU A 99 -0.97 -12.00 -2.44
CA GLU A 99 0.16 -12.70 -3.08
C GLU A 99 1.46 -11.88 -3.01
N ASN A 100 1.43 -10.65 -3.52
CA ASN A 100 2.64 -9.81 -3.65
C ASN A 100 3.02 -9.11 -2.33
N GLY A 101 2.10 -9.03 -1.39
CA GLY A 101 2.35 -8.30 -0.14
C GLY A 101 3.18 -9.08 0.89
N LYS A 102 3.44 -10.35 0.60
CA LYS A 102 4.23 -11.21 1.50
C LYS A 102 5.73 -11.08 1.24
N THR A 103 6.11 -10.09 0.42
CA THR A 103 7.51 -9.88 0.03
C THR A 103 8.32 -9.17 1.12
N THR A 104 9.56 -9.61 1.30
CA THR A 104 10.48 -8.98 2.26
C THR A 104 11.30 -7.85 1.62
N THR A 105 11.13 -7.66 0.31
CA THR A 105 11.86 -6.62 -0.43
C THR A 105 11.39 -5.21 -0.05
N ILE A 106 12.12 -4.55 0.84
CA ILE A 106 11.79 -3.17 1.24
C ILE A 106 12.79 -2.17 0.63
N LYS A 107 12.34 -1.46 -0.40
CA LYS A 107 13.17 -0.47 -1.08
C LYS A 107 12.95 0.93 -0.51
N ASP A 108 14.04 1.62 -0.18
CA ASP A 108 13.96 3.00 0.27
C ASP A 108 14.12 3.98 -0.91
N LEU A 109 13.32 5.06 -0.91
CA LEU A 109 13.44 6.13 -1.90
C LEU A 109 13.63 7.50 -1.21
N THR A 110 13.63 7.51 0.14
CA THR A 110 13.74 8.77 0.91
C THR A 110 15.21 9.17 1.07
N LEU A 111 16.06 8.20 1.37
CA LEU A 111 17.50 8.43 1.51
C LEU A 111 18.18 8.29 0.14
N GLU A 112 17.82 7.23 -0.58
CA GLU A 112 18.40 6.91 -1.88
C GLU A 112 17.31 6.64 -2.93
N HIS A 113 17.42 7.26 -4.09
CA HIS A 113 16.47 6.99 -5.19
C HIS A 113 17.19 6.82 -6.53
N HIS A 114 17.48 5.57 -6.88
CA HIS A 114 18.20 5.24 -8.10
C HIS A 114 17.29 5.36 -9.34
N HIS A 115 17.80 6.00 -10.39
CA HIS A 115 17.04 6.19 -11.62
C HIS A 115 17.42 5.15 -12.68
N HIS A 116 16.46 4.75 -13.51
CA HIS A 116 16.68 3.74 -14.55
C HIS A 116 16.57 4.34 -15.95
N HIS A 117 17.47 3.92 -16.85
CA HIS A 117 17.46 4.36 -18.24
C HIS A 117 17.88 3.22 -19.18
N HIS A 118 17.22 3.12 -20.34
CA HIS A 118 17.50 2.03 -21.28
C HIS A 118 17.28 2.46 -22.75
N MET A 1 4.42 -14.14 -4.20
CA MET A 1 5.88 -14.15 -3.90
C MET A 1 6.60 -12.99 -4.59
N SER A 2 6.00 -12.43 -5.65
CA SER A 2 6.55 -11.26 -6.35
C SER A 2 6.15 -9.95 -5.67
N GLY A 3 6.52 -8.83 -6.26
CA GLY A 3 6.13 -7.52 -5.72
C GLY A 3 7.18 -6.87 -4.83
N TRP A 4 6.96 -5.61 -4.47
CA TRP A 4 7.89 -4.88 -3.59
C TRP A 4 7.25 -3.59 -3.04
N TYR A 5 7.87 -3.04 -1.99
CA TYR A 5 7.42 -1.78 -1.39
C TYR A 5 8.40 -0.63 -1.70
N GLU A 6 7.87 0.57 -1.92
CA GLU A 6 8.69 1.76 -2.10
C GLU A 6 8.29 2.87 -1.13
N LEU A 7 9.19 3.20 -0.20
CA LEU A 7 8.95 4.28 0.77
C LEU A 7 9.62 5.59 0.31
N SER A 8 8.84 6.64 0.17
CA SER A 8 9.36 7.94 -0.27
C SER A 8 8.95 9.08 0.66
N LYS A 9 9.76 10.13 0.70
CA LYS A 9 9.49 11.28 1.56
C LYS A 9 8.80 12.41 0.77
N SER A 10 7.80 13.03 1.38
CA SER A 10 7.06 14.13 0.74
C SER A 10 7.73 15.49 1.01
N SER A 11 7.22 16.53 0.37
CA SER A 11 7.80 17.89 0.45
C SER A 11 7.73 18.48 1.87
N ASN A 12 6.98 17.83 2.76
CA ASN A 12 6.85 18.30 4.15
C ASN A 12 7.64 17.41 5.12
N ASP A 13 8.52 16.56 4.58
CA ASP A 13 9.41 15.69 5.36
C ASP A 13 8.65 14.49 6.00
N GLN A 14 7.39 14.30 5.60
CA GLN A 14 6.63 13.12 6.05
C GLN A 14 6.88 11.92 5.12
N PHE A 15 6.65 10.71 5.64
CA PHE A 15 6.95 9.48 4.88
C PHE A 15 5.67 8.82 4.33
N LYS A 16 5.78 8.30 3.11
CA LYS A 16 4.65 7.61 2.45
C LYS A 16 5.15 6.45 1.57
N PHE A 17 4.57 5.26 1.74
CA PHE A 17 4.98 4.08 0.97
C PHE A 17 3.84 3.55 0.08
N VAL A 18 4.23 2.91 -1.02
CA VAL A 18 3.27 2.30 -1.95
C VAL A 18 3.60 0.82 -2.21
N LEU A 19 2.56 0.01 -2.38
CA LEU A 19 2.73 -1.42 -2.68
C LEU A 19 2.44 -1.71 -4.16
N LYS A 20 3.43 -2.28 -4.86
CA LYS A 20 3.29 -2.59 -6.28
C LYS A 20 3.54 -4.08 -6.55
N ALA A 21 2.76 -4.65 -7.46
CA ALA A 21 2.89 -6.07 -7.82
C ALA A 21 4.14 -6.33 -8.68
N GLY A 22 4.39 -7.60 -9.01
CA GLY A 22 5.57 -7.97 -9.80
C GLY A 22 5.66 -7.28 -11.16
N ASN A 23 4.54 -6.75 -11.65
CA ASN A 23 4.50 -6.06 -12.94
C ASN A 23 4.78 -4.55 -12.79
N GLY A 24 4.94 -4.09 -11.55
CA GLY A 24 5.21 -2.67 -11.30
C GLY A 24 3.94 -1.82 -11.15
N GLU A 25 2.79 -2.47 -11.14
CA GLU A 25 1.50 -1.78 -11.04
C GLU A 25 1.12 -1.50 -9.58
N VAL A 26 0.70 -0.26 -9.30
CA VAL A 26 0.35 0.16 -7.94
C VAL A 26 -1.05 -0.32 -7.53
N ILE A 27 -1.12 -1.05 -6.42
CA ILE A 27 -2.40 -1.51 -5.87
C ILE A 27 -2.77 -0.77 -4.57
N LEU A 28 -1.78 -0.49 -3.73
CA LEU A 28 -2.00 0.23 -2.45
C LEU A 28 -1.12 1.49 -2.34
N THR A 29 -1.69 2.55 -1.79
CA THR A 29 -0.96 3.81 -1.54
C THR A 29 -1.31 4.35 -0.14
N SER A 30 -0.33 4.37 0.77
CA SER A 30 -0.58 4.81 2.15
C SER A 30 -0.48 6.34 2.29
N GLU A 31 -0.70 6.83 3.51
CA GLU A 31 -0.72 8.28 3.79
C GLU A 31 0.62 8.78 4.35
N LEU A 32 0.63 10.03 4.81
CA LEU A 32 1.83 10.67 5.35
C LEU A 32 2.06 10.35 6.84
N TYR A 33 3.05 9.50 7.11
CA TYR A 33 3.46 9.18 8.49
C TYR A 33 4.43 10.25 9.04
N THR A 34 4.53 10.33 10.37
CA THR A 34 5.43 11.27 11.03
C THR A 34 6.86 10.70 11.14
N GLY A 35 6.98 9.50 11.70
CA GLY A 35 8.28 8.88 11.90
C GLY A 35 8.59 7.76 10.91
N LYS A 36 9.86 7.58 10.59
CA LYS A 36 10.31 6.51 9.70
C LYS A 36 9.93 5.13 10.26
N SER A 37 10.12 4.96 11.57
CA SER A 37 9.72 3.74 12.27
C SER A 37 8.23 3.45 12.08
N GLY A 38 7.41 4.50 12.16
CA GLY A 38 5.97 4.35 11.94
C GLY A 38 5.63 3.88 10.53
N ALA A 39 6.30 4.45 9.53
CA ALA A 39 6.12 4.05 8.13
C ALA A 39 6.49 2.56 7.92
N MET A 40 7.66 2.17 8.43
CA MET A 40 8.08 0.77 8.35
C MET A 40 7.09 -0.14 9.09
N ASN A 41 6.69 0.27 10.30
CA ASN A 41 5.70 -0.47 11.11
C ASN A 41 4.45 -0.75 10.28
N GLY A 42 4.00 0.25 9.52
CA GLY A 42 2.89 0.06 8.60
C GLY A 42 3.17 -1.01 7.55
N ILE A 43 4.39 -1.00 6.98
CA ILE A 43 4.77 -1.97 5.95
C ILE A 43 4.79 -3.40 6.52
N GLU A 44 5.43 -3.57 7.67
CA GLU A 44 5.48 -4.86 8.36
C GLU A 44 4.06 -5.36 8.66
N SER A 45 3.18 -4.44 9.05
CA SER A 45 1.77 -4.76 9.32
C SER A 45 1.06 -5.24 8.05
N VAL A 46 1.36 -4.61 6.90
CA VAL A 46 0.80 -5.06 5.62
C VAL A 46 1.21 -6.51 5.32
N GLN A 47 2.50 -6.80 5.50
CA GLN A 47 3.04 -8.15 5.33
C GLN A 47 2.32 -9.16 6.24
N THR A 48 1.98 -8.72 7.45
CA THR A 48 1.29 -9.57 8.43
C THR A 48 -0.21 -9.72 8.10
N ASN A 49 -0.81 -8.65 7.57
CA ASN A 49 -2.23 -8.65 7.21
C ASN A 49 -2.50 -9.39 5.88
N SER A 50 -1.50 -9.40 5.00
CA SER A 50 -1.63 -10.02 3.67
C SER A 50 -2.31 -11.41 3.71
N PRO A 51 -1.89 -12.35 4.60
CA PRO A 51 -2.56 -13.65 4.75
C PRO A 51 -3.83 -13.58 5.63
N ILE A 52 -4.00 -12.46 6.35
CA ILE A 52 -5.16 -12.28 7.25
C ILE A 52 -6.29 -11.52 6.52
N GLU A 53 -7.18 -12.27 5.87
CA GLU A 53 -8.26 -11.68 5.07
C GLU A 53 -9.13 -10.70 5.88
N ALA A 54 -9.46 -11.07 7.12
CA ALA A 54 -10.38 -10.30 7.97
C ALA A 54 -9.94 -8.84 8.19
N ARG A 55 -8.70 -8.50 7.84
CA ARG A 55 -8.19 -7.13 7.98
C ARG A 55 -8.62 -6.23 6.81
N TYR A 56 -9.40 -6.79 5.88
CA TYR A 56 -9.85 -6.08 4.68
C TYR A 56 -10.80 -4.90 4.98
N ALA A 57 -11.21 -4.20 3.93
CA ALA A 57 -12.23 -3.15 4.02
C ALA A 57 -12.84 -2.87 2.63
N LYS A 58 -14.03 -3.41 2.38
CA LYS A 58 -14.72 -3.22 1.10
C LYS A 58 -15.47 -1.88 1.06
N GLU A 59 -15.00 -0.94 0.24
CA GLU A 59 -15.63 0.38 0.15
C GLU A 59 -15.90 0.82 -1.29
N VAL A 60 -16.97 1.60 -1.47
CA VAL A 60 -17.26 2.26 -2.73
C VAL A 60 -17.50 3.76 -2.49
N ALA A 61 -16.67 4.60 -3.09
CA ALA A 61 -16.71 6.04 -2.84
C ALA A 61 -17.97 6.72 -3.39
N LYS A 62 -18.22 7.95 -2.95
CA LYS A 62 -19.31 8.78 -3.48
C LYS A 62 -19.24 8.87 -5.00
N ASN A 63 -18.03 8.81 -5.55
CA ASN A 63 -17.79 8.85 -6.99
C ASN A 63 -18.30 7.59 -7.71
N ASP A 64 -18.89 6.65 -6.94
CA ASP A 64 -19.33 5.35 -7.46
C ASP A 64 -18.14 4.50 -7.92
N LYS A 65 -16.97 4.81 -7.39
CA LYS A 65 -15.74 4.07 -7.71
C LYS A 65 -15.38 3.09 -6.58
N PRO A 66 -15.27 1.79 -6.89
CA PRO A 66 -14.93 0.76 -5.89
C PRO A 66 -13.43 0.76 -5.52
N TYR A 67 -13.14 0.55 -4.24
CA TYR A 67 -11.76 0.43 -3.75
C TYR A 67 -11.73 -0.36 -2.43
N PHE A 68 -10.54 -0.56 -1.87
CA PHE A 68 -10.41 -1.30 -0.61
C PHE A 68 -9.26 -0.75 0.24
N ASN A 69 -9.43 -0.81 1.56
CA ASN A 69 -8.42 -0.32 2.51
C ASN A 69 -7.92 -1.44 3.43
N LEU A 70 -6.67 -1.33 3.87
CA LEU A 70 -6.06 -2.36 4.73
C LEU A 70 -5.80 -1.80 6.14
N LYS A 71 -6.19 -2.56 7.16
CA LYS A 71 -6.12 -2.11 8.56
C LYS A 71 -5.22 -3.00 9.43
N ALA A 72 -4.49 -2.37 10.34
CA ALA A 72 -3.64 -3.09 11.31
C ALA A 72 -4.45 -3.50 12.56
N ALA A 73 -3.80 -4.19 13.49
CA ALA A 73 -4.45 -4.67 14.73
C ALA A 73 -5.22 -3.56 15.46
N ASN A 74 -4.65 -2.36 15.51
CA ASN A 74 -5.29 -1.23 16.22
C ASN A 74 -6.36 -0.52 15.34
N HIS A 75 -6.77 -1.18 14.26
CA HIS A 75 -7.87 -0.70 13.37
C HIS A 75 -7.44 0.50 12.52
N GLN A 76 -6.17 0.82 12.54
CA GLN A 76 -5.64 1.96 11.78
C GLN A 76 -5.53 1.64 10.28
N ILE A 77 -5.88 2.62 9.44
CA ILE A 77 -5.74 2.46 7.99
C ILE A 77 -4.27 2.62 7.57
N ILE A 78 -3.58 1.49 7.39
CA ILE A 78 -2.18 1.50 6.97
C ILE A 78 -2.05 1.48 5.45
N GLY A 79 -3.13 1.07 4.77
CA GLY A 79 -3.13 1.05 3.32
C GLY A 79 -4.46 1.48 2.72
N THR A 80 -4.41 2.26 1.64
CA THR A 80 -5.62 2.65 0.91
C THR A 80 -5.42 2.43 -0.59
N SER A 81 -6.34 1.69 -1.21
CA SER A 81 -6.24 1.41 -2.65
C SER A 81 -6.75 2.59 -3.49
N GLN A 82 -6.59 2.46 -4.81
CA GLN A 82 -6.97 3.52 -5.74
C GLN A 82 -8.40 3.31 -6.27
N MET A 83 -8.94 4.32 -6.92
CA MET A 83 -10.30 4.25 -7.47
C MET A 83 -10.33 3.39 -8.76
N TYR A 84 -11.00 2.25 -8.70
CA TYR A 84 -11.11 1.35 -9.85
C TYR A 84 -12.33 1.68 -10.71
N SER A 85 -12.34 1.16 -11.94
CA SER A 85 -13.45 1.39 -12.88
C SER A 85 -14.57 0.36 -12.68
N SER A 86 -14.20 -0.85 -12.24
CA SER A 86 -15.16 -1.94 -12.03
C SER A 86 -14.83 -2.73 -10.76
N THR A 87 -15.84 -3.44 -10.22
CA THR A 87 -15.67 -4.22 -8.98
C THR A 87 -14.61 -5.32 -9.13
N ALA A 88 -14.63 -6.00 -10.29
CA ALA A 88 -13.68 -7.10 -10.56
C ALA A 88 -12.22 -6.69 -10.32
N ALA A 89 -11.82 -5.55 -10.88
CA ALA A 89 -10.46 -5.02 -10.70
C ALA A 89 -10.12 -4.80 -9.22
N ARG A 90 -11.11 -4.37 -8.43
CA ARG A 90 -10.92 -4.11 -7.00
C ARG A 90 -10.54 -5.39 -6.23
N ASP A 91 -11.39 -6.41 -6.33
CA ASP A 91 -11.17 -7.67 -5.62
C ASP A 91 -9.97 -8.44 -6.19
N ASN A 92 -9.75 -8.31 -7.50
CA ASN A 92 -8.55 -8.88 -8.13
C ASN A 92 -7.29 -8.24 -7.53
N GLY A 93 -7.32 -6.91 -7.34
CA GLY A 93 -6.23 -6.21 -6.69
C GLY A 93 -5.94 -6.74 -5.29
N ILE A 94 -7.01 -7.05 -4.55
CA ILE A 94 -6.88 -7.68 -3.22
C ILE A 94 -6.08 -8.99 -3.31
N LYS A 95 -6.37 -9.81 -4.33
CA LYS A 95 -5.60 -11.03 -4.58
C LYS A 95 -4.11 -10.70 -4.75
N SER A 96 -3.82 -9.64 -5.49
CA SER A 96 -2.44 -9.16 -5.67
C SER A 96 -1.80 -8.77 -4.33
N VAL A 97 -2.58 -8.20 -3.44
CA VAL A 97 -2.10 -7.84 -2.10
C VAL A 97 -1.69 -9.10 -1.30
N MET A 98 -2.51 -10.14 -1.40
CA MET A 98 -2.25 -11.40 -0.68
C MET A 98 -0.96 -12.09 -1.17
N GLU A 99 -0.75 -12.11 -2.48
CA GLU A 99 0.40 -12.82 -3.05
C GLU A 99 1.66 -11.95 -3.16
N ASN A 100 1.49 -10.64 -3.37
CA ASN A 100 2.64 -9.73 -3.51
C ASN A 100 3.00 -9.05 -2.18
N GLY A 101 2.00 -8.78 -1.35
CA GLY A 101 2.24 -8.08 -0.08
C GLY A 101 3.11 -8.85 0.91
N LYS A 102 3.34 -10.14 0.64
CA LYS A 102 4.17 -10.97 1.51
C LYS A 102 5.67 -10.74 1.25
N THR A 103 6.00 -9.88 0.28
CA THR A 103 7.41 -9.61 -0.06
C THR A 103 8.14 -8.83 1.04
N THR A 104 9.39 -9.21 1.30
CA THR A 104 10.22 -8.53 2.30
C THR A 104 11.01 -7.37 1.67
N THR A 105 10.94 -7.24 0.35
CA THR A 105 11.71 -6.22 -0.38
C THR A 105 11.18 -4.80 -0.12
N ILE A 106 11.76 -4.13 0.86
CA ILE A 106 11.41 -2.74 1.18
C ILE A 106 12.46 -1.78 0.59
N LYS A 107 12.07 -1.00 -0.40
CA LYS A 107 12.99 -0.07 -1.08
C LYS A 107 12.85 1.36 -0.55
N ASP A 108 13.98 1.96 -0.19
CA ASP A 108 14.01 3.34 0.33
C ASP A 108 14.19 4.36 -0.80
N LEU A 109 13.39 5.43 -0.77
CA LEU A 109 13.50 6.54 -1.73
C LEU A 109 13.73 7.87 -1.00
N THR A 110 13.91 7.81 0.32
CA THR A 110 14.06 9.01 1.15
C THR A 110 15.51 9.51 1.18
N LEU A 111 16.44 8.58 1.40
CA LEU A 111 17.87 8.91 1.42
C LEU A 111 18.34 9.41 0.05
N GLU A 112 17.83 8.79 -1.02
CA GLU A 112 18.17 9.19 -2.38
C GLU A 112 17.24 8.51 -3.41
N HIS A 113 17.33 8.96 -4.66
CA HIS A 113 16.56 8.36 -5.76
C HIS A 113 17.49 7.57 -6.70
N HIS A 114 16.91 6.67 -7.50
CA HIS A 114 17.71 5.83 -8.41
C HIS A 114 17.11 5.82 -9.83
N HIS A 115 17.98 5.60 -10.81
CA HIS A 115 17.61 5.52 -12.23
C HIS A 115 16.94 6.83 -12.70
N HIS A 116 17.75 7.89 -12.78
CA HIS A 116 17.27 9.19 -13.25
C HIS A 116 17.07 9.19 -14.78
N HIS A 117 15.81 9.13 -15.22
CA HIS A 117 15.51 9.05 -16.66
C HIS A 117 15.76 10.40 -17.36
N HIS A 118 16.36 10.36 -18.54
CA HIS A 118 16.71 11.58 -19.29
C HIS A 118 15.66 11.89 -20.37
N MET A 1 4.21 -12.88 -4.99
CA MET A 1 5.26 -12.18 -4.20
C MET A 1 6.23 -11.42 -5.12
N SER A 2 5.82 -11.19 -6.37
CA SER A 2 6.65 -10.45 -7.34
C SER A 2 6.62 -8.94 -7.07
N GLY A 3 5.69 -8.50 -6.23
CA GLY A 3 5.59 -7.09 -5.88
C GLY A 3 6.62 -6.63 -4.86
N TRP A 4 6.66 -5.33 -4.60
CA TRP A 4 7.65 -4.76 -3.66
C TRP A 4 7.11 -3.48 -3.00
N TYR A 5 7.79 -3.04 -1.95
CA TYR A 5 7.42 -1.81 -1.23
C TYR A 5 8.39 -0.67 -1.55
N GLU A 6 7.89 0.56 -1.57
CA GLU A 6 8.73 1.75 -1.79
C GLU A 6 8.46 2.83 -0.74
N LEU A 7 9.40 3.01 0.17
CA LEU A 7 9.28 4.04 1.22
C LEU A 7 9.90 5.36 0.76
N SER A 8 9.05 6.37 0.57
CA SER A 8 9.52 7.68 0.13
C SER A 8 9.18 8.78 1.14
N LYS A 9 9.93 9.87 1.10
CA LYS A 9 9.67 11.00 1.99
C LYS A 9 8.88 12.11 1.27
N SER A 10 7.91 12.68 1.96
CA SER A 10 7.14 13.82 1.44
C SER A 10 7.89 15.15 1.65
N SER A 11 7.44 16.20 0.96
CA SER A 11 8.04 17.54 1.14
C SER A 11 7.86 18.04 2.57
N ASN A 12 6.92 17.43 3.29
CA ASN A 12 6.67 17.75 4.70
C ASN A 12 7.57 16.91 5.63
N ASP A 13 8.51 16.17 5.04
CA ASP A 13 9.38 15.23 5.78
C ASP A 13 8.58 14.06 6.38
N GLN A 14 7.31 13.93 5.98
CA GLN A 14 6.46 12.82 6.41
C GLN A 14 6.73 11.58 5.55
N PHE A 15 6.85 10.42 6.19
CA PHE A 15 7.20 9.19 5.48
C PHE A 15 5.97 8.46 4.95
N LYS A 16 6.05 7.98 3.70
CA LYS A 16 4.94 7.27 3.07
C LYS A 16 5.45 6.18 2.12
N PHE A 17 4.92 4.96 2.26
CA PHE A 17 5.32 3.84 1.40
C PHE A 17 4.18 3.39 0.47
N VAL A 18 4.56 2.92 -0.73
CA VAL A 18 3.59 2.39 -1.69
C VAL A 18 3.90 0.93 -2.06
N LEU A 19 2.89 0.21 -2.54
CA LEU A 19 3.06 -1.20 -2.93
C LEU A 19 2.72 -1.41 -4.41
N LYS A 20 3.70 -1.88 -5.19
CA LYS A 20 3.47 -2.18 -6.62
C LYS A 20 3.25 -3.69 -6.85
N ALA A 21 2.35 -4.01 -7.77
CA ALA A 21 1.99 -5.41 -8.05
C ALA A 21 3.02 -6.14 -8.94
N GLY A 22 4.27 -5.69 -8.90
CA GLY A 22 5.32 -6.31 -9.69
C GLY A 22 5.44 -5.74 -11.11
N ASN A 23 4.30 -5.56 -11.77
CA ASN A 23 4.27 -5.04 -13.15
C ASN A 23 4.54 -3.52 -13.20
N GLY A 24 4.57 -2.88 -12.02
CA GLY A 24 4.77 -1.44 -11.95
C GLY A 24 3.51 -0.68 -11.51
N GLU A 25 2.38 -1.39 -11.46
CA GLU A 25 1.10 -0.79 -11.05
C GLU A 25 1.02 -0.61 -9.52
N VAL A 26 0.79 0.63 -9.08
CA VAL A 26 0.66 0.94 -7.66
C VAL A 26 -0.74 0.56 -7.14
N ILE A 27 -0.84 -0.56 -6.43
CA ILE A 27 -2.13 -1.05 -5.94
C ILE A 27 -2.52 -0.40 -4.60
N LEU A 28 -1.55 -0.15 -3.72
CA LEU A 28 -1.82 0.49 -2.42
C LEU A 28 -0.87 1.68 -2.15
N THR A 29 -1.44 2.84 -1.85
CA THR A 29 -0.67 3.99 -1.36
C THR A 29 -1.04 4.32 0.09
N SER A 30 -0.05 4.26 0.98
CA SER A 30 -0.28 4.47 2.42
C SER A 30 -0.50 5.96 2.76
N GLU A 31 -0.63 6.26 4.06
CA GLU A 31 -0.84 7.64 4.54
C GLU A 31 0.49 8.38 4.78
N LEU A 32 0.42 9.54 5.44
CA LEU A 32 1.62 10.32 5.79
C LEU A 32 2.03 10.10 7.26
N TYR A 33 3.03 9.25 7.48
CA TYR A 33 3.51 8.95 8.83
C TYR A 33 4.45 10.06 9.34
N THR A 34 4.47 10.27 10.66
CA THR A 34 5.36 11.26 11.28
C THR A 34 6.67 10.62 11.78
N GLY A 35 6.74 9.29 11.68
CA GLY A 35 7.95 8.56 12.08
C GLY A 35 8.35 7.49 11.07
N LYS A 36 9.64 7.41 10.76
CA LYS A 36 10.15 6.44 9.76
C LYS A 36 9.92 4.99 10.20
N SER A 37 10.34 4.67 11.43
CA SER A 37 10.15 3.33 11.98
C SER A 37 8.67 2.94 12.02
N GLY A 38 7.80 3.91 12.30
CA GLY A 38 6.36 3.66 12.28
C GLY A 38 5.84 3.21 10.92
N ALA A 39 6.30 3.88 9.86
CA ALA A 39 5.96 3.51 8.49
C ALA A 39 6.51 2.13 8.11
N MET A 40 7.78 1.90 8.44
CA MET A 40 8.43 0.61 8.17
C MET A 40 7.71 -0.54 8.91
N ASN A 41 7.40 -0.33 10.18
CA ASN A 41 6.57 -1.29 10.93
C ASN A 41 5.18 -1.45 10.27
N GLY A 42 4.71 -0.39 9.62
CA GLY A 42 3.50 -0.47 8.81
C GLY A 42 3.64 -1.50 7.69
N ILE A 43 4.83 -1.56 7.08
CA ILE A 43 5.13 -2.57 6.06
C ILE A 43 5.04 -3.99 6.66
N GLU A 44 5.68 -4.18 7.82
CA GLU A 44 5.57 -5.43 8.57
C GLU A 44 4.10 -5.78 8.85
N SER A 45 3.31 -4.76 9.18
CA SER A 45 1.86 -4.93 9.41
C SER A 45 1.15 -5.43 8.14
N VAL A 46 1.54 -4.89 6.99
CA VAL A 46 1.00 -5.36 5.69
C VAL A 46 1.21 -6.87 5.54
N GLN A 47 2.42 -7.32 5.86
CA GLN A 47 2.77 -8.75 5.80
C GLN A 47 1.83 -9.58 6.69
N THR A 48 1.58 -9.11 7.91
CA THR A 48 0.67 -9.78 8.84
C THR A 48 -0.79 -9.73 8.36
N ASN A 49 -1.19 -8.60 7.79
CA ASN A 49 -2.59 -8.37 7.40
C ASN A 49 -2.98 -9.00 6.05
N SER A 50 -2.01 -9.16 5.15
CA SER A 50 -2.28 -9.73 3.81
C SER A 50 -3.11 -11.04 3.84
N PRO A 51 -2.76 -12.03 4.69
CA PRO A 51 -3.58 -13.26 4.84
C PRO A 51 -4.90 -13.01 5.60
N ILE A 52 -5.01 -11.84 6.23
CA ILE A 52 -6.21 -11.47 6.99
C ILE A 52 -7.10 -10.50 6.20
N GLU A 53 -8.04 -11.05 5.43
CA GLU A 53 -8.92 -10.23 4.58
C GLU A 53 -9.80 -9.30 5.44
N ALA A 54 -9.90 -9.59 6.73
CA ALA A 54 -10.66 -8.75 7.67
C ALA A 54 -10.02 -7.38 7.87
N ARG A 55 -8.84 -7.16 7.27
CA ARG A 55 -8.18 -5.85 7.29
C ARG A 55 -8.24 -5.16 5.92
N TYR A 56 -8.75 -5.88 4.92
CA TYR A 56 -9.02 -5.29 3.59
C TYR A 56 -10.41 -4.62 3.58
N ALA A 57 -10.44 -3.35 3.94
CA ALA A 57 -11.70 -2.60 4.04
C ALA A 57 -12.43 -2.55 2.69
N LYS A 58 -13.51 -3.34 2.56
CA LYS A 58 -14.35 -3.31 1.35
C LYS A 58 -15.28 -2.09 1.40
N GLU A 59 -15.02 -1.10 0.55
CA GLU A 59 -15.77 0.17 0.60
C GLU A 59 -16.07 0.70 -0.80
N VAL A 60 -17.30 1.20 -0.99
CA VAL A 60 -17.73 1.75 -2.28
C VAL A 60 -18.06 3.24 -2.16
N ALA A 61 -17.41 4.06 -2.98
CA ALA A 61 -17.62 5.52 -2.97
C ALA A 61 -19.05 5.89 -3.39
N LYS A 62 -19.48 7.09 -3.01
CA LYS A 62 -20.84 7.56 -3.33
C LYS A 62 -21.06 7.64 -4.85
N ASN A 63 -19.97 7.72 -5.62
CA ASN A 63 -20.03 7.71 -7.09
C ASN A 63 -20.26 6.28 -7.64
N ASP A 64 -20.65 5.35 -6.76
CA ASP A 64 -20.85 3.94 -7.14
C ASP A 64 -19.54 3.27 -7.56
N LYS A 65 -18.42 3.84 -7.15
CA LYS A 65 -17.09 3.33 -7.50
C LYS A 65 -16.48 2.48 -6.37
N PRO A 66 -16.35 1.15 -6.58
CA PRO A 66 -15.80 0.24 -5.57
C PRO A 66 -14.27 0.30 -5.43
N TYR A 67 -13.78 0.29 -4.19
CA TYR A 67 -12.35 0.28 -3.90
C TYR A 67 -12.06 -0.52 -2.62
N PHE A 68 -10.79 -0.56 -2.21
CA PHE A 68 -10.42 -1.23 -0.97
C PHE A 68 -9.25 -0.52 -0.26
N ASN A 69 -9.28 -0.56 1.06
CA ASN A 69 -8.19 0.00 1.87
C ASN A 69 -7.60 -1.08 2.79
N LEU A 70 -6.38 -0.85 3.25
CA LEU A 70 -5.72 -1.77 4.18
C LEU A 70 -5.33 -1.04 5.48
N LYS A 71 -5.98 -1.43 6.58
CA LYS A 71 -5.68 -0.87 7.90
C LYS A 71 -4.84 -1.83 8.75
N ALA A 72 -4.14 -1.29 9.74
CA ALA A 72 -3.38 -2.09 10.69
C ALA A 72 -4.03 -2.06 12.08
N ALA A 73 -3.48 -2.82 13.03
CA ALA A 73 -4.05 -2.96 14.37
C ALA A 73 -4.36 -1.60 15.05
N ASN A 74 -3.48 -0.62 14.87
CA ASN A 74 -3.65 0.71 15.48
C ASN A 74 -4.58 1.61 14.65
N HIS A 75 -5.34 1.01 13.73
CA HIS A 75 -6.35 1.71 12.92
C HIS A 75 -5.71 2.69 11.93
N GLN A 76 -4.41 2.52 11.71
CA GLN A 76 -3.66 3.37 10.78
C GLN A 76 -3.86 2.93 9.33
N ILE A 77 -3.75 3.87 8.40
CA ILE A 77 -3.89 3.56 6.97
C ILE A 77 -2.54 3.12 6.38
N ILE A 78 -2.35 1.82 6.22
CA ILE A 78 -1.11 1.29 5.62
C ILE A 78 -1.30 1.05 4.11
N GLY A 79 -2.53 1.16 3.64
CA GLY A 79 -2.79 1.05 2.20
C GLY A 79 -4.12 1.68 1.77
N THR A 80 -4.09 2.41 0.66
CA THR A 80 -5.31 2.95 0.03
C THR A 80 -5.25 2.74 -1.49
N SER A 81 -6.25 2.05 -2.05
CA SER A 81 -6.31 1.83 -3.50
C SER A 81 -7.16 2.91 -4.19
N GLN A 82 -7.26 2.82 -5.51
CA GLN A 82 -8.06 3.75 -6.29
C GLN A 82 -9.50 3.24 -6.47
N MET A 83 -10.43 4.15 -6.76
CA MET A 83 -11.82 3.77 -6.98
C MET A 83 -12.02 3.21 -8.40
N TYR A 84 -12.32 1.91 -8.47
CA TYR A 84 -12.51 1.22 -9.76
C TYR A 84 -13.94 1.37 -10.28
N SER A 85 -14.25 0.70 -11.38
CA SER A 85 -15.61 0.65 -11.93
C SER A 85 -16.14 -0.79 -11.92
N SER A 86 -15.32 -1.73 -12.42
CA SER A 86 -15.66 -3.16 -12.41
C SER A 86 -15.07 -3.86 -11.18
N THR A 87 -15.83 -4.78 -10.59
CA THR A 87 -15.42 -5.45 -9.35
C THR A 87 -14.24 -6.40 -9.57
N ALA A 88 -14.24 -7.12 -10.69
CA ALA A 88 -13.19 -8.12 -10.98
C ALA A 88 -11.78 -7.50 -10.91
N ALA A 89 -11.59 -6.35 -11.56
CA ALA A 89 -10.31 -5.63 -11.49
C ALA A 89 -9.94 -5.28 -10.04
N ARG A 90 -10.94 -4.89 -9.25
CA ARG A 90 -10.75 -4.57 -7.83
C ARG A 90 -10.29 -5.82 -7.05
N ASP A 91 -10.95 -6.95 -7.25
CA ASP A 91 -10.57 -8.22 -6.62
C ASP A 91 -9.18 -8.70 -7.09
N ASN A 92 -8.91 -8.57 -8.39
CA ASN A 92 -7.58 -8.90 -8.93
C ASN A 92 -6.51 -8.02 -8.26
N GLY A 93 -6.88 -6.80 -7.93
CA GLY A 93 -6.00 -5.94 -7.13
C GLY A 93 -5.72 -6.55 -5.76
N ILE A 94 -6.79 -6.89 -5.02
CA ILE A 94 -6.67 -7.53 -3.70
C ILE A 94 -5.81 -8.81 -3.76
N LYS A 95 -6.07 -9.64 -4.77
CA LYS A 95 -5.27 -10.85 -5.01
C LYS A 95 -3.77 -10.51 -5.14
N SER A 96 -3.48 -9.48 -5.95
CA SER A 96 -2.10 -8.99 -6.11
C SER A 96 -1.52 -8.54 -4.77
N VAL A 97 -2.39 -8.02 -3.89
CA VAL A 97 -1.95 -7.56 -2.56
C VAL A 97 -1.62 -8.75 -1.64
N MET A 98 -2.58 -9.66 -1.45
CA MET A 98 -2.39 -10.80 -0.54
C MET A 98 -1.14 -11.63 -0.90
N GLU A 99 -0.83 -11.73 -2.20
CA GLU A 99 0.33 -12.50 -2.64
C GLU A 99 1.63 -11.68 -2.59
N ASN A 100 1.55 -10.38 -2.90
CA ASN A 100 2.74 -9.51 -2.95
C ASN A 100 2.91 -8.69 -1.66
N GLY A 101 1.94 -8.78 -0.75
CA GLY A 101 1.97 -8.02 0.49
C GLY A 101 2.58 -8.77 1.65
N LYS A 102 3.28 -9.86 1.35
CA LYS A 102 3.97 -10.65 2.38
C LYS A 102 5.44 -10.90 1.99
N THR A 103 6.00 -9.95 1.25
CA THR A 103 7.42 -10.01 0.84
C THR A 103 8.29 -9.09 1.71
N THR A 104 9.59 -9.35 1.71
CA THR A 104 10.54 -8.56 2.51
C THR A 104 11.31 -7.55 1.66
N THR A 105 11.00 -7.48 0.35
CA THR A 105 11.68 -6.56 -0.57
C THR A 105 11.21 -5.12 -0.38
N ILE A 106 12.05 -4.30 0.25
CA ILE A 106 11.71 -2.90 0.53
C ILE A 106 12.71 -1.93 -0.13
N LYS A 107 12.19 -0.91 -0.83
CA LYS A 107 13.01 0.13 -1.43
C LYS A 107 12.98 1.42 -0.60
N ASP A 108 14.06 1.70 0.11
CA ASP A 108 14.15 2.91 0.93
C ASP A 108 14.63 4.11 0.10
N LEU A 109 13.75 5.10 -0.06
CA LEU A 109 14.06 6.31 -0.83
C LEU A 109 14.21 7.53 0.11
N THR A 110 14.36 7.28 1.40
CA THR A 110 14.47 8.37 2.39
C THR A 110 15.93 8.61 2.81
N LEU A 111 16.81 7.66 2.52
CA LEU A 111 18.25 7.80 2.83
C LEU A 111 18.92 8.90 1.98
N GLU A 112 18.24 9.36 0.95
CA GLU A 112 18.77 10.42 0.07
C GLU A 112 18.59 11.82 0.70
N HIS A 113 19.55 12.71 0.44
CA HIS A 113 19.58 14.04 1.04
C HIS A 113 19.20 15.15 0.04
N HIS A 114 18.24 15.99 0.43
CA HIS A 114 17.77 17.12 -0.39
C HIS A 114 17.15 16.66 -1.72
N HIS A 115 15.82 16.65 -1.78
CA HIS A 115 15.10 16.18 -2.96
C HIS A 115 13.62 16.62 -2.94
N HIS A 116 13.29 17.65 -3.73
CA HIS A 116 11.90 18.14 -3.83
C HIS A 116 10.94 17.03 -4.33
N HIS A 117 10.19 16.45 -3.40
CA HIS A 117 9.26 15.35 -3.70
C HIS A 117 7.98 15.46 -2.85
N HIS A 118 6.84 15.70 -3.51
CA HIS A 118 5.54 15.82 -2.83
C HIS A 118 5.07 14.49 -2.21
N MET A 1 9.51 -13.91 -9.01
CA MET A 1 9.16 -12.46 -8.91
C MET A 1 8.16 -12.21 -7.77
N SER A 2 7.87 -10.94 -7.50
CA SER A 2 6.91 -10.57 -6.45
C SER A 2 6.62 -9.06 -6.46
N GLY A 3 5.89 -8.60 -5.45
CA GLY A 3 5.68 -7.17 -5.27
C GLY A 3 6.75 -6.55 -4.36
N TRP A 4 6.64 -5.25 -4.11
CA TRP A 4 7.60 -4.56 -3.24
C TRP A 4 7.03 -3.23 -2.71
N TYR A 5 7.59 -2.73 -1.61
CA TYR A 5 7.18 -1.45 -1.03
C TYR A 5 8.21 -0.36 -1.30
N GLU A 6 7.78 0.75 -1.90
CA GLU A 6 8.67 1.90 -2.14
C GLU A 6 8.41 3.01 -1.12
N LEU A 7 9.34 3.17 -0.18
CA LEU A 7 9.25 4.21 0.85
C LEU A 7 9.96 5.50 0.40
N SER A 8 9.21 6.58 0.22
CA SER A 8 9.80 7.86 -0.18
C SER A 8 9.29 9.01 0.70
N LYS A 9 10.10 10.07 0.81
CA LYS A 9 9.75 11.22 1.64
C LYS A 9 9.22 12.38 0.80
N SER A 10 8.04 12.88 1.14
CA SER A 10 7.41 14.00 0.41
C SER A 10 8.06 15.35 0.77
N SER A 11 7.64 16.40 0.07
CA SER A 11 8.21 17.76 0.27
C SER A 11 8.05 18.25 1.72
N ASN A 12 6.98 17.80 2.38
CA ASN A 12 6.70 18.18 3.78
C ASN A 12 7.47 17.30 4.78
N ASP A 13 8.49 16.58 4.28
CA ASP A 13 9.36 15.73 5.10
C ASP A 13 8.61 14.57 5.77
N GLN A 14 7.40 14.29 5.32
CA GLN A 14 6.65 13.13 5.81
C GLN A 14 6.91 11.90 4.93
N PHE A 15 7.03 10.75 5.55
CA PHE A 15 7.40 9.52 4.85
C PHE A 15 6.17 8.69 4.47
N LYS A 16 6.16 8.18 3.24
CA LYS A 16 5.07 7.33 2.75
C LYS A 16 5.62 6.13 1.99
N PHE A 17 4.81 5.08 1.87
CA PHE A 17 5.22 3.88 1.12
C PHE A 17 4.11 3.42 0.17
N VAL A 18 4.50 2.95 -1.02
CA VAL A 18 3.56 2.44 -2.01
C VAL A 18 3.89 0.98 -2.38
N LEU A 19 2.87 0.12 -2.35
CA LEU A 19 3.05 -1.31 -2.68
C LEU A 19 2.79 -1.57 -4.17
N LYS A 20 3.85 -1.89 -4.91
CA LYS A 20 3.74 -2.18 -6.35
C LYS A 20 3.77 -3.68 -6.63
N ALA A 21 2.88 -4.14 -7.52
CA ALA A 21 2.79 -5.55 -7.88
C ALA A 21 3.45 -5.85 -9.24
N GLY A 22 4.43 -6.76 -9.24
CA GLY A 22 5.02 -7.25 -10.49
C GLY A 22 5.47 -6.17 -11.48
N ASN A 23 4.52 -5.66 -12.27
CA ASN A 23 4.83 -4.70 -13.35
C ASN A 23 5.13 -3.30 -12.80
N GLY A 24 4.92 -3.11 -11.51
CA GLY A 24 5.18 -1.82 -10.87
C GLY A 24 3.92 -0.99 -10.66
N GLU A 25 2.76 -1.61 -10.82
CA GLU A 25 1.47 -0.94 -10.57
C GLU A 25 1.18 -0.89 -9.06
N VAL A 26 0.86 0.30 -8.55
CA VAL A 26 0.62 0.50 -7.12
C VAL A 26 -0.78 0.00 -6.72
N ILE A 27 -0.84 -1.15 -6.04
CA ILE A 27 -2.11 -1.70 -5.56
C ILE A 27 -2.56 -1.03 -4.25
N LEU A 28 -1.62 -0.84 -3.31
CA LEU A 28 -1.93 -0.23 -2.00
C LEU A 28 -1.01 0.97 -1.71
N THR A 29 -1.59 2.02 -1.13
CA THR A 29 -0.84 3.20 -0.67
C THR A 29 -1.33 3.61 0.73
N SER A 30 -0.43 4.12 1.58
CA SER A 30 -0.81 4.54 2.94
C SER A 30 -0.80 6.07 3.10
N GLU A 31 -0.87 6.53 4.35
CA GLU A 31 -0.86 7.96 4.67
C GLU A 31 0.56 8.55 4.68
N LEU A 32 0.64 9.82 5.07
CA LEU A 32 1.93 10.50 5.27
C LEU A 32 2.34 10.41 6.75
N TYR A 33 3.37 9.62 7.03
CA TYR A 33 3.85 9.44 8.40
C TYR A 33 4.82 10.55 8.83
N THR A 34 4.59 11.10 10.02
CA THR A 34 5.47 12.14 10.59
C THR A 34 6.90 11.65 10.82
N GLY A 35 7.10 10.33 10.80
CA GLY A 35 8.43 9.75 10.98
C GLY A 35 8.64 8.47 10.18
N LYS A 36 9.88 8.23 9.76
CA LYS A 36 10.21 7.05 8.97
C LYS A 36 9.93 5.75 9.75
N SER A 37 10.05 5.83 11.07
CA SER A 37 9.75 4.68 11.96
C SER A 37 8.32 4.18 11.71
N GLY A 38 7.34 5.06 11.95
CA GLY A 38 5.93 4.68 11.76
C GLY A 38 5.64 4.17 10.36
N ALA A 39 6.33 4.73 9.36
CA ALA A 39 6.18 4.29 7.98
C ALA A 39 6.57 2.82 7.80
N MET A 40 7.78 2.47 8.25
CA MET A 40 8.25 1.08 8.16
C MET A 40 7.39 0.14 9.04
N ASN A 41 7.08 0.59 10.26
CA ASN A 41 6.18 -0.14 11.16
C ASN A 41 4.87 -0.51 10.42
N GLY A 42 4.35 0.43 9.65
CA GLY A 42 3.18 0.17 8.82
C GLY A 42 3.45 -0.86 7.74
N ILE A 43 4.64 -0.79 7.12
CA ILE A 43 5.01 -1.73 6.05
C ILE A 43 5.00 -3.19 6.53
N GLU A 44 5.71 -3.45 7.63
CA GLU A 44 5.77 -4.80 8.19
C GLU A 44 4.40 -5.27 8.66
N SER A 45 3.60 -4.34 9.17
CA SER A 45 2.20 -4.64 9.52
C SER A 45 1.43 -5.12 8.29
N VAL A 46 1.58 -4.42 7.17
CA VAL A 46 0.94 -4.82 5.91
C VAL A 46 1.44 -6.21 5.46
N GLN A 47 2.74 -6.44 5.57
CA GLN A 47 3.33 -7.75 5.23
C GLN A 47 2.66 -8.88 6.01
N THR A 48 2.28 -8.60 7.26
CA THR A 48 1.62 -9.59 8.12
C THR A 48 0.11 -9.73 7.82
N ASN A 49 -0.58 -8.59 7.64
CA ASN A 49 -2.05 -8.60 7.47
C ASN A 49 -2.48 -8.98 6.04
N SER A 50 -1.67 -8.65 5.04
CA SER A 50 -2.04 -8.88 3.62
C SER A 50 -2.47 -10.35 3.36
N PRO A 51 -1.70 -11.37 3.79
CA PRO A 51 -2.09 -12.78 3.62
C PRO A 51 -3.36 -13.15 4.42
N ILE A 52 -3.69 -12.33 5.42
CA ILE A 52 -4.88 -12.55 6.25
C ILE A 52 -6.08 -11.75 5.70
N GLU A 53 -6.89 -12.40 4.87
CA GLU A 53 -8.02 -11.72 4.21
C GLU A 53 -8.93 -11.02 5.22
N ALA A 54 -9.08 -11.61 6.41
CA ALA A 54 -9.98 -11.09 7.47
C ALA A 54 -9.78 -9.59 7.77
N ARG A 55 -8.67 -9.02 7.31
CA ARG A 55 -8.40 -7.59 7.49
C ARG A 55 -8.98 -6.74 6.34
N TYR A 56 -9.81 -7.36 5.51
CA TYR A 56 -10.42 -6.71 4.35
C TYR A 56 -11.35 -5.55 4.74
N ALA A 57 -11.38 -4.50 3.92
CA ALA A 57 -12.38 -3.44 4.02
C ALA A 57 -12.86 -3.05 2.62
N LYS A 58 -14.03 -3.55 2.23
CA LYS A 58 -14.57 -3.29 0.88
C LYS A 58 -15.25 -1.92 0.83
N GLU A 59 -14.64 -0.97 0.12
CA GLU A 59 -15.12 0.43 0.11
C GLU A 59 -15.62 0.88 -1.26
N VAL A 60 -16.43 1.94 -1.27
CA VAL A 60 -16.91 2.57 -2.52
C VAL A 60 -16.83 4.11 -2.42
N ALA A 61 -16.17 4.74 -3.39
CA ALA A 61 -16.01 6.20 -3.39
C ALA A 61 -17.32 6.93 -3.73
N LYS A 62 -17.38 8.22 -3.38
CA LYS A 62 -18.56 9.05 -3.67
C LYS A 62 -18.75 9.22 -5.18
N ASN A 63 -17.67 9.11 -5.94
CA ASN A 63 -17.71 9.14 -7.40
C ASN A 63 -18.11 7.78 -8.01
N ASP A 64 -18.72 6.92 -7.17
CA ASP A 64 -19.23 5.60 -7.59
C ASP A 64 -18.10 4.63 -7.99
N LYS A 65 -16.85 5.00 -7.71
CA LYS A 65 -15.70 4.16 -8.03
C LYS A 65 -15.31 3.26 -6.84
N PRO A 66 -15.29 1.93 -7.03
CA PRO A 66 -14.99 0.97 -5.95
C PRO A 66 -13.49 0.88 -5.60
N TYR A 67 -13.20 0.73 -4.31
CA TYR A 67 -11.83 0.53 -3.84
C TYR A 67 -11.84 -0.26 -2.52
N PHE A 68 -10.69 -0.48 -1.92
CA PHE A 68 -10.62 -1.19 -0.63
C PHE A 68 -9.52 -0.64 0.28
N ASN A 69 -9.70 -0.82 1.59
CA ASN A 69 -8.70 -0.43 2.58
C ASN A 69 -8.22 -1.66 3.37
N LEU A 70 -6.99 -1.59 3.88
CA LEU A 70 -6.44 -2.65 4.72
C LEU A 70 -6.24 -2.14 6.15
N LYS A 71 -6.94 -2.76 7.10
CA LYS A 71 -6.83 -2.39 8.52
C LYS A 71 -6.10 -3.47 9.33
N ALA A 72 -5.27 -3.04 10.26
CA ALA A 72 -4.60 -3.95 11.20
C ALA A 72 -5.51 -4.26 12.40
N ALA A 73 -5.04 -5.13 13.31
CA ALA A 73 -5.83 -5.52 14.50
C ALA A 73 -6.33 -4.29 15.30
N ASN A 74 -5.52 -3.25 15.38
CA ASN A 74 -5.87 -2.02 16.10
C ASN A 74 -6.90 -1.18 15.30
N HIS A 75 -7.35 -1.71 14.16
CA HIS A 75 -8.34 -1.06 13.30
C HIS A 75 -7.74 0.14 12.55
N GLN A 76 -6.42 0.25 12.60
CA GLN A 76 -5.69 1.36 11.98
C GLN A 76 -5.62 1.21 10.45
N ILE A 77 -5.57 2.33 9.75
CA ILE A 77 -5.50 2.32 8.28
C ILE A 77 -4.04 2.18 7.81
N ILE A 78 -3.66 0.97 7.41
CA ILE A 78 -2.29 0.72 6.92
C ILE A 78 -2.25 0.64 5.38
N GLY A 79 -3.42 0.42 4.76
CA GLY A 79 -3.46 0.35 3.30
C GLY A 79 -4.70 1.01 2.68
N THR A 80 -4.50 1.74 1.58
CA THR A 80 -5.60 2.32 0.80
C THR A 80 -5.34 2.11 -0.70
N SER A 81 -6.29 1.48 -1.40
CA SER A 81 -6.09 1.11 -2.81
C SER A 81 -6.48 2.23 -3.78
N GLN A 82 -6.26 1.97 -5.06
CA GLN A 82 -6.71 2.86 -6.14
C GLN A 82 -8.24 2.85 -6.24
N MET A 83 -8.84 3.97 -6.66
CA MET A 83 -10.25 3.98 -7.03
C MET A 83 -10.45 3.31 -8.40
N TYR A 84 -10.82 2.02 -8.38
CA TYR A 84 -10.85 1.21 -9.60
C TYR A 84 -12.09 1.46 -10.46
N SER A 85 -12.06 0.90 -11.68
CA SER A 85 -13.16 1.01 -12.64
C SER A 85 -14.14 -0.17 -12.53
N SER A 86 -13.62 -1.33 -12.15
CA SER A 86 -14.43 -2.54 -12.00
C SER A 86 -14.39 -3.09 -10.57
N THR A 87 -15.56 -3.46 -10.05
CA THR A 87 -15.65 -4.07 -8.71
C THR A 87 -14.91 -5.41 -8.68
N ALA A 88 -14.93 -6.11 -9.81
CA ALA A 88 -14.21 -7.38 -9.97
C ALA A 88 -12.69 -7.15 -9.84
N ALA A 89 -12.19 -6.11 -10.52
CA ALA A 89 -10.78 -5.73 -10.42
C ALA A 89 -10.42 -5.29 -8.99
N ARG A 90 -11.39 -4.71 -8.29
CA ARG A 90 -11.22 -4.31 -6.89
C ARG A 90 -11.02 -5.55 -6.00
N ASP A 91 -11.87 -6.56 -6.19
CA ASP A 91 -11.73 -7.83 -5.46
C ASP A 91 -10.42 -8.55 -5.84
N ASN A 92 -10.16 -8.62 -7.15
CA ASN A 92 -8.89 -9.18 -7.64
C ASN A 92 -7.69 -8.41 -7.07
N GLY A 93 -7.87 -7.11 -6.84
CA GLY A 93 -6.85 -6.31 -6.17
C GLY A 93 -6.57 -6.82 -4.75
N ILE A 94 -7.62 -7.13 -4.01
CA ILE A 94 -7.49 -7.71 -2.66
C ILE A 94 -6.67 -9.02 -2.72
N LYS A 95 -6.97 -9.87 -3.69
CA LYS A 95 -6.22 -11.10 -3.90
C LYS A 95 -4.77 -10.82 -4.34
N SER A 96 -4.59 -9.78 -5.17
CA SER A 96 -3.26 -9.38 -5.64
C SER A 96 -2.35 -8.95 -4.48
N VAL A 97 -2.91 -8.26 -3.49
CA VAL A 97 -2.13 -7.82 -2.32
C VAL A 97 -1.88 -8.98 -1.34
N MET A 98 -2.79 -9.97 -1.29
CA MET A 98 -2.52 -11.18 -0.50
C MET A 98 -1.27 -11.90 -1.01
N GLU A 99 -1.13 -11.97 -2.34
CA GLU A 99 0.05 -12.60 -2.97
C GLU A 99 1.31 -11.72 -2.89
N ASN A 100 1.20 -10.46 -3.33
CA ASN A 100 2.37 -9.57 -3.43
C ASN A 100 2.70 -8.83 -2.11
N GLY A 101 1.68 -8.56 -1.29
CA GLY A 101 1.90 -7.81 -0.04
C GLY A 101 2.82 -8.51 0.95
N LYS A 102 2.83 -9.84 0.93
CA LYS A 102 3.68 -10.62 1.84
C LYS A 102 5.15 -10.68 1.34
N THR A 103 5.65 -9.55 0.84
CA THR A 103 7.03 -9.45 0.35
C THR A 103 7.95 -8.74 1.36
N THR A 104 9.21 -9.18 1.44
CA THR A 104 10.18 -8.55 2.34
C THR A 104 11.07 -7.55 1.58
N THR A 105 10.79 -7.36 0.30
CA THR A 105 11.55 -6.42 -0.54
C THR A 105 11.03 -4.98 -0.40
N ILE A 106 11.80 -4.14 0.29
CA ILE A 106 11.42 -2.74 0.55
C ILE A 106 12.45 -1.76 -0.03
N LYS A 107 12.03 -0.95 -1.01
CA LYS A 107 12.89 0.09 -1.58
C LYS A 107 12.88 1.36 -0.70
N ASP A 108 14.03 1.71 -0.14
CA ASP A 108 14.16 2.97 0.61
C ASP A 108 14.59 4.12 -0.32
N LEU A 109 13.62 4.96 -0.71
CA LEU A 109 13.85 6.08 -1.64
C LEU A 109 13.91 7.43 -0.89
N THR A 110 13.93 7.38 0.44
CA THR A 110 13.94 8.62 1.25
C THR A 110 15.34 9.27 1.27
N LEU A 111 16.37 8.46 1.06
CA LEU A 111 17.76 8.95 1.06
C LEU A 111 17.98 10.08 0.03
N GLU A 112 17.49 9.89 -1.18
CA GLU A 112 17.63 10.89 -2.24
C GLU A 112 16.60 10.69 -3.37
N HIS A 113 16.35 11.75 -4.13
CA HIS A 113 15.54 11.70 -5.34
C HIS A 113 15.63 13.01 -6.14
N HIS A 114 16.60 13.08 -7.06
CA HIS A 114 16.82 14.28 -7.88
C HIS A 114 15.81 14.36 -9.04
N HIS A 115 15.27 15.55 -9.27
CA HIS A 115 14.23 15.73 -10.29
C HIS A 115 14.13 17.19 -10.76
N HIS A 116 13.41 17.41 -11.86
CA HIS A 116 13.07 18.76 -12.32
C HIS A 116 11.56 19.01 -12.18
N HIS A 117 11.11 20.19 -12.59
CA HIS A 117 9.69 20.52 -12.62
C HIS A 117 9.38 21.53 -13.73
N HIS A 118 8.33 21.28 -14.50
CA HIS A 118 7.94 22.18 -15.60
C HIS A 118 6.74 23.06 -15.20
N MET A 1 8.94 -11.27 -10.81
CA MET A 1 7.51 -11.22 -11.25
C MET A 1 6.55 -11.01 -10.06
N SER A 2 7.09 -10.76 -8.87
CA SER A 2 6.29 -10.50 -7.67
C SER A 2 6.31 -9.01 -7.30
N GLY A 3 5.64 -8.66 -6.21
CA GLY A 3 5.52 -7.25 -5.81
C GLY A 3 6.59 -6.80 -4.82
N TRP A 4 6.47 -5.56 -4.35
CA TRP A 4 7.42 -4.98 -3.40
C TRP A 4 6.88 -3.70 -2.74
N TYR A 5 7.58 -3.22 -1.71
CA TYR A 5 7.23 -1.97 -1.03
C TYR A 5 8.22 -0.86 -1.41
N GLU A 6 7.74 0.35 -1.62
CA GLU A 6 8.61 1.50 -1.84
C GLU A 6 8.22 2.68 -0.92
N LEU A 7 9.07 2.97 0.06
CA LEU A 7 8.85 4.06 1.00
C LEU A 7 9.49 5.36 0.49
N SER A 8 8.68 6.39 0.28
CA SER A 8 9.19 7.67 -0.25
C SER A 8 8.79 8.85 0.63
N LYS A 9 9.55 9.95 0.53
CA LYS A 9 9.27 11.15 1.31
C LYS A 9 8.21 12.03 0.63
N SER A 10 7.49 12.82 1.43
CA SER A 10 6.39 13.66 0.92
C SER A 10 6.73 15.15 0.95
N SER A 11 5.80 15.98 0.47
CA SER A 11 5.98 17.44 0.41
C SER A 11 6.21 18.06 1.80
N ASN A 12 5.64 17.44 2.82
CA ASN A 12 5.79 17.91 4.21
C ASN A 12 7.03 17.29 4.88
N ASP A 13 7.97 16.76 4.08
CA ASP A 13 9.17 16.08 4.60
C ASP A 13 8.78 14.79 5.37
N GLN A 14 7.51 14.42 5.28
CA GLN A 14 6.99 13.20 5.92
C GLN A 14 7.27 11.95 5.05
N PHE A 15 6.75 10.80 5.46
CA PHE A 15 7.01 9.53 4.76
C PHE A 15 5.71 8.80 4.40
N LYS A 16 5.67 8.19 3.22
CA LYS A 16 4.56 7.31 2.83
C LYS A 16 5.06 6.17 1.94
N PHE A 17 4.58 4.96 2.18
CA PHE A 17 5.02 3.79 1.40
C PHE A 17 3.93 3.29 0.46
N VAL A 18 4.35 2.77 -0.70
CA VAL A 18 3.41 2.22 -1.69
C VAL A 18 3.72 0.74 -1.98
N LEU A 19 2.67 -0.07 -2.05
CA LEU A 19 2.80 -1.50 -2.36
C LEU A 19 2.50 -1.77 -3.84
N LYS A 20 3.54 -2.14 -4.59
CA LYS A 20 3.39 -2.45 -6.01
C LYS A 20 3.23 -3.96 -6.25
N ALA A 21 2.39 -4.32 -7.21
CA ALA A 21 2.20 -5.73 -7.59
C ALA A 21 3.28 -6.15 -8.61
N GLY A 22 3.24 -7.42 -9.03
CA GLY A 22 4.21 -7.93 -10.01
C GLY A 22 4.25 -7.14 -11.32
N ASN A 23 3.21 -6.35 -11.57
CA ASN A 23 3.14 -5.51 -12.76
C ASN A 23 3.93 -4.18 -12.57
N GLY A 24 4.57 -4.03 -11.42
CA GLY A 24 5.30 -2.79 -11.12
C GLY A 24 4.36 -1.60 -10.94
N GLU A 25 3.16 -1.87 -10.44
CA GLU A 25 2.12 -0.85 -10.30
C GLU A 25 1.56 -0.83 -8.87
N VAL A 26 1.35 0.37 -8.34
CA VAL A 26 0.86 0.53 -6.96
C VAL A 26 -0.62 0.13 -6.82
N ILE A 27 -0.86 -0.90 -6.02
CA ILE A 27 -2.24 -1.35 -5.71
C ILE A 27 -2.69 -0.82 -4.33
N LEU A 28 -1.73 -0.62 -3.43
CA LEU A 28 -1.99 -0.05 -2.10
C LEU A 28 -1.11 1.18 -1.84
N THR A 29 -1.73 2.30 -1.49
CA THR A 29 -0.99 3.55 -1.20
C THR A 29 -1.26 4.02 0.24
N SER A 30 -0.21 4.17 1.04
CA SER A 30 -0.34 4.68 2.40
C SER A 30 -0.27 6.21 2.43
N GLU A 31 -0.43 6.81 3.61
CA GLU A 31 -0.42 8.27 3.74
C GLU A 31 0.72 8.77 4.65
N LEU A 32 0.61 10.02 5.13
CA LEU A 32 1.74 10.73 5.72
C LEU A 32 2.07 10.31 7.17
N TYR A 33 3.25 9.71 7.35
CA TYR A 33 3.83 9.47 8.69
C TYR A 33 4.95 10.48 8.96
N THR A 34 5.07 10.95 10.20
CA THR A 34 6.12 11.91 10.58
C THR A 34 7.47 11.22 10.85
N GLY A 35 7.45 9.91 11.00
CA GLY A 35 8.69 9.15 11.24
C GLY A 35 8.78 7.88 10.40
N LYS A 36 9.99 7.55 9.97
CA LYS A 36 10.22 6.35 9.14
C LYS A 36 9.95 5.07 9.94
N SER A 37 10.25 5.09 11.23
CA SER A 37 10.02 3.93 12.10
C SER A 37 8.56 3.48 12.08
N GLY A 38 7.64 4.44 12.27
CA GLY A 38 6.21 4.13 12.21
C GLY A 38 5.75 3.73 10.82
N ALA A 39 6.33 4.36 9.79
CA ALA A 39 6.04 4.00 8.39
C ALA A 39 6.40 2.53 8.11
N MET A 40 7.63 2.15 8.44
CA MET A 40 8.08 0.77 8.30
C MET A 40 7.27 -0.17 9.21
N ASN A 41 6.97 0.31 10.42
CA ASN A 41 6.09 -0.41 11.35
C ASN A 41 4.77 -0.76 10.64
N GLY A 42 4.25 0.19 9.86
CA GLY A 42 3.09 -0.07 9.02
C GLY A 42 3.36 -1.15 7.97
N ILE A 43 4.55 -1.12 7.37
CA ILE A 43 4.93 -2.12 6.35
C ILE A 43 4.92 -3.54 6.93
N GLU A 44 5.55 -3.71 8.09
CA GLU A 44 5.54 -5.00 8.80
C GLU A 44 4.09 -5.43 9.09
N SER A 45 3.25 -4.46 9.43
CA SER A 45 1.81 -4.73 9.65
C SER A 45 1.12 -5.20 8.37
N VAL A 46 1.49 -4.59 7.23
CA VAL A 46 0.97 -5.02 5.92
C VAL A 46 1.36 -6.47 5.63
N GLN A 47 2.64 -6.80 5.81
CA GLN A 47 3.13 -8.17 5.67
C GLN A 47 2.36 -9.16 6.56
N THR A 48 1.96 -8.67 7.74
CA THR A 48 1.17 -9.49 8.68
C THR A 48 -0.29 -9.63 8.22
N ASN A 49 -0.85 -8.54 7.66
CA ASN A 49 -2.25 -8.51 7.24
C ASN A 49 -2.48 -9.15 5.87
N SER A 50 -1.48 -9.12 5.00
CA SER A 50 -1.61 -9.65 3.63
C SER A 50 -2.27 -11.05 3.57
N PRO A 51 -1.82 -12.04 4.39
CA PRO A 51 -2.48 -13.35 4.45
C PRO A 51 -3.80 -13.32 5.26
N ILE A 52 -3.93 -12.33 6.14
CA ILE A 52 -5.11 -12.20 7.01
C ILE A 52 -6.14 -11.23 6.39
N GLU A 53 -7.07 -11.79 5.61
CA GLU A 53 -8.10 -11.01 4.91
C GLU A 53 -8.86 -10.05 5.84
N ALA A 54 -9.18 -10.52 7.05
CA ALA A 54 -10.06 -9.79 7.97
C ALA A 54 -9.46 -8.46 8.50
N ARG A 55 -8.34 -8.00 7.94
CA ARG A 55 -7.73 -6.74 8.35
C ARG A 55 -7.95 -5.63 7.29
N TYR A 56 -8.73 -5.93 6.26
CA TYR A 56 -9.05 -4.94 5.22
C TYR A 56 -10.33 -4.15 5.56
N ALA A 57 -10.57 -3.07 4.84
CA ALA A 57 -11.76 -2.24 5.02
C ALA A 57 -12.54 -2.10 3.71
N LYS A 58 -13.65 -2.82 3.61
CA LYS A 58 -14.48 -2.84 2.39
C LYS A 58 -15.34 -1.58 2.27
N GLU A 59 -15.25 -0.90 1.13
CA GLU A 59 -16.04 0.33 0.89
C GLU A 59 -16.10 0.70 -0.60
N VAL A 60 -17.21 1.31 -1.01
CA VAL A 60 -17.40 1.77 -2.39
C VAL A 60 -17.64 3.29 -2.42
N ALA A 61 -17.02 3.99 -3.37
CA ALA A 61 -17.18 5.44 -3.49
C ALA A 61 -18.48 5.83 -4.22
N LYS A 62 -18.98 7.03 -3.93
CA LYS A 62 -20.22 7.54 -4.55
C LYS A 62 -20.07 7.67 -6.07
N ASN A 63 -18.83 7.69 -6.55
CA ASN A 63 -18.55 7.73 -7.99
C ASN A 63 -18.61 6.33 -8.63
N ASP A 64 -19.15 5.36 -7.88
CA ASP A 64 -19.26 3.96 -8.32
C ASP A 64 -17.87 3.31 -8.47
N LYS A 65 -16.87 3.92 -7.83
CA LYS A 65 -15.51 3.40 -7.82
C LYS A 65 -15.26 2.54 -6.56
N PRO A 66 -15.15 1.21 -6.72
CA PRO A 66 -14.88 0.30 -5.61
C PRO A 66 -13.41 0.30 -5.15
N TYR A 67 -13.19 0.33 -3.83
CA TYR A 67 -11.83 0.30 -3.28
C TYR A 67 -11.83 -0.32 -1.87
N PHE A 68 -10.67 -0.33 -1.22
CA PHE A 68 -10.56 -0.83 0.14
C PHE A 68 -9.37 -0.21 0.89
N ASN A 69 -9.50 -0.07 2.21
CA ASN A 69 -8.42 0.45 3.05
C ASN A 69 -7.79 -0.70 3.85
N LEU A 70 -6.52 -0.55 4.22
CA LEU A 70 -5.82 -1.56 5.00
C LEU A 70 -5.48 -1.04 6.40
N LYS A 71 -5.94 -1.75 7.42
CA LYS A 71 -5.74 -1.33 8.82
C LYS A 71 -4.92 -2.35 9.61
N ALA A 72 -4.12 -1.87 10.55
CA ALA A 72 -3.40 -2.75 11.47
C ALA A 72 -4.32 -3.22 12.61
N ALA A 73 -3.83 -4.09 13.48
CA ALA A 73 -4.65 -4.64 14.57
C ALA A 73 -5.27 -3.56 15.46
N ASN A 74 -4.53 -2.48 15.71
CA ASN A 74 -5.02 -1.37 16.54
C ASN A 74 -6.02 -0.48 15.77
N HIS A 75 -6.35 -0.89 14.53
CA HIS A 75 -7.35 -0.22 13.68
C HIS A 75 -6.79 1.08 13.05
N GLN A 76 -5.48 1.22 13.05
CA GLN A 76 -4.81 2.38 12.45
C GLN A 76 -4.67 2.21 10.92
N ILE A 77 -4.82 3.31 10.19
CA ILE A 77 -4.69 3.28 8.73
C ILE A 77 -3.23 3.12 8.29
N ILE A 78 -2.90 1.95 7.75
CA ILE A 78 -1.54 1.69 7.25
C ILE A 78 -1.50 1.67 5.72
N GLY A 79 -2.67 1.58 5.08
CA GLY A 79 -2.74 1.58 3.63
C GLY A 79 -4.11 1.97 3.09
N THR A 80 -4.15 2.47 1.85
CA THR A 80 -5.40 2.79 1.17
C THR A 80 -5.26 2.53 -0.34
N SER A 81 -6.14 1.70 -0.90
CA SER A 81 -6.07 1.34 -2.33
C SER A 81 -6.59 2.49 -3.21
N GLN A 82 -6.39 2.35 -4.52
CA GLN A 82 -6.80 3.38 -5.49
C GLN A 82 -8.26 3.19 -5.93
N MET A 83 -8.90 4.27 -6.38
CA MET A 83 -10.30 4.21 -6.80
C MET A 83 -10.46 3.63 -8.21
N TYR A 84 -10.46 2.29 -8.29
CA TYR A 84 -10.63 1.58 -9.57
C TYR A 84 -12.00 1.87 -10.20
N SER A 85 -12.07 1.79 -11.53
CA SER A 85 -13.33 2.05 -12.26
C SER A 85 -14.06 0.75 -12.63
N SER A 86 -13.68 -0.35 -11.98
CA SER A 86 -14.39 -1.63 -12.16
C SER A 86 -14.18 -2.56 -10.96
N THR A 87 -15.25 -3.26 -10.56
CA THR A 87 -15.16 -4.27 -9.48
C THR A 87 -14.15 -5.37 -9.83
N ALA A 88 -14.11 -5.74 -11.11
CA ALA A 88 -13.18 -6.76 -11.60
C ALA A 88 -11.71 -6.36 -11.38
N ALA A 89 -11.35 -5.14 -11.78
CA ALA A 89 -9.98 -4.64 -11.60
C ALA A 89 -9.60 -4.56 -10.11
N ARG A 90 -10.54 -4.06 -9.30
CA ARG A 90 -10.35 -3.97 -7.86
C ARG A 90 -10.21 -5.38 -7.25
N ASP A 91 -11.02 -6.32 -7.74
CA ASP A 91 -10.99 -7.70 -7.27
C ASP A 91 -9.62 -8.35 -7.57
N ASN A 92 -9.19 -8.27 -8.82
CA ASN A 92 -7.84 -8.72 -9.21
C ASN A 92 -6.76 -7.96 -8.42
N GLY A 93 -7.07 -6.72 -8.04
CA GLY A 93 -6.20 -5.97 -7.15
C GLY A 93 -6.04 -6.64 -5.79
N ILE A 94 -7.16 -7.06 -5.20
CA ILE A 94 -7.13 -7.80 -3.93
C ILE A 94 -6.33 -9.11 -4.06
N LYS A 95 -6.58 -9.85 -5.14
CA LYS A 95 -5.79 -11.05 -5.46
C LYS A 95 -4.28 -10.70 -5.51
N SER A 96 -3.97 -9.57 -6.13
CA SER A 96 -2.59 -9.06 -6.20
C SER A 96 -2.03 -8.80 -4.78
N VAL A 97 -2.87 -8.32 -3.89
CA VAL A 97 -2.47 -8.08 -2.49
C VAL A 97 -2.20 -9.41 -1.76
N MET A 98 -3.01 -10.42 -2.05
CA MET A 98 -2.86 -11.75 -1.42
C MET A 98 -1.52 -12.41 -1.81
N GLU A 99 -1.10 -12.22 -3.07
CA GLU A 99 0.16 -12.81 -3.56
C GLU A 99 1.35 -11.84 -3.41
N ASN A 100 1.23 -10.65 -4.00
CA ASN A 100 2.33 -9.68 -4.02
C ASN A 100 2.44 -8.90 -2.70
N GLY A 101 1.35 -8.86 -1.94
CA GLY A 101 1.33 -8.09 -0.70
C GLY A 101 2.23 -8.65 0.39
N LYS A 102 2.35 -9.97 0.44
CA LYS A 102 3.18 -10.64 1.46
C LYS A 102 4.68 -10.65 1.10
N THR A 103 5.10 -9.67 0.30
CA THR A 103 6.49 -9.57 -0.15
C THR A 103 7.43 -9.07 0.94
N THR A 104 8.68 -9.53 0.91
CA THR A 104 9.71 -9.10 1.87
C THR A 104 10.71 -8.13 1.21
N THR A 105 10.41 -7.70 -0.01
CA THR A 105 11.27 -6.76 -0.75
C THR A 105 10.88 -5.31 -0.43
N ILE A 106 11.69 -4.64 0.39
CA ILE A 106 11.42 -3.24 0.77
C ILE A 106 12.46 -2.30 0.16
N LYS A 107 11.99 -1.30 -0.58
CA LYS A 107 12.86 -0.32 -1.23
C LYS A 107 12.70 1.08 -0.62
N ASP A 108 13.76 1.60 -0.01
CA ASP A 108 13.73 2.95 0.55
C ASP A 108 14.06 3.99 -0.52
N LEU A 109 13.09 4.86 -0.80
CA LEU A 109 13.27 5.96 -1.75
C LEU A 109 13.47 7.31 -1.03
N THR A 110 13.53 7.28 0.30
CA THR A 110 13.65 8.51 1.10
C THR A 110 15.10 9.00 1.18
N LEU A 111 16.04 8.07 1.19
CA LEU A 111 17.47 8.41 1.19
C LEU A 111 17.87 9.08 -0.12
N GLU A 112 17.16 8.77 -1.20
CA GLU A 112 17.42 9.34 -2.51
C GLU A 112 16.81 10.74 -2.65
N HIS A 113 17.65 11.76 -2.59
CA HIS A 113 17.18 13.14 -2.73
C HIS A 113 16.83 13.46 -4.20
N HIS A 114 15.69 12.95 -4.66
CA HIS A 114 15.25 13.12 -6.04
C HIS A 114 13.77 13.53 -6.11
N HIS A 115 13.51 14.79 -6.47
CA HIS A 115 12.14 15.30 -6.55
C HIS A 115 11.44 14.88 -7.84
N HIS A 116 10.16 14.54 -7.73
CA HIS A 116 9.37 14.06 -8.88
C HIS A 116 8.72 15.23 -9.64
N HIS A 117 9.23 15.54 -10.82
CA HIS A 117 8.68 16.61 -11.66
C HIS A 117 8.47 16.16 -13.10
N HIS A 118 7.23 16.25 -13.59
CA HIS A 118 6.91 15.91 -14.99
C HIS A 118 7.35 17.05 -15.95
N MET A 1 9.56 -10.31 -10.60
CA MET A 1 8.24 -10.94 -10.84
C MET A 1 7.30 -10.72 -9.65
N SER A 2 7.84 -10.77 -8.43
CA SER A 2 7.07 -10.50 -7.21
C SER A 2 6.99 -9.00 -6.93
N GLY A 3 5.97 -8.57 -6.19
CA GLY A 3 5.83 -7.17 -5.85
C GLY A 3 6.90 -6.65 -4.88
N TRP A 4 6.84 -5.37 -4.53
CA TRP A 4 7.79 -4.76 -3.61
C TRP A 4 7.27 -3.46 -2.99
N TYR A 5 7.94 -2.99 -1.94
CA TYR A 5 7.57 -1.73 -1.28
C TYR A 5 8.61 -0.63 -1.60
N GLU A 6 8.12 0.56 -1.95
CA GLU A 6 9.02 1.71 -2.12
C GLU A 6 8.58 2.88 -1.23
N LEU A 7 9.41 3.20 -0.22
CA LEU A 7 9.12 4.23 0.77
C LEU A 7 9.74 5.58 0.39
N SER A 8 8.91 6.58 0.10
CA SER A 8 9.40 7.90 -0.31
C SER A 8 9.07 9.00 0.71
N LYS A 9 9.82 10.10 0.66
CA LYS A 9 9.62 11.24 1.57
C LYS A 9 8.60 12.25 0.98
N SER A 10 7.89 12.94 1.86
CA SER A 10 6.96 14.01 1.46
C SER A 10 7.60 15.39 1.65
N SER A 11 6.99 16.42 1.06
CA SER A 11 7.45 17.81 1.22
C SER A 11 7.46 18.22 2.71
N ASN A 12 6.61 17.56 3.49
CA ASN A 12 6.53 17.81 4.95
C ASN A 12 7.60 17.00 5.72
N ASP A 13 8.48 16.33 4.99
CA ASP A 13 9.47 15.40 5.59
C ASP A 13 8.80 14.15 6.20
N GLN A 14 7.48 14.05 6.05
CA GLN A 14 6.75 12.86 6.51
C GLN A 14 6.86 11.72 5.48
N PHE A 15 6.70 10.48 5.93
CA PHE A 15 7.04 9.32 5.09
C PHE A 15 5.79 8.60 4.54
N LYS A 16 5.93 8.04 3.34
CA LYS A 16 4.85 7.29 2.68
C LYS A 16 5.42 6.10 1.89
N PHE A 17 4.70 4.99 1.84
CA PHE A 17 5.17 3.81 1.08
C PHE A 17 4.08 3.27 0.15
N VAL A 18 4.50 2.75 -0.99
CA VAL A 18 3.59 2.17 -1.97
C VAL A 18 3.92 0.70 -2.26
N LEU A 19 2.89 -0.15 -2.28
CA LEU A 19 3.05 -1.56 -2.63
C LEU A 19 2.80 -1.78 -4.13
N LYS A 20 3.85 -2.16 -4.84
CA LYS A 20 3.77 -2.39 -6.29
C LYS A 20 3.69 -3.88 -6.63
N ALA A 21 3.03 -4.18 -7.75
CA ALA A 21 2.79 -5.58 -8.16
C ALA A 21 3.58 -5.95 -9.43
N GLY A 22 4.35 -7.03 -9.35
CA GLY A 22 5.02 -7.60 -10.53
C GLY A 22 5.82 -6.60 -11.39
N ASN A 23 5.11 -5.89 -12.27
CA ASN A 23 5.74 -4.98 -13.22
C ASN A 23 6.02 -3.59 -12.61
N GLY A 24 5.50 -3.35 -11.42
CA GLY A 24 5.70 -2.06 -10.74
C GLY A 24 4.43 -1.23 -10.64
N GLU A 25 3.28 -1.85 -10.85
CA GLU A 25 1.98 -1.15 -10.71
C GLU A 25 1.58 -1.02 -9.24
N VAL A 26 1.26 0.20 -8.81
CA VAL A 26 0.90 0.46 -7.40
C VAL A 26 -0.54 0.06 -7.09
N ILE A 27 -0.72 -0.93 -6.20
CA ILE A 27 -2.05 -1.35 -5.76
C ILE A 27 -2.43 -0.71 -4.41
N LEU A 28 -1.44 -0.51 -3.54
CA LEU A 28 -1.65 0.08 -2.20
C LEU A 28 -0.76 1.31 -1.97
N THR A 29 -1.38 2.43 -1.60
CA THR A 29 -0.64 3.65 -1.24
C THR A 29 -0.98 4.09 0.20
N SER A 30 0.03 4.34 1.02
CA SER A 30 -0.19 4.74 2.43
C SER A 30 -0.21 6.26 2.58
N GLU A 31 -0.86 6.75 3.63
CA GLU A 31 -0.84 8.18 3.96
C GLU A 31 0.49 8.58 4.64
N LEU A 32 0.53 9.78 5.20
CA LEU A 32 1.78 10.32 5.79
C LEU A 32 2.03 9.82 7.22
N TYR A 33 3.24 9.29 7.44
CA TYR A 33 3.68 8.85 8.78
C TYR A 33 4.61 9.88 9.43
N THR A 34 4.45 10.08 10.75
CA THR A 34 5.29 11.02 11.51
C THR A 34 6.73 10.50 11.67
N GLY A 35 6.86 9.21 11.98
CA GLY A 35 8.16 8.60 12.15
C GLY A 35 8.51 7.60 11.05
N LYS A 36 9.76 7.62 10.59
CA LYS A 36 10.22 6.70 9.54
C LYS A 36 10.09 5.23 10.00
N SER A 37 10.51 4.97 11.24
CA SER A 37 10.35 3.63 11.84
C SER A 37 8.88 3.22 11.89
N GLY A 38 7.99 4.19 12.14
CA GLY A 38 6.56 3.94 12.10
C GLY A 38 6.06 3.52 10.71
N ALA A 39 6.58 4.19 9.67
CA ALA A 39 6.27 3.84 8.29
C ALA A 39 6.71 2.40 7.98
N MET A 40 7.94 2.08 8.37
CA MET A 40 8.47 0.70 8.23
C MET A 40 7.55 -0.28 8.99
N ASN A 41 7.20 0.08 10.23
CA ASN A 41 6.25 -0.72 11.03
C ASN A 41 4.95 -0.94 10.25
N GLY A 42 4.50 0.08 9.53
CA GLY A 42 3.34 -0.06 8.67
C GLY A 42 3.53 -1.15 7.61
N ILE A 43 4.73 -1.22 7.03
CA ILE A 43 5.06 -2.26 6.04
C ILE A 43 5.00 -3.65 6.69
N GLU A 44 5.64 -3.78 7.85
CA GLU A 44 5.58 -5.01 8.64
C GLU A 44 4.13 -5.45 8.87
N SER A 45 3.27 -4.48 9.19
CA SER A 45 1.84 -4.72 9.40
C SER A 45 1.17 -5.22 8.11
N VAL A 46 1.48 -4.59 6.98
CA VAL A 46 0.92 -5.00 5.68
C VAL A 46 1.27 -6.45 5.36
N GLN A 47 2.52 -6.84 5.61
CA GLN A 47 2.97 -8.23 5.39
C GLN A 47 2.16 -9.23 6.23
N THR A 48 1.90 -8.87 7.49
CA THR A 48 1.09 -9.71 8.39
C THR A 48 -0.38 -9.76 7.95
N ASN A 49 -0.90 -8.63 7.50
CA ASN A 49 -2.32 -8.50 7.12
C ASN A 49 -2.61 -9.03 5.70
N SER A 50 -1.62 -9.00 4.81
CA SER A 50 -1.79 -9.43 3.40
C SER A 50 -2.52 -10.79 3.26
N PRO A 51 -2.09 -11.86 4.01
CA PRO A 51 -2.77 -13.16 3.96
C PRO A 51 -4.01 -13.24 4.86
N ILE A 52 -4.43 -12.09 5.40
CA ILE A 52 -5.59 -12.01 6.29
C ILE A 52 -6.52 -10.84 5.89
N GLU A 53 -7.49 -11.11 5.03
CA GLU A 53 -8.38 -10.05 4.52
C GLU A 53 -9.14 -9.37 5.68
N ALA A 54 -9.33 -10.09 6.78
CA ALA A 54 -10.14 -9.63 7.93
C ALA A 54 -9.77 -8.21 8.40
N ARG A 55 -8.57 -7.73 8.07
CA ARG A 55 -8.14 -6.38 8.45
C ARG A 55 -8.63 -5.32 7.43
N TYR A 56 -9.54 -5.72 6.55
CA TYR A 56 -10.01 -4.87 5.45
C TYR A 56 -11.00 -3.78 5.90
N ALA A 57 -11.22 -2.82 5.00
CA ALA A 57 -12.29 -1.84 5.15
C ALA A 57 -12.78 -1.39 3.75
N LYS A 58 -13.90 -1.96 3.29
CA LYS A 58 -14.38 -1.71 1.91
C LYS A 58 -15.28 -0.46 1.83
N GLU A 59 -15.15 0.29 0.73
CA GLU A 59 -15.97 1.48 0.50
C GLU A 59 -16.07 1.80 -1.00
N VAL A 60 -17.26 2.19 -1.45
CA VAL A 60 -17.49 2.54 -2.85
C VAL A 60 -17.90 4.01 -3.00
N ALA A 61 -17.09 4.79 -3.72
CA ALA A 61 -17.38 6.21 -3.94
C ALA A 61 -18.54 6.41 -4.92
N LYS A 62 -19.18 7.59 -4.86
CA LYS A 62 -20.41 7.87 -5.63
C LYS A 62 -20.24 7.60 -7.13
N ASN A 63 -19.06 7.92 -7.67
CA ASN A 63 -18.77 7.70 -9.11
C ASN A 63 -18.59 6.20 -9.45
N ASP A 64 -19.22 5.32 -8.68
CA ASP A 64 -19.03 3.88 -8.83
C ASP A 64 -17.53 3.54 -8.76
N LYS A 65 -16.90 3.93 -7.66
CA LYS A 65 -15.46 3.71 -7.46
C LYS A 65 -15.22 2.75 -6.28
N PRO A 66 -15.20 1.43 -6.52
CA PRO A 66 -14.95 0.45 -5.47
C PRO A 66 -13.47 0.41 -5.03
N TYR A 67 -13.24 0.54 -3.72
CA TYR A 67 -11.89 0.43 -3.17
C TYR A 67 -11.94 0.02 -1.68
N PHE A 68 -10.78 -0.16 -1.07
CA PHE A 68 -10.72 -0.51 0.35
C PHE A 68 -9.45 0.05 1.03
N ASN A 69 -9.51 0.23 2.33
CA ASN A 69 -8.34 0.59 3.13
C ASN A 69 -7.86 -0.61 3.96
N LEU A 70 -6.58 -0.61 4.31
CA LEU A 70 -6.01 -1.67 5.12
C LEU A 70 -5.62 -1.14 6.51
N LYS A 71 -6.16 -1.76 7.54
CA LYS A 71 -5.89 -1.37 8.93
C LYS A 71 -5.03 -2.42 9.65
N ALA A 72 -4.21 -1.99 10.60
CA ALA A 72 -3.49 -2.91 11.49
C ALA A 72 -4.36 -3.28 12.70
N ALA A 73 -3.86 -4.17 13.56
CA ALA A 73 -4.61 -4.61 14.75
C ALA A 73 -5.15 -3.44 15.59
N ASN A 74 -4.33 -2.40 15.75
CA ASN A 74 -4.74 -1.21 16.52
C ASN A 74 -5.68 -0.28 15.70
N HIS A 75 -6.20 -0.80 14.58
CA HIS A 75 -7.20 -0.11 13.75
C HIS A 75 -6.62 1.15 13.07
N GLN A 76 -5.30 1.21 13.00
CA GLN A 76 -4.60 2.32 12.36
C GLN A 76 -4.58 2.15 10.83
N ILE A 77 -4.71 3.26 10.10
CA ILE A 77 -4.69 3.21 8.63
C ILE A 77 -3.26 3.06 8.11
N ILE A 78 -2.91 1.85 7.67
CA ILE A 78 -1.56 1.58 7.17
C ILE A 78 -1.50 1.60 5.63
N GLY A 79 -2.64 1.38 4.97
CA GLY A 79 -2.65 1.40 3.51
C GLY A 79 -4.01 1.80 2.91
N THR A 80 -3.97 2.39 1.72
CA THR A 80 -5.19 2.73 0.97
C THR A 80 -5.07 2.26 -0.49
N SER A 81 -5.96 1.35 -0.90
CA SER A 81 -5.90 0.80 -2.28
C SER A 81 -6.39 1.81 -3.32
N GLN A 82 -5.99 1.59 -4.57
CA GLN A 82 -6.42 2.43 -5.68
C GLN A 82 -7.91 2.18 -6.02
N MET A 83 -8.59 3.20 -6.56
CA MET A 83 -10.01 3.08 -6.91
C MET A 83 -10.18 2.54 -8.34
N TYR A 84 -10.96 1.46 -8.48
CA TYR A 84 -11.17 0.82 -9.79
C TYR A 84 -12.50 1.20 -10.42
N SER A 85 -12.71 0.74 -11.65
CA SER A 85 -13.97 0.98 -12.38
C SER A 85 -14.88 -0.25 -12.33
N SER A 86 -14.28 -1.44 -12.33
CA SER A 86 -15.03 -2.70 -12.28
C SER A 86 -14.90 -3.38 -10.91
N THR A 87 -16.00 -3.93 -10.41
CA THR A 87 -16.01 -4.63 -9.11
C THR A 87 -15.17 -5.92 -9.15
N ALA A 88 -15.20 -6.63 -10.28
CA ALA A 88 -14.39 -7.83 -10.46
C ALA A 88 -12.88 -7.50 -10.45
N ALA A 89 -12.48 -6.49 -11.22
CA ALA A 89 -11.11 -5.99 -11.22
C ALA A 89 -10.66 -5.60 -9.79
N ARG A 90 -11.56 -4.99 -9.03
CA ARG A 90 -11.30 -4.63 -7.63
C ARG A 90 -11.10 -5.91 -6.79
N ASP A 91 -12.02 -6.86 -6.95
CA ASP A 91 -11.96 -8.15 -6.25
C ASP A 91 -10.63 -8.88 -6.52
N ASN A 92 -10.34 -9.12 -7.80
CA ASN A 92 -9.06 -9.71 -8.21
C ASN A 92 -7.87 -8.83 -7.79
N GLY A 93 -8.11 -7.53 -7.73
CA GLY A 93 -7.12 -6.60 -7.20
C GLY A 93 -6.77 -6.90 -5.74
N ILE A 94 -7.77 -7.25 -4.94
CA ILE A 94 -7.56 -7.65 -3.55
C ILE A 94 -6.72 -8.94 -3.48
N LYS A 95 -7.04 -9.89 -4.35
CA LYS A 95 -6.26 -11.12 -4.48
C LYS A 95 -4.79 -10.80 -4.86
N SER A 96 -4.61 -9.78 -5.69
CA SER A 96 -3.27 -9.31 -6.07
C SER A 96 -2.52 -8.74 -4.86
N VAL A 97 -3.26 -8.15 -3.93
CA VAL A 97 -2.67 -7.67 -2.66
C VAL A 97 -2.22 -8.85 -1.80
N MET A 98 -3.06 -9.89 -1.72
CA MET A 98 -2.72 -11.14 -1.02
C MET A 98 -1.51 -11.83 -1.65
N GLU A 99 -1.30 -11.58 -2.94
CA GLU A 99 -0.16 -12.15 -3.68
C GLU A 99 1.14 -11.35 -3.43
N ASN A 100 1.10 -10.06 -3.75
CA ASN A 100 2.30 -9.21 -3.70
C ASN A 100 2.58 -8.64 -2.30
N GLY A 101 1.59 -8.71 -1.41
CA GLY A 101 1.78 -8.19 -0.05
C GLY A 101 2.70 -9.07 0.80
N LYS A 102 3.06 -10.23 0.28
CA LYS A 102 3.91 -11.19 0.99
C LYS A 102 5.41 -10.89 0.77
N THR A 103 5.71 -9.81 0.05
CA THR A 103 7.10 -9.47 -0.33
C THR A 103 7.85 -8.75 0.81
N THR A 104 9.15 -8.99 0.89
CA THR A 104 10.01 -8.32 1.88
C THR A 104 10.95 -7.30 1.22
N THR A 105 10.87 -7.17 -0.11
CA THR A 105 11.73 -6.23 -0.85
C THR A 105 11.33 -4.77 -0.54
N ILE A 106 12.06 -4.13 0.37
CA ILE A 106 11.79 -2.74 0.74
C ILE A 106 12.86 -1.79 0.18
N LYS A 107 12.43 -0.82 -0.62
CA LYS A 107 13.33 0.16 -1.23
C LYS A 107 13.14 1.55 -0.59
N ASP A 108 14.21 2.09 0.00
CA ASP A 108 14.13 3.42 0.60
C ASP A 108 14.36 4.51 -0.44
N LEU A 109 13.30 5.25 -0.75
CA LEU A 109 13.38 6.39 -1.67
C LEU A 109 13.36 7.72 -0.91
N THR A 110 13.32 7.66 0.43
CA THR A 110 13.24 8.86 1.27
C THR A 110 14.49 9.72 1.13
N LEU A 111 15.65 9.07 1.17
CA LEU A 111 16.93 9.74 0.90
C LEU A 111 16.91 10.32 -0.53
N GLU A 112 16.71 9.43 -1.50
CA GLU A 112 16.56 9.80 -2.91
C GLU A 112 16.24 8.55 -3.75
N HIS A 113 15.89 8.73 -5.02
CA HIS A 113 15.62 7.59 -5.90
C HIS A 113 16.43 7.69 -7.21
N HIS A 114 17.68 7.26 -7.15
CA HIS A 114 18.54 7.17 -8.33
C HIS A 114 18.00 6.16 -9.34
N HIS A 115 18.13 6.49 -10.63
CA HIS A 115 17.75 5.58 -11.72
C HIS A 115 16.25 5.23 -11.68
N HIS A 116 15.40 6.22 -11.95
CA HIS A 116 13.95 6.00 -12.04
C HIS A 116 13.41 6.58 -13.37
N HIS A 117 13.32 5.72 -14.38
CA HIS A 117 12.86 6.13 -15.71
C HIS A 117 12.56 4.90 -16.59
N HIS A 118 11.45 4.94 -17.32
CA HIS A 118 11.09 3.85 -18.24
C HIS A 118 12.00 3.83 -19.48
N MET A 1 3.37 -12.69 -10.13
CA MET A 1 4.32 -11.53 -10.09
C MET A 1 4.84 -11.29 -8.67
N SER A 2 6.04 -10.70 -8.59
CA SER A 2 6.63 -10.31 -7.31
C SER A 2 6.55 -8.79 -7.12
N GLY A 3 5.68 -8.35 -6.23
CA GLY A 3 5.53 -6.92 -5.95
C GLY A 3 6.61 -6.39 -5.02
N TRP A 4 6.61 -5.07 -4.80
CA TRP A 4 7.60 -4.43 -3.91
C TRP A 4 7.02 -3.17 -3.25
N TYR A 5 7.65 -2.74 -2.16
CA TYR A 5 7.24 -1.53 -1.43
C TYR A 5 8.22 -0.39 -1.66
N GLU A 6 7.72 0.77 -2.11
CA GLU A 6 8.55 1.96 -2.26
C GLU A 6 8.26 2.99 -1.16
N LEU A 7 9.19 3.16 -0.24
CA LEU A 7 9.07 4.15 0.84
C LEU A 7 9.70 5.48 0.42
N SER A 8 8.89 6.49 0.18
CA SER A 8 9.42 7.81 -0.23
C SER A 8 9.07 8.89 0.80
N LYS A 9 9.90 9.93 0.85
CA LYS A 9 9.73 11.02 1.81
C LYS A 9 9.26 12.31 1.13
N SER A 10 8.23 12.93 1.70
CA SER A 10 7.74 14.22 1.20
C SER A 10 8.67 15.37 1.62
N SER A 11 8.52 16.53 0.98
CA SER A 11 9.28 17.74 1.35
C SER A 11 8.97 18.15 2.79
N ASN A 12 7.83 17.66 3.30
CA ASN A 12 7.43 17.89 4.70
C ASN A 12 8.09 16.89 5.66
N ASP A 13 9.05 16.11 5.12
CA ASP A 13 9.75 15.06 5.88
C ASP A 13 8.81 13.97 6.40
N GLN A 14 7.61 13.89 5.83
CA GLN A 14 6.67 12.81 6.16
C GLN A 14 6.92 11.59 5.28
N PHE A 15 6.88 10.40 5.89
CA PHE A 15 7.23 9.16 5.21
C PHE A 15 5.97 8.38 4.82
N LYS A 16 5.95 7.82 3.61
CA LYS A 16 4.83 7.00 3.16
C LYS A 16 5.28 5.98 2.10
N PHE A 17 4.74 4.76 2.18
CA PHE A 17 5.13 3.68 1.27
C PHE A 17 3.99 3.29 0.32
N VAL A 18 4.35 2.89 -0.90
CA VAL A 18 3.38 2.41 -1.89
C VAL A 18 3.72 0.98 -2.35
N LEU A 19 2.72 0.10 -2.33
CA LEU A 19 2.89 -1.28 -2.80
C LEU A 19 2.47 -1.41 -4.27
N LYS A 20 3.40 -1.81 -5.13
CA LYS A 20 3.12 -1.96 -6.57
C LYS A 20 3.25 -3.43 -7.01
N ALA A 21 2.20 -3.93 -7.66
CA ALA A 21 2.10 -5.35 -7.99
C ALA A 21 2.75 -5.73 -9.31
N GLY A 22 4.07 -5.97 -9.29
CA GLY A 22 4.78 -6.48 -10.45
C GLY A 22 4.89 -5.51 -11.63
N ASN A 23 3.75 -5.14 -12.22
CA ASN A 23 3.71 -4.28 -13.41
C ASN A 23 4.08 -2.82 -13.08
N GLY A 24 4.27 -2.52 -11.80
CA GLY A 24 4.46 -1.14 -11.38
C GLY A 24 3.14 -0.43 -11.11
N GLU A 25 2.06 -1.22 -11.05
CA GLU A 25 0.72 -0.68 -10.74
C GLU A 25 0.54 -0.50 -9.24
N VAL A 26 0.20 0.71 -8.82
CA VAL A 26 0.05 1.03 -7.39
C VAL A 26 -1.28 0.49 -6.83
N ILE A 27 -1.20 -0.61 -6.08
CA ILE A 27 -2.39 -1.22 -5.49
C ILE A 27 -2.70 -0.64 -4.10
N LEU A 28 -1.67 -0.35 -3.30
CA LEU A 28 -1.86 0.26 -1.98
C LEU A 28 -0.96 1.49 -1.77
N THR A 29 -1.56 2.59 -1.32
CA THR A 29 -0.82 3.78 -0.89
C THR A 29 -1.21 4.14 0.55
N SER A 30 -0.25 4.13 1.46
CA SER A 30 -0.53 4.42 2.88
C SER A 30 -0.70 5.93 3.15
N GLU A 31 -0.84 6.29 4.42
CA GLU A 31 -0.98 7.71 4.80
C GLU A 31 0.38 8.33 5.17
N LEU A 32 0.35 9.58 5.63
CA LEU A 32 1.59 10.30 5.97
C LEU A 32 2.07 9.96 7.39
N TYR A 33 3.18 9.22 7.48
CA TYR A 33 3.78 8.88 8.78
C TYR A 33 4.77 9.97 9.23
N THR A 34 4.76 10.24 10.53
CA THR A 34 5.69 11.22 11.13
C THR A 34 7.07 10.61 11.40
N GLY A 35 7.10 9.29 11.57
CA GLY A 35 8.38 8.59 11.82
C GLY A 35 8.67 7.52 10.76
N LYS A 36 9.92 7.50 10.29
CA LYS A 36 10.34 6.53 9.25
C LYS A 36 10.16 5.08 9.71
N SER A 37 10.71 4.76 10.88
CA SER A 37 10.58 3.41 11.46
C SER A 37 9.11 3.02 11.65
N GLY A 38 8.28 4.00 12.00
CA GLY A 38 6.84 3.77 12.14
C GLY A 38 6.19 3.31 10.84
N ALA A 39 6.61 3.90 9.72
CA ALA A 39 6.10 3.52 8.40
C ALA A 39 6.48 2.08 8.06
N MET A 40 7.76 1.75 8.20
CA MET A 40 8.24 0.41 7.90
C MET A 40 7.62 -0.63 8.86
N ASN A 41 7.48 -0.25 10.13
CA ASN A 41 6.76 -1.08 11.11
C ASN A 41 5.33 -1.37 10.61
N GLY A 42 4.70 -0.35 10.02
CA GLY A 42 3.41 -0.54 9.36
C GLY A 42 3.47 -1.59 8.26
N ILE A 43 4.59 -1.62 7.52
CA ILE A 43 4.78 -2.62 6.46
C ILE A 43 4.83 -4.03 7.05
N GLU A 44 5.49 -4.19 8.20
CA GLU A 44 5.49 -5.47 8.93
C GLU A 44 4.04 -5.94 9.18
N SER A 45 3.22 -5.03 9.68
CA SER A 45 1.80 -5.32 9.92
C SER A 45 1.09 -5.70 8.62
N VAL A 46 1.42 -5.01 7.51
CA VAL A 46 0.87 -5.36 6.19
C VAL A 46 1.11 -6.85 5.88
N GLN A 47 2.35 -7.29 6.02
CA GLN A 47 2.72 -8.71 5.80
C GLN A 47 1.80 -9.64 6.61
N THR A 48 1.60 -9.31 7.88
CA THR A 48 0.75 -10.10 8.78
C THR A 48 -0.74 -10.01 8.41
N ASN A 49 -1.16 -8.85 7.94
CA ASN A 49 -2.58 -8.57 7.63
C ASN A 49 -3.02 -9.11 6.26
N SER A 50 -2.07 -9.22 5.32
CA SER A 50 -2.37 -9.64 3.93
C SER A 50 -3.34 -10.85 3.82
N PRO A 51 -3.13 -11.95 4.58
CA PRO A 51 -4.03 -13.13 4.52
C PRO A 51 -5.41 -12.90 5.16
N ILE A 52 -5.69 -11.68 5.62
CA ILE A 52 -6.94 -11.37 6.33
C ILE A 52 -7.75 -10.27 5.62
N GLU A 53 -8.87 -10.64 4.99
CA GLU A 53 -9.72 -9.64 4.31
C GLU A 53 -10.36 -8.67 5.31
N ALA A 54 -10.54 -9.12 6.56
CA ALA A 54 -11.06 -8.26 7.63
C ALA A 54 -10.18 -7.03 7.87
N ARG A 55 -8.94 -7.08 7.38
CA ARG A 55 -8.03 -5.92 7.44
C ARG A 55 -8.19 -5.03 6.19
N TYR A 56 -8.67 -5.63 5.10
CA TYR A 56 -8.94 -4.88 3.87
C TYR A 56 -10.36 -4.29 3.87
N ALA A 57 -10.49 -3.06 4.34
CA ALA A 57 -11.79 -2.37 4.31
C ALA A 57 -12.20 -2.06 2.87
N LYS A 58 -13.06 -2.89 2.29
CA LYS A 58 -13.46 -2.74 0.89
C LYS A 58 -14.81 -2.02 0.78
N GLU A 59 -14.77 -0.78 0.29
CA GLU A 59 -15.96 0.07 0.19
C GLU A 59 -16.28 0.44 -1.26
N VAL A 60 -17.47 0.99 -1.47
CA VAL A 60 -17.90 1.42 -2.80
C VAL A 60 -18.22 2.92 -2.82
N ALA A 61 -17.43 3.69 -3.58
CA ALA A 61 -17.67 5.14 -3.72
C ALA A 61 -19.09 5.43 -4.25
N LYS A 62 -19.62 6.60 -3.91
CA LYS A 62 -20.98 6.98 -4.31
C LYS A 62 -21.10 7.11 -5.84
N ASN A 63 -19.98 7.04 -6.53
CA ASN A 63 -19.94 7.04 -8.00
C ASN A 63 -19.92 5.60 -8.56
N ASP A 64 -20.29 4.62 -7.71
CA ASP A 64 -20.28 3.21 -8.09
C ASP A 64 -18.84 2.72 -8.42
N LYS A 65 -17.87 3.29 -7.72
CA LYS A 65 -16.47 2.94 -7.91
C LYS A 65 -15.91 2.20 -6.67
N PRO A 66 -15.63 0.89 -6.79
CA PRO A 66 -15.15 0.07 -5.68
C PRO A 66 -13.65 0.27 -5.38
N TYR A 67 -13.32 0.30 -4.08
CA TYR A 67 -11.93 0.41 -3.62
C TYR A 67 -11.75 -0.31 -2.29
N PHE A 68 -10.51 -0.38 -1.79
CA PHE A 68 -10.25 -1.00 -0.49
C PHE A 68 -9.05 -0.36 0.22
N ASN A 69 -9.18 -0.19 1.53
CA ASN A 69 -8.09 0.31 2.36
C ASN A 69 -7.58 -0.78 3.30
N LEU A 70 -6.31 -0.69 3.68
CA LEU A 70 -5.70 -1.67 4.57
C LEU A 70 -5.35 -1.03 5.93
N LYS A 71 -5.91 -1.59 7.00
CA LYS A 71 -5.69 -1.06 8.35
C LYS A 71 -5.00 -2.09 9.26
N ALA A 72 -4.10 -1.60 10.12
CA ALA A 72 -3.47 -2.44 11.14
C ALA A 72 -4.37 -2.60 12.37
N ALA A 73 -3.92 -3.38 13.36
CA ALA A 73 -4.72 -3.63 14.57
C ALA A 73 -5.22 -2.35 15.25
N ASN A 74 -4.38 -1.31 15.29
CA ASN A 74 -4.75 -0.01 15.89
C ASN A 74 -5.68 0.81 14.95
N HIS A 75 -6.16 0.17 13.88
CA HIS A 75 -7.08 0.80 12.92
C HIS A 75 -6.38 1.88 12.08
N GLN A 76 -5.06 1.91 12.14
CA GLN A 76 -4.25 2.89 11.42
C GLN A 76 -4.17 2.55 9.92
N ILE A 77 -4.23 3.56 9.07
CA ILE A 77 -4.14 3.36 7.62
C ILE A 77 -2.71 2.97 7.21
N ILE A 78 -2.53 1.70 6.87
CA ILE A 78 -1.26 1.22 6.32
C ILE A 78 -1.38 0.98 4.80
N GLY A 79 -2.59 1.19 4.27
CA GLY A 79 -2.80 1.09 2.83
C GLY A 79 -4.11 1.74 2.35
N THR A 80 -4.10 2.25 1.13
CA THR A 80 -5.31 2.81 0.49
C THR A 80 -5.24 2.60 -1.03
N SER A 81 -6.21 1.89 -1.60
CA SER A 81 -6.18 1.55 -3.03
C SER A 81 -6.79 2.65 -3.91
N GLN A 82 -6.72 2.44 -5.23
CA GLN A 82 -7.29 3.36 -6.22
C GLN A 82 -8.73 2.94 -6.55
N MET A 83 -9.67 3.88 -6.49
CA MET A 83 -11.07 3.61 -6.85
C MET A 83 -11.17 3.06 -8.29
N TYR A 84 -11.38 1.75 -8.39
CA TYR A 84 -11.39 1.06 -9.69
C TYR A 84 -12.65 1.38 -10.52
N SER A 85 -12.60 1.04 -11.81
CA SER A 85 -13.76 1.24 -12.71
C SER A 85 -14.72 0.05 -12.63
N SER A 86 -14.23 -1.11 -12.18
CA SER A 86 -15.05 -2.32 -12.07
C SER A 86 -14.73 -3.10 -10.79
N THR A 87 -15.70 -3.83 -10.26
CA THR A 87 -15.51 -4.60 -9.02
C THR A 87 -14.53 -5.76 -9.24
N ALA A 88 -14.58 -6.37 -10.42
CA ALA A 88 -13.67 -7.46 -10.77
C ALA A 88 -12.20 -7.05 -10.56
N ALA A 89 -11.82 -5.90 -11.10
CA ALA A 89 -10.47 -5.35 -10.91
C ALA A 89 -10.16 -5.12 -9.42
N ARG A 90 -11.18 -4.71 -8.67
CA ARG A 90 -11.05 -4.49 -7.22
C ARG A 90 -10.63 -5.78 -6.50
N ASP A 91 -11.31 -6.89 -6.82
CA ASP A 91 -10.98 -8.18 -6.23
C ASP A 91 -9.65 -8.72 -6.76
N ASN A 92 -9.37 -8.51 -8.05
CA ASN A 92 -8.08 -8.89 -8.65
C ASN A 92 -6.94 -8.18 -7.92
N GLY A 93 -7.15 -6.90 -7.60
CA GLY A 93 -6.20 -6.13 -6.81
C GLY A 93 -5.91 -6.79 -5.46
N ILE A 94 -6.98 -7.07 -4.70
CA ILE A 94 -6.85 -7.72 -3.39
C ILE A 94 -6.03 -9.02 -3.48
N LYS A 95 -6.33 -9.86 -4.47
CA LYS A 95 -5.57 -11.08 -4.73
C LYS A 95 -4.08 -10.76 -4.97
N SER A 96 -3.83 -9.74 -5.79
CA SER A 96 -2.47 -9.28 -6.07
C SER A 96 -1.76 -8.82 -4.78
N VAL A 97 -2.50 -8.14 -3.90
CA VAL A 97 -1.95 -7.64 -2.63
C VAL A 97 -1.45 -8.79 -1.76
N MET A 98 -2.35 -9.72 -1.42
CA MET A 98 -2.01 -10.84 -0.54
C MET A 98 -0.82 -11.65 -1.09
N GLU A 99 -0.73 -11.79 -2.41
CA GLU A 99 0.40 -12.49 -3.04
C GLU A 99 1.71 -11.67 -2.94
N ASN A 100 1.59 -10.35 -2.90
CA ASN A 100 2.77 -9.48 -2.74
C ASN A 100 3.13 -9.27 -1.27
N GLY A 101 2.16 -9.45 -0.38
CA GLY A 101 2.37 -9.19 1.05
C GLY A 101 3.34 -10.17 1.74
N LYS A 102 4.14 -10.89 0.97
CA LYS A 102 5.19 -11.74 1.52
C LYS A 102 6.57 -11.07 1.39
N THR A 103 6.72 -10.22 0.36
CA THR A 103 8.03 -9.64 0.02
C THR A 103 8.51 -8.60 1.05
N THR A 104 9.79 -8.66 1.38
CA THR A 104 10.42 -7.67 2.27
C THR A 104 11.23 -6.66 1.45
N THR A 105 11.04 -6.66 0.13
CA THR A 105 11.76 -5.76 -0.77
C THR A 105 11.30 -4.31 -0.60
N ILE A 106 11.91 -3.61 0.35
CA ILE A 106 11.58 -2.22 0.64
C ILE A 106 12.56 -1.24 -0.05
N LYS A 107 12.11 -0.60 -1.11
CA LYS A 107 12.91 0.43 -1.79
C LYS A 107 12.93 1.73 -0.97
N ASP A 108 14.02 1.92 -0.23
CA ASP A 108 14.18 3.12 0.60
C ASP A 108 14.50 4.35 -0.26
N LEU A 109 13.47 5.11 -0.62
CA LEU A 109 13.64 6.31 -1.44
C LEU A 109 13.68 7.58 -0.58
N THR A 110 13.71 7.43 0.74
CA THR A 110 13.70 8.58 1.65
C THR A 110 15.11 9.16 1.87
N LEU A 111 16.12 8.33 1.63
CA LEU A 111 17.52 8.72 1.85
C LEU A 111 17.99 9.78 0.83
N GLU A 112 17.18 10.05 -0.18
CA GLU A 112 17.52 11.05 -1.20
C GLU A 112 16.28 11.61 -1.90
N HIS A 113 16.43 12.74 -2.57
CA HIS A 113 15.36 13.32 -3.39
C HIS A 113 15.44 12.78 -4.82
N HIS A 114 14.84 11.61 -5.05
CA HIS A 114 14.89 10.95 -6.37
C HIS A 114 14.11 11.74 -7.44
N HIS A 115 14.65 11.78 -8.66
CA HIS A 115 14.04 12.54 -9.76
C HIS A 115 12.84 11.79 -10.36
N HIS A 116 11.67 12.45 -10.40
CA HIS A 116 10.45 11.83 -10.91
C HIS A 116 9.43 12.89 -11.36
N HIS A 117 9.01 12.84 -12.62
CA HIS A 117 7.99 13.77 -13.13
C HIS A 117 6.90 13.04 -13.93
N HIS A 118 6.76 11.73 -13.72
CA HIS A 118 5.66 10.94 -14.30
C HIS A 118 4.73 10.39 -13.21
N MET A 1 6.76 -10.77 -12.92
CA MET A 1 7.38 -9.86 -11.92
C MET A 1 6.45 -9.65 -10.72
N SER A 2 6.96 -9.93 -9.52
CA SER A 2 6.21 -9.71 -8.27
C SER A 2 6.31 -8.25 -7.82
N GLY A 3 5.45 -7.84 -6.89
CA GLY A 3 5.42 -6.47 -6.43
C GLY A 3 6.44 -6.16 -5.32
N TRP A 4 6.41 -4.92 -4.85
CA TRP A 4 7.34 -4.46 -3.81
C TRP A 4 6.86 -3.16 -3.16
N TYR A 5 7.54 -2.75 -2.09
CA TYR A 5 7.21 -1.50 -1.37
C TYR A 5 8.24 -0.39 -1.66
N GLU A 6 7.76 0.81 -1.97
CA GLU A 6 8.64 1.98 -2.17
C GLU A 6 8.38 3.06 -1.11
N LEU A 7 9.31 3.21 -0.16
CA LEU A 7 9.21 4.22 0.90
C LEU A 7 9.99 5.50 0.52
N SER A 8 9.30 6.64 0.50
CA SER A 8 9.94 7.92 0.20
C SER A 8 9.53 9.00 1.21
N LYS A 9 10.45 9.91 1.54
CA LYS A 9 10.14 11.02 2.46
C LYS A 9 9.87 12.32 1.69
N SER A 10 8.68 12.89 1.87
CA SER A 10 8.31 14.15 1.23
C SER A 10 9.04 15.34 1.86
N SER A 11 8.97 16.50 1.22
CA SER A 11 9.60 17.73 1.74
C SER A 11 8.96 18.15 3.08
N ASN A 12 7.88 17.47 3.47
CA ASN A 12 7.28 17.64 4.79
C ASN A 12 8.10 16.94 5.88
N ASP A 13 9.19 16.28 5.47
CA ASP A 13 10.02 15.46 6.35
C ASP A 13 9.21 14.26 6.90
N GLN A 14 8.15 13.90 6.17
CA GLN A 14 7.30 12.76 6.54
C GLN A 14 7.48 11.60 5.54
N PHE A 15 7.46 10.38 6.06
CA PHE A 15 7.71 9.18 5.24
C PHE A 15 6.40 8.54 4.75
N LYS A 16 6.36 8.16 3.47
CA LYS A 16 5.19 7.49 2.89
C LYS A 16 5.61 6.35 1.95
N PHE A 17 4.92 5.22 2.01
CA PHE A 17 5.26 4.07 1.16
C PHE A 17 4.09 3.68 0.24
N VAL A 18 4.43 3.14 -0.93
CA VAL A 18 3.44 2.67 -1.90
C VAL A 18 3.72 1.21 -2.30
N LEU A 19 2.65 0.42 -2.46
CA LEU A 19 2.78 -0.98 -2.88
C LEU A 19 2.36 -1.15 -4.35
N LYS A 20 3.30 -1.60 -5.18
CA LYS A 20 3.08 -1.75 -6.61
C LYS A 20 2.89 -3.23 -7.01
N ALA A 21 2.04 -3.48 -8.01
CA ALA A 21 1.68 -4.84 -8.42
C ALA A 21 2.89 -5.63 -8.95
N GLY A 22 3.77 -4.97 -9.69
CA GLY A 22 4.95 -5.64 -10.24
C GLY A 22 5.52 -4.95 -11.48
N ASN A 23 4.64 -4.52 -12.39
CA ASN A 23 5.06 -3.80 -13.60
C ASN A 23 5.32 -2.31 -13.31
N GLY A 24 4.97 -1.88 -12.09
CA GLY A 24 5.10 -0.47 -11.71
C GLY A 24 3.77 0.14 -11.27
N GLU A 25 2.67 -0.44 -11.75
CA GLU A 25 1.33 0.04 -11.40
C GLU A 25 1.07 -0.05 -9.90
N VAL A 26 0.56 1.04 -9.30
CA VAL A 26 0.29 1.09 -7.86
C VAL A 26 -1.11 0.55 -7.52
N ILE A 27 -1.16 -0.39 -6.57
CA ILE A 27 -2.43 -0.97 -6.11
C ILE A 27 -2.86 -0.41 -4.75
N LEU A 28 -1.91 -0.31 -3.82
CA LEU A 28 -2.18 0.21 -2.47
C LEU A 28 -1.23 1.39 -2.14
N THR A 29 -1.81 2.51 -1.75
CA THR A 29 -1.03 3.72 -1.43
C THR A 29 -1.22 4.13 0.04
N SER A 30 -0.11 4.40 0.74
CA SER A 30 -0.18 4.86 2.13
C SER A 30 -0.02 6.39 2.22
N GLU A 31 -0.04 6.92 3.44
CA GLU A 31 0.02 8.38 3.64
C GLU A 31 1.28 8.80 4.42
N LEU A 32 1.35 10.08 4.80
CA LEU A 32 2.54 10.65 5.43
C LEU A 32 2.66 10.31 6.93
N TYR A 33 3.61 9.43 7.26
CA TYR A 33 3.95 9.14 8.66
C TYR A 33 4.94 10.17 9.21
N THR A 34 4.87 10.45 10.51
CA THR A 34 5.74 11.44 11.15
C THR A 34 7.22 11.01 11.15
N GLY A 35 7.46 9.70 11.25
CA GLY A 35 8.83 9.19 11.28
C GLY A 35 8.99 7.86 10.55
N LYS A 36 10.24 7.47 10.28
CA LYS A 36 10.52 6.23 9.53
C LYS A 36 10.15 4.99 10.35
N SER A 37 10.22 5.09 11.68
CA SER A 37 9.80 4.00 12.57
C SER A 37 8.35 3.60 12.31
N GLY A 38 7.44 4.57 12.44
CA GLY A 38 6.02 4.32 12.17
C GLY A 38 5.75 3.88 10.74
N ALA A 39 6.48 4.47 9.79
CA ALA A 39 6.34 4.12 8.36
C ALA A 39 6.67 2.64 8.12
N MET A 40 7.87 2.21 8.52
CA MET A 40 8.28 0.81 8.38
C MET A 40 7.36 -0.11 9.21
N ASN A 41 7.04 0.33 10.43
CA ASN A 41 6.06 -0.37 11.28
C ASN A 41 4.78 -0.67 10.50
N GLY A 42 4.33 0.32 9.72
CA GLY A 42 3.17 0.15 8.85
C GLY A 42 3.41 -0.87 7.73
N ILE A 43 4.62 -0.87 7.15
CA ILE A 43 4.97 -1.80 6.07
C ILE A 43 4.93 -3.25 6.55
N GLU A 44 5.62 -3.52 7.66
CA GLU A 44 5.63 -4.85 8.27
C GLU A 44 4.22 -5.24 8.74
N SER A 45 3.44 -4.24 9.16
CA SER A 45 2.03 -4.45 9.50
C SER A 45 1.25 -4.94 8.27
N VAL A 46 1.45 -4.27 7.13
CA VAL A 46 0.86 -4.69 5.85
C VAL A 46 1.18 -6.17 5.56
N GLN A 47 2.46 -6.51 5.62
CA GLN A 47 2.92 -7.89 5.41
C GLN A 47 2.20 -8.89 6.34
N THR A 48 1.88 -8.45 7.56
CA THR A 48 1.17 -9.30 8.53
C THR A 48 -0.35 -9.32 8.28
N ASN A 49 -0.90 -8.19 7.84
CA ASN A 49 -2.35 -8.02 7.65
C ASN A 49 -2.84 -8.60 6.31
N SER A 50 -1.97 -8.59 5.30
CA SER A 50 -2.32 -9.05 3.93
C SER A 50 -3.00 -10.44 3.89
N PRO A 51 -2.48 -11.46 4.61
CA PRO A 51 -3.11 -12.81 4.62
C PRO A 51 -4.39 -12.87 5.47
N ILE A 52 -4.86 -11.74 5.98
CA ILE A 52 -6.08 -11.68 6.80
C ILE A 52 -7.20 -10.89 6.09
N GLU A 53 -8.23 -11.60 5.64
CA GLU A 53 -9.34 -10.98 4.89
C GLU A 53 -10.04 -9.87 5.71
N ALA A 54 -10.13 -10.09 7.03
CA ALA A 54 -10.80 -9.14 7.93
C ALA A 54 -10.09 -7.79 8.01
N ARG A 55 -8.86 -7.71 7.52
CA ARG A 55 -8.10 -6.46 7.49
C ARG A 55 -8.46 -5.63 6.24
N TYR A 56 -9.04 -6.29 5.24
CA TYR A 56 -9.45 -5.64 3.99
C TYR A 56 -10.85 -5.01 4.12
N ALA A 57 -10.89 -3.71 4.38
CA ALA A 57 -12.16 -3.00 4.49
C ALA A 57 -12.69 -2.56 3.12
N LYS A 58 -13.66 -3.30 2.58
CA LYS A 58 -14.25 -2.98 1.27
C LYS A 58 -15.26 -1.84 1.37
N GLU A 59 -15.11 -0.84 0.51
CA GLU A 59 -16.03 0.30 0.45
C GLU A 59 -16.27 0.73 -1.00
N VAL A 60 -17.48 1.20 -1.29
CA VAL A 60 -17.84 1.64 -2.65
C VAL A 60 -18.27 3.11 -2.67
N ALA A 61 -17.61 3.91 -3.51
CA ALA A 61 -17.96 5.33 -3.67
C ALA A 61 -19.31 5.49 -4.40
N LYS A 62 -20.00 6.60 -4.15
CA LYS A 62 -21.35 6.83 -4.71
C LYS A 62 -21.40 6.64 -6.23
N ASN A 63 -20.27 6.85 -6.90
CA ASN A 63 -20.19 6.70 -8.37
C ASN A 63 -19.94 5.23 -8.78
N ASP A 64 -20.31 4.29 -7.90
CA ASP A 64 -20.17 2.85 -8.17
C ASP A 64 -18.68 2.44 -8.30
N LYS A 65 -17.80 3.24 -7.71
CA LYS A 65 -16.36 2.96 -7.70
C LYS A 65 -15.95 2.14 -6.47
N PRO A 66 -15.70 0.82 -6.64
CA PRO A 66 -15.30 -0.06 -5.54
C PRO A 66 -13.81 0.07 -5.18
N TYR A 67 -13.50 -0.09 -3.90
CA TYR A 67 -12.12 -0.08 -3.42
C TYR A 67 -12.05 -0.68 -2.01
N PHE A 68 -10.86 -0.72 -1.41
CA PHE A 68 -10.74 -1.18 -0.02
C PHE A 68 -9.58 -0.47 0.71
N ASN A 69 -9.64 -0.48 2.03
CA ASN A 69 -8.57 0.06 2.86
C ASN A 69 -7.95 -1.05 3.72
N LEU A 70 -6.68 -0.89 4.07
CA LEU A 70 -5.98 -1.87 4.89
C LEU A 70 -5.67 -1.30 6.28
N LYS A 71 -6.11 -2.00 7.32
CA LYS A 71 -5.91 -1.56 8.70
C LYS A 71 -5.22 -2.63 9.55
N ALA A 72 -4.51 -2.17 10.57
CA ALA A 72 -3.89 -3.05 11.56
C ALA A 72 -4.80 -3.27 12.77
N ALA A 73 -4.36 -4.09 13.73
CA ALA A 73 -5.13 -4.39 14.95
C ALA A 73 -5.56 -3.11 15.70
N ASN A 74 -4.70 -2.09 15.69
CA ASN A 74 -5.01 -0.79 16.33
C ASN A 74 -6.10 -0.01 15.56
N HIS A 75 -6.54 -0.59 14.43
CA HIS A 75 -7.59 0.03 13.58
C HIS A 75 -7.05 1.26 12.84
N GLN A 76 -5.74 1.31 12.68
CA GLN A 76 -5.06 2.42 12.00
C GLN A 76 -5.05 2.23 10.48
N ILE A 77 -5.28 3.31 9.73
CA ILE A 77 -5.23 3.27 8.26
C ILE A 77 -3.78 3.28 7.77
N ILE A 78 -3.29 2.11 7.36
CA ILE A 78 -1.92 1.97 6.84
C ILE A 78 -1.90 1.90 5.30
N GLY A 79 -3.01 1.47 4.71
CA GLY A 79 -3.09 1.36 3.25
C GLY A 79 -4.43 1.81 2.68
N THR A 80 -4.40 2.48 1.53
CA THR A 80 -5.62 2.92 0.84
C THR A 80 -5.56 2.59 -0.65
N SER A 81 -6.59 1.93 -1.18
CA SER A 81 -6.62 1.52 -2.59
C SER A 81 -6.80 2.71 -3.53
N GLN A 82 -6.33 2.55 -4.76
CA GLN A 82 -6.58 3.54 -5.82
C GLN A 82 -7.99 3.37 -6.41
N MET A 83 -8.35 4.19 -7.39
CA MET A 83 -9.72 4.17 -7.93
C MET A 83 -9.95 2.98 -8.89
N TYR A 84 -11.12 2.36 -8.77
CA TYR A 84 -11.57 1.32 -9.71
C TYR A 84 -12.99 1.63 -10.19
N SER A 85 -13.56 0.73 -10.99
CA SER A 85 -14.96 0.83 -11.44
C SER A 85 -15.62 -0.55 -11.54
N SER A 86 -14.82 -1.57 -11.83
CA SER A 86 -15.31 -2.96 -11.88
C SER A 86 -15.07 -3.69 -10.55
N THR A 87 -16.09 -4.41 -10.08
CA THR A 87 -15.95 -5.23 -8.86
C THR A 87 -14.98 -6.39 -9.09
N ALA A 88 -15.14 -7.09 -10.20
CA ALA A 88 -14.26 -8.20 -10.56
C ALA A 88 -12.79 -7.75 -10.64
N ALA A 89 -12.54 -6.65 -11.36
CA ALA A 89 -11.20 -6.08 -11.47
C ALA A 89 -10.63 -5.69 -10.10
N ARG A 90 -11.51 -5.29 -9.18
CA ARG A 90 -11.09 -4.92 -7.84
C ARG A 90 -10.56 -6.14 -7.06
N ASP A 91 -11.35 -7.21 -7.02
CA ASP A 91 -10.94 -8.46 -6.35
C ASP A 91 -9.66 -9.04 -6.97
N ASN A 92 -9.46 -8.81 -8.28
CA ASN A 92 -8.20 -9.17 -8.93
C ASN A 92 -7.02 -8.43 -8.27
N GLY A 93 -7.16 -7.11 -8.12
CA GLY A 93 -6.16 -6.33 -7.40
C GLY A 93 -5.92 -6.82 -5.97
N ILE A 94 -6.99 -7.29 -5.32
CA ILE A 94 -6.88 -7.89 -3.98
C ILE A 94 -6.00 -9.14 -4.00
N LYS A 95 -6.05 -9.89 -5.10
CA LYS A 95 -5.15 -11.04 -5.30
C LYS A 95 -3.69 -10.56 -5.38
N SER A 96 -3.46 -9.52 -6.17
CA SER A 96 -2.11 -8.95 -6.34
C SER A 96 -1.50 -8.53 -5.00
N VAL A 97 -2.26 -7.76 -4.20
CA VAL A 97 -1.75 -7.26 -2.91
C VAL A 97 -1.52 -8.40 -1.89
N MET A 98 -2.43 -9.38 -1.81
CA MET A 98 -2.25 -10.49 -0.87
C MET A 98 -0.98 -11.29 -1.21
N GLU A 99 -0.61 -11.31 -2.49
CA GLU A 99 0.68 -11.90 -2.90
C GLU A 99 1.85 -10.97 -2.53
N ASN A 100 1.76 -9.72 -3.00
CA ASN A 100 2.84 -8.74 -2.82
C ASN A 100 2.97 -8.27 -1.37
N GLY A 101 2.04 -8.69 -0.52
CA GLY A 101 2.16 -8.44 0.92
C GLY A 101 2.99 -9.52 1.62
N LYS A 102 3.19 -10.63 0.94
CA LYS A 102 3.95 -11.76 1.49
C LYS A 102 5.44 -11.70 1.10
N THR A 103 5.82 -10.65 0.37
CA THR A 103 7.21 -10.48 -0.04
C THR A 103 7.96 -9.52 0.88
N THR A 104 9.24 -9.80 1.09
CA THR A 104 10.09 -8.95 1.95
C THR A 104 10.79 -7.84 1.13
N THR A 105 10.49 -7.76 -0.16
CA THR A 105 11.10 -6.74 -1.04
C THR A 105 10.66 -5.33 -0.64
N ILE A 106 11.42 -4.70 0.25
CA ILE A 106 11.14 -3.33 0.70
C ILE A 106 12.24 -2.36 0.24
N LYS A 107 11.89 -1.45 -0.67
CA LYS A 107 12.85 -0.46 -1.19
C LYS A 107 12.79 0.86 -0.40
N ASP A 108 13.93 1.28 0.13
CA ASP A 108 14.05 2.60 0.73
C ASP A 108 14.44 3.64 -0.33
N LEU A 109 13.66 4.70 -0.42
CA LEU A 109 13.93 5.78 -1.38
C LEU A 109 14.13 7.11 -0.63
N THR A 110 14.58 7.01 0.62
CA THR A 110 14.86 8.21 1.43
C THR A 110 16.36 8.53 1.40
N LEU A 111 17.18 7.49 1.46
CA LEU A 111 18.65 7.63 1.33
C LEU A 111 19.06 7.90 -0.12
N GLU A 112 18.33 7.30 -1.06
CA GLU A 112 18.60 7.46 -2.50
C GLU A 112 17.30 7.57 -3.29
N HIS A 113 17.39 7.95 -4.57
CA HIS A 113 16.24 8.00 -5.48
C HIS A 113 15.12 8.93 -4.94
N HIS A 114 15.46 9.79 -3.99
CA HIS A 114 14.49 10.73 -3.40
C HIS A 114 14.37 12.01 -4.24
N HIS A 115 14.58 11.86 -5.55
CA HIS A 115 14.55 12.99 -6.48
C HIS A 115 13.10 13.27 -6.97
N HIS A 116 12.14 12.63 -6.32
CA HIS A 116 10.71 12.74 -6.68
C HIS A 116 10.15 14.13 -6.36
N HIS A 117 9.26 14.62 -7.22
CA HIS A 117 8.52 15.86 -6.93
C HIS A 117 7.42 15.57 -5.90
N HIS A 118 7.02 14.29 -5.79
CA HIS A 118 6.06 13.84 -4.78
C HIS A 118 6.18 12.32 -4.54
N MET A 1 4.93 -14.43 -4.99
CA MET A 1 5.90 -13.98 -3.94
C MET A 1 6.66 -12.72 -4.36
N SER A 2 6.55 -12.33 -5.63
CA SER A 2 7.22 -11.12 -6.13
C SER A 2 6.56 -9.84 -5.58
N GLY A 3 7.11 -8.68 -5.96
CA GLY A 3 6.58 -7.40 -5.49
C GLY A 3 7.56 -6.64 -4.61
N TRP A 4 7.24 -5.39 -4.28
CA TRP A 4 8.12 -4.58 -3.42
C TRP A 4 7.39 -3.34 -2.86
N TYR A 5 7.95 -2.78 -1.78
CA TYR A 5 7.43 -1.54 -1.18
C TYR A 5 8.39 -0.36 -1.42
N GLU A 6 7.87 0.73 -1.98
CA GLU A 6 8.68 1.94 -2.20
C GLU A 6 8.37 3.01 -1.14
N LEU A 7 9.36 3.33 -0.31
CA LEU A 7 9.22 4.34 0.73
C LEU A 7 9.77 5.71 0.27
N SER A 8 8.97 6.76 0.40
CA SER A 8 9.40 8.11 -0.01
C SER A 8 9.03 9.17 1.03
N LYS A 9 9.74 10.30 1.01
CA LYS A 9 9.50 11.40 1.97
C LYS A 9 8.89 12.64 1.28
N SER A 10 7.72 13.05 1.73
CA SER A 10 6.98 14.18 1.13
C SER A 10 7.60 15.55 1.48
N SER A 11 7.06 16.61 0.87
CA SER A 11 7.50 18.00 1.09
C SER A 11 7.55 18.35 2.59
N ASN A 12 6.57 17.88 3.36
CA ASN A 12 6.48 18.17 4.79
C ASN A 12 7.36 17.19 5.62
N ASP A 13 8.32 16.55 4.96
CA ASP A 13 9.24 15.58 5.59
C ASP A 13 8.51 14.38 6.21
N GLN A 14 7.24 14.19 5.83
CA GLN A 14 6.47 13.03 6.28
C GLN A 14 6.72 11.83 5.36
N PHE A 15 6.67 10.63 5.93
CA PHE A 15 7.03 9.41 5.19
C PHE A 15 5.80 8.62 4.72
N LYS A 16 5.85 8.14 3.47
CA LYS A 16 4.77 7.35 2.89
C LYS A 16 5.35 6.17 2.08
N PHE A 17 4.58 5.10 1.92
CA PHE A 17 5.04 3.94 1.15
C PHE A 17 3.94 3.40 0.21
N VAL A 18 4.36 2.87 -0.95
CA VAL A 18 3.44 2.28 -1.92
C VAL A 18 3.81 0.82 -2.21
N LEU A 19 2.80 -0.02 -2.44
CA LEU A 19 3.01 -1.43 -2.77
C LEU A 19 2.69 -1.71 -4.25
N LYS A 20 3.71 -2.17 -4.98
CA LYS A 20 3.56 -2.54 -6.39
C LYS A 20 3.56 -4.07 -6.55
N ALA A 21 2.60 -4.58 -7.32
CA ALA A 21 2.35 -6.03 -7.43
C ALA A 21 3.38 -6.75 -8.34
N GLY A 22 4.64 -6.36 -8.25
CA GLY A 22 5.70 -7.02 -9.01
C GLY A 22 5.77 -6.57 -10.47
N ASN A 23 4.62 -6.48 -11.12
CA ASN A 23 4.54 -6.04 -12.52
C ASN A 23 4.68 -4.52 -12.65
N GLY A 24 4.68 -3.82 -11.51
CA GLY A 24 4.83 -2.38 -11.50
C GLY A 24 3.56 -1.65 -11.10
N GLU A 25 2.40 -2.31 -11.24
CA GLU A 25 1.11 -1.70 -10.93
C GLU A 25 0.94 -1.47 -9.41
N VAL A 26 0.66 -0.23 -9.04
CA VAL A 26 0.45 0.14 -7.64
C VAL A 26 -0.93 -0.31 -7.14
N ILE A 27 -0.95 -1.20 -6.16
CA ILE A 27 -2.20 -1.71 -5.60
C ILE A 27 -2.54 -1.05 -4.25
N LEU A 28 -1.52 -0.77 -3.43
CA LEU A 28 -1.71 -0.11 -2.13
C LEU A 28 -0.85 1.15 -2.00
N THR A 29 -1.38 2.15 -1.31
CA THR A 29 -0.64 3.37 -0.97
C THR A 29 -1.08 3.88 0.41
N SER A 30 -0.12 4.12 1.31
CA SER A 30 -0.44 4.66 2.64
C SER A 30 -0.20 6.18 2.67
N GLU A 31 -0.81 6.86 3.65
CA GLU A 31 -0.71 8.31 3.75
C GLU A 31 0.53 8.76 4.55
N LEU A 32 0.58 10.05 4.89
CA LEU A 32 1.79 10.65 5.48
C LEU A 32 1.96 10.32 6.98
N TYR A 33 2.98 9.52 7.28
CA TYR A 33 3.38 9.25 8.67
C TYR A 33 4.33 10.34 9.18
N THR A 34 4.32 10.59 10.48
CA THR A 34 5.21 11.60 11.10
C THR A 34 6.59 11.01 11.46
N GLY A 35 6.82 9.75 11.10
CA GLY A 35 8.08 9.10 11.40
C GLY A 35 8.39 7.92 10.47
N LYS A 36 9.67 7.76 10.10
CA LYS A 36 10.06 6.70 9.17
C LYS A 36 9.94 5.31 9.81
N SER A 37 10.22 5.21 11.11
CA SER A 37 10.04 3.96 11.85
C SER A 37 8.56 3.53 11.84
N GLY A 38 7.67 4.51 12.05
CA GLY A 38 6.24 4.25 11.96
C GLY A 38 5.80 3.79 10.57
N ALA A 39 6.35 4.42 9.55
CA ALA A 39 6.07 4.04 8.15
C ALA A 39 6.49 2.59 7.87
N MET A 40 7.73 2.24 8.25
CA MET A 40 8.21 0.86 8.11
C MET A 40 7.34 -0.11 8.93
N ASN A 41 7.03 0.27 10.16
CA ASN A 41 6.11 -0.48 11.02
C ASN A 41 4.78 -0.73 10.28
N GLY A 42 4.34 0.26 9.52
CA GLY A 42 3.18 0.09 8.65
C GLY A 42 3.39 -1.00 7.61
N ILE A 43 4.58 -1.02 7.01
CA ILE A 43 4.94 -2.02 6.00
C ILE A 43 4.87 -3.44 6.60
N GLU A 44 5.49 -3.60 7.78
CA GLU A 44 5.42 -4.88 8.52
C GLU A 44 3.97 -5.32 8.71
N SER A 45 3.14 -4.37 9.13
CA SER A 45 1.71 -4.62 9.33
C SER A 45 1.04 -5.09 8.04
N VAL A 46 1.38 -4.44 6.92
CA VAL A 46 0.85 -4.84 5.61
C VAL A 46 1.34 -6.26 5.23
N GLN A 47 2.61 -6.54 5.47
CA GLN A 47 3.18 -7.87 5.19
C GLN A 47 2.46 -8.99 5.98
N THR A 48 2.08 -8.68 7.22
CA THR A 48 1.36 -9.65 8.07
C THR A 48 -0.13 -9.72 7.75
N ASN A 49 -0.74 -8.57 7.49
CA ASN A 49 -2.20 -8.48 7.25
C ASN A 49 -2.60 -8.86 5.81
N SER A 50 -1.72 -8.62 4.84
CA SER A 50 -2.04 -8.92 3.42
C SER A 50 -2.47 -10.39 3.19
N PRO A 51 -1.78 -11.39 3.79
CA PRO A 51 -2.25 -12.80 3.73
C PRO A 51 -3.44 -13.07 4.65
N ILE A 52 -3.82 -12.08 5.46
CA ILE A 52 -4.98 -12.19 6.36
C ILE A 52 -6.14 -11.32 5.84
N GLU A 53 -6.91 -11.88 4.91
CA GLU A 53 -8.01 -11.15 4.26
C GLU A 53 -9.09 -10.73 5.27
N ALA A 54 -9.04 -11.29 6.48
CA ALA A 54 -9.95 -10.91 7.57
C ALA A 54 -9.79 -9.42 7.97
N ARG A 55 -8.72 -8.78 7.49
CA ARG A 55 -8.49 -7.34 7.72
C ARG A 55 -8.93 -6.49 6.51
N TYR A 56 -9.81 -7.08 5.68
CA TYR A 56 -10.34 -6.43 4.48
C TYR A 56 -11.12 -5.14 4.77
N ALA A 57 -11.34 -4.35 3.72
CA ALA A 57 -12.21 -3.18 3.78
C ALA A 57 -12.53 -2.67 2.36
N LYS A 58 -13.77 -2.88 1.89
CA LYS A 58 -14.16 -2.44 0.55
C LYS A 58 -14.90 -1.09 0.61
N GLU A 59 -14.25 -0.04 0.14
CA GLU A 59 -14.77 1.33 0.25
C GLU A 59 -15.12 1.93 -1.12
N VAL A 60 -16.32 2.47 -1.25
CA VAL A 60 -16.75 3.10 -2.51
C VAL A 60 -16.78 4.63 -2.39
N ALA A 61 -15.88 5.31 -3.10
CA ALA A 61 -15.85 6.77 -3.12
C ALA A 61 -17.13 7.36 -3.73
N LYS A 62 -17.58 8.48 -3.19
CA LYS A 62 -18.85 9.14 -3.61
C LYS A 62 -18.98 9.33 -5.13
N ASN A 63 -17.89 9.20 -5.88
CA ASN A 63 -17.96 9.29 -7.35
C ASN A 63 -18.08 7.90 -7.99
N ASP A 64 -18.61 6.93 -7.24
CA ASP A 64 -18.76 5.55 -7.72
C ASP A 64 -17.41 4.91 -8.06
N LYS A 65 -16.42 5.12 -7.18
CA LYS A 65 -15.09 4.54 -7.33
C LYS A 65 -14.84 3.50 -6.23
N PRO A 66 -15.15 2.22 -6.49
CA PRO A 66 -15.01 1.13 -5.50
C PRO A 66 -13.55 0.66 -5.32
N TYR A 67 -12.91 1.14 -4.27
CA TYR A 67 -11.54 0.72 -3.93
C TYR A 67 -11.53 -0.08 -2.63
N PHE A 68 -10.35 -0.46 -2.16
CA PHE A 68 -10.24 -1.16 -0.88
C PHE A 68 -9.14 -0.57 0.01
N ASN A 69 -9.33 -0.66 1.32
CA ASN A 69 -8.34 -0.23 2.30
C ASN A 69 -7.86 -1.43 3.13
N LEU A 70 -6.63 -1.34 3.62
CA LEU A 70 -6.08 -2.37 4.51
C LEU A 70 -5.87 -1.79 5.92
N LYS A 71 -6.42 -2.48 6.92
CA LYS A 71 -6.35 -2.04 8.31
C LYS A 71 -5.50 -2.98 9.17
N ALA A 72 -4.81 -2.41 10.15
CA ALA A 72 -4.08 -3.19 11.15
C ALA A 72 -5.01 -3.57 12.33
N ALA A 73 -4.48 -4.32 13.31
CA ALA A 73 -5.25 -4.75 14.48
C ALA A 73 -5.98 -3.57 15.18
N ASN A 74 -5.31 -2.43 15.28
CA ASN A 74 -5.88 -1.22 15.90
C ASN A 74 -6.89 -0.52 14.94
N HIS A 75 -7.23 -1.21 13.85
CA HIS A 75 -8.25 -0.74 12.88
C HIS A 75 -7.77 0.51 12.11
N GLN A 76 -6.46 0.72 12.10
CA GLN A 76 -5.86 1.90 11.46
C GLN A 76 -5.63 1.67 9.96
N ILE A 77 -5.80 2.72 9.15
CA ILE A 77 -5.56 2.63 7.70
C ILE A 77 -4.06 2.57 7.39
N ILE A 78 -3.56 1.36 7.10
CA ILE A 78 -2.16 1.18 6.70
C ILE A 78 -2.02 1.09 5.17
N GLY A 79 -3.15 0.91 4.48
CA GLY A 79 -3.14 0.87 3.02
C GLY A 79 -4.42 1.40 2.38
N THR A 80 -4.27 2.15 1.28
CA THR A 80 -5.42 2.62 0.48
C THR A 80 -5.16 2.37 -1.01
N SER A 81 -6.14 1.81 -1.72
CA SER A 81 -5.95 1.39 -3.12
C SER A 81 -6.24 2.51 -4.15
N GLN A 82 -6.18 2.13 -5.43
CA GLN A 82 -6.38 3.06 -6.55
C GLN A 82 -7.87 3.16 -6.95
N MET A 83 -8.15 3.74 -8.11
CA MET A 83 -9.53 3.86 -8.60
C MET A 83 -9.95 2.67 -9.49
N TYR A 84 -11.00 1.98 -9.08
CA TYR A 84 -11.59 0.90 -9.88
C TYR A 84 -13.00 1.29 -10.37
N SER A 85 -13.64 0.38 -11.10
CA SER A 85 -15.05 0.56 -11.50
C SER A 85 -15.82 -0.74 -11.30
N SER A 86 -15.16 -1.86 -11.55
CA SER A 86 -15.74 -3.19 -11.31
C SER A 86 -15.44 -3.68 -9.88
N THR A 87 -16.45 -4.21 -9.21
CA THR A 87 -16.26 -4.76 -7.85
C THR A 87 -15.36 -6.00 -7.88
N ALA A 88 -15.51 -6.81 -8.93
CA ALA A 88 -14.69 -8.02 -9.10
C ALA A 88 -13.20 -7.66 -9.30
N ALA A 89 -12.94 -6.73 -10.22
CA ALA A 89 -11.57 -6.27 -10.47
C ALA A 89 -10.89 -5.78 -9.19
N ARG A 90 -11.66 -5.08 -8.36
CA ARG A 90 -11.21 -4.62 -7.04
C ARG A 90 -10.74 -5.81 -6.17
N ASP A 91 -11.61 -6.80 -6.00
CA ASP A 91 -11.30 -7.96 -5.15
C ASP A 91 -10.17 -8.83 -5.72
N ASN A 92 -10.05 -8.90 -7.06
CA ASN A 92 -8.90 -9.55 -7.69
C ASN A 92 -7.61 -8.79 -7.37
N GLY A 93 -7.71 -7.47 -7.26
CA GLY A 93 -6.60 -6.67 -6.78
C GLY A 93 -6.18 -7.10 -5.37
N ILE A 94 -7.18 -7.29 -4.50
CA ILE A 94 -6.94 -7.78 -3.13
C ILE A 94 -6.20 -9.14 -3.14
N LYS A 95 -6.58 -10.01 -4.08
CA LYS A 95 -5.87 -11.29 -4.26
C LYS A 95 -4.41 -11.04 -4.64
N SER A 96 -4.17 -10.05 -5.49
CA SER A 96 -2.80 -9.64 -5.84
C SER A 96 -2.06 -9.11 -4.61
N VAL A 97 -2.81 -8.54 -3.66
CA VAL A 97 -2.23 -8.03 -2.40
C VAL A 97 -1.75 -9.19 -1.52
N MET A 98 -2.59 -10.20 -1.29
CA MET A 98 -2.19 -11.36 -0.49
C MET A 98 -1.01 -12.12 -1.14
N GLU A 99 -0.91 -12.03 -2.47
CA GLU A 99 0.21 -12.64 -3.20
C GLU A 99 1.51 -11.83 -3.04
N ASN A 100 1.48 -10.55 -3.43
CA ASN A 100 2.70 -9.73 -3.52
C ASN A 100 3.01 -8.97 -2.22
N GLY A 101 2.00 -8.76 -1.37
CA GLY A 101 2.20 -8.04 -0.12
C GLY A 101 3.08 -8.80 0.88
N LYS A 102 3.32 -10.08 0.59
CA LYS A 102 4.16 -10.94 1.44
C LYS A 102 5.66 -10.82 1.08
N THR A 103 6.01 -9.79 0.32
CA THR A 103 7.40 -9.56 -0.07
C THR A 103 8.21 -8.82 1.01
N THR A 104 9.45 -9.24 1.21
CA THR A 104 10.35 -8.58 2.16
C THR A 104 11.21 -7.51 1.46
N THR A 105 10.93 -7.27 0.18
CA THR A 105 11.69 -6.32 -0.64
C THR A 105 11.21 -4.88 -0.41
N ILE A 106 12.02 -4.08 0.30
CA ILE A 106 11.69 -2.69 0.58
C ILE A 106 12.77 -1.74 0.03
N LYS A 107 12.35 -0.67 -0.63
CA LYS A 107 13.27 0.30 -1.23
C LYS A 107 13.14 1.68 -0.57
N ASP A 108 14.24 2.20 -0.02
CA ASP A 108 14.23 3.52 0.61
C ASP A 108 14.55 4.62 -0.42
N LEU A 109 13.61 5.56 -0.58
CA LEU A 109 13.81 6.72 -1.46
C LEU A 109 13.80 8.02 -0.65
N THR A 110 13.99 7.90 0.67
CA THR A 110 14.03 9.06 1.57
C THR A 110 15.47 9.56 1.74
N LEU A 111 16.41 8.62 1.73
CA LEU A 111 17.84 8.92 1.77
C LEU A 111 18.39 9.22 0.37
N GLU A 112 17.82 8.55 -0.63
CA GLU A 112 18.29 8.68 -2.01
C GLU A 112 17.58 9.78 -2.80
N HIS A 113 18.32 10.85 -3.08
CA HIS A 113 17.83 11.96 -3.90
C HIS A 113 18.72 12.18 -5.13
N HIS A 114 18.83 11.15 -5.97
CA HIS A 114 19.54 11.25 -7.26
C HIS A 114 18.62 10.80 -8.41
N HIS A 115 17.65 11.64 -8.75
CA HIS A 115 16.61 11.28 -9.74
C HIS A 115 15.77 12.51 -10.14
N HIS A 116 15.15 12.44 -11.31
CA HIS A 116 14.30 13.53 -11.82
C HIS A 116 12.80 13.15 -11.77
N HIS A 117 11.95 14.15 -11.53
CA HIS A 117 10.51 13.95 -11.34
C HIS A 117 9.82 13.39 -12.62
N HIS A 118 10.18 13.93 -13.78
CA HIS A 118 9.68 13.43 -15.07
C HIS A 118 10.76 12.65 -15.83
#